data_2AZY
# 
_entry.id   2AZY 
# 
_audit_conform.dict_name       mmcif_pdbx.dic 
_audit_conform.dict_version    5.398 
_audit_conform.dict_location   http://mmcif.pdb.org/dictionaries/ascii/mmcif_pdbx.dic 
# 
loop_
_database_2.database_id 
_database_2.database_code 
_database_2.pdbx_database_accession 
_database_2.pdbx_DOI 
PDB   2AZY         pdb_00002azy 10.2210/pdb2azy/pdb 
RCSB  RCSB034502   ?            ?                   
WWPDB D_1000034502 ?            ?                   
# 
loop_
_pdbx_audit_revision_history.ordinal 
_pdbx_audit_revision_history.data_content_type 
_pdbx_audit_revision_history.major_revision 
_pdbx_audit_revision_history.minor_revision 
_pdbx_audit_revision_history.revision_date 
1 'Structure model' 1 0 2006-11-14 
2 'Structure model' 1 1 2008-05-01 
3 'Structure model' 1 2 2011-07-13 
4 'Structure model' 1 3 2017-10-11 
5 'Structure model' 1 4 2023-08-23 
6 'Structure model' 1 5 2024-11-06 
# 
_pdbx_audit_revision_details.ordinal             1 
_pdbx_audit_revision_details.revision_ordinal    1 
_pdbx_audit_revision_details.data_content_type   'Structure model' 
_pdbx_audit_revision_details.provider            repository 
_pdbx_audit_revision_details.type                'Initial release' 
_pdbx_audit_revision_details.description         ? 
_pdbx_audit_revision_details.details             ? 
# 
loop_
_pdbx_audit_revision_group.ordinal 
_pdbx_audit_revision_group.revision_ordinal 
_pdbx_audit_revision_group.data_content_type 
_pdbx_audit_revision_group.group 
1 2 'Structure model' 'Version format compliance' 
2 3 'Structure model' 'Derived calculations'      
3 3 'Structure model' 'Version format compliance' 
4 4 'Structure model' 'Refinement description'    
5 5 'Structure model' 'Data collection'           
6 5 'Structure model' 'Database references'       
7 5 'Structure model' 'Derived calculations'      
8 5 'Structure model' 'Refinement description'    
9 6 'Structure model' 'Structure summary'         
# 
loop_
_pdbx_audit_revision_category.ordinal 
_pdbx_audit_revision_category.revision_ordinal 
_pdbx_audit_revision_category.data_content_type 
_pdbx_audit_revision_category.category 
1  4 'Structure model' software                      
2  5 'Structure model' chem_comp_atom                
3  5 'Structure model' chem_comp_bond                
4  5 'Structure model' database_2                    
5  5 'Structure model' pdbx_initial_refinement_model 
6  5 'Structure model' pdbx_struct_conn_angle        
7  5 'Structure model' struct_conn                   
8  5 'Structure model' struct_site                   
9  6 'Structure model' pdbx_entry_details            
10 6 'Structure model' pdbx_modification_feature     
# 
loop_
_pdbx_audit_revision_item.ordinal 
_pdbx_audit_revision_item.revision_ordinal 
_pdbx_audit_revision_item.data_content_type 
_pdbx_audit_revision_item.item 
1  5 'Structure model' '_database_2.pdbx_DOI'                        
2  5 'Structure model' '_database_2.pdbx_database_accession'         
3  5 'Structure model' '_pdbx_struct_conn_angle.ptnr1_auth_comp_id'  
4  5 'Structure model' '_pdbx_struct_conn_angle.ptnr1_auth_seq_id'   
5  5 'Structure model' '_pdbx_struct_conn_angle.ptnr1_label_atom_id' 
6  5 'Structure model' '_pdbx_struct_conn_angle.ptnr1_label_comp_id' 
7  5 'Structure model' '_pdbx_struct_conn_angle.ptnr1_label_seq_id'  
8  5 'Structure model' '_pdbx_struct_conn_angle.ptnr1_symmetry'      
9  5 'Structure model' '_pdbx_struct_conn_angle.ptnr3_auth_comp_id'  
10 5 'Structure model' '_pdbx_struct_conn_angle.ptnr3_auth_seq_id'   
11 5 'Structure model' '_pdbx_struct_conn_angle.ptnr3_label_atom_id' 
12 5 'Structure model' '_pdbx_struct_conn_angle.ptnr3_label_comp_id' 
13 5 'Structure model' '_pdbx_struct_conn_angle.ptnr3_label_seq_id'  
14 5 'Structure model' '_pdbx_struct_conn_angle.ptnr3_symmetry'      
15 5 'Structure model' '_pdbx_struct_conn_angle.value'               
16 5 'Structure model' '_struct_conn.pdbx_dist_value'                
17 5 'Structure model' '_struct_conn.ptnr1_auth_comp_id'             
18 5 'Structure model' '_struct_conn.ptnr1_auth_seq_id'              
19 5 'Structure model' '_struct_conn.ptnr1_label_asym_id'            
20 5 'Structure model' '_struct_conn.ptnr1_label_atom_id'            
21 5 'Structure model' '_struct_conn.ptnr1_label_comp_id'            
22 5 'Structure model' '_struct_conn.ptnr1_label_seq_id'             
23 5 'Structure model' '_struct_conn.ptnr1_symmetry'                 
24 5 'Structure model' '_struct_conn.ptnr2_auth_comp_id'             
25 5 'Structure model' '_struct_conn.ptnr2_auth_seq_id'              
26 5 'Structure model' '_struct_conn.ptnr2_label_asym_id'            
27 5 'Structure model' '_struct_conn.ptnr2_label_atom_id'            
28 5 'Structure model' '_struct_conn.ptnr2_label_comp_id'            
29 5 'Structure model' '_struct_conn.ptnr2_label_seq_id'             
30 5 'Structure model' '_struct_conn.ptnr2_symmetry'                 
31 5 'Structure model' '_struct_site.pdbx_auth_asym_id'              
32 5 'Structure model' '_struct_site.pdbx_auth_comp_id'              
33 5 'Structure model' '_struct_site.pdbx_auth_seq_id'               
# 
_pdbx_database_status.entry_id                        2AZY 
_pdbx_database_status.deposit_site                    RCSB 
_pdbx_database_status.process_site                    RCSB 
_pdbx_database_status.recvd_initial_deposition_date   2005-09-12 
_pdbx_database_status.status_code                     REL 
_pdbx_database_status.status_code_sf                  REL 
_pdbx_database_status.status_code_mr                  ? 
_pdbx_database_status.SG_entry                        N 
_pdbx_database_status.pdb_format_compatible           Y 
_pdbx_database_status.status_code_cs                  ? 
_pdbx_database_status.methods_development_category    ? 
_pdbx_database_status.status_code_nmr_data            ? 
# 
loop_
_pdbx_database_related.db_name 
_pdbx_database_related.db_id 
_pdbx_database_related.details 
_pdbx_database_related.content_type 
PDB 2azz 'Crystal Structure of Phospholipase A2 in complex with Taurocholate'                              unspecified 
PDB 2b01 'Crystal Structure of Phospholipase A2 in complex with Taurochenodeoxycholate'                    unspecified 
PDB 2B03 'Crystal Structure of Porcine Pancreatic Phospholipase A2 in Complex with Taurochenodeoxycholate' unspecified 
PDB 2b00 'Crystal Structure of Phospholipase A2 in complex with Glycocholate'                              unspecified 
PDB 2b04 
;Crystal Structure of Phospholipase A2 in complex with   
glycochenodeoxycholate
;
unspecified 
# 
loop_
_audit_author.name 
_audit_author.pdbx_ordinal 
'Pan, Y.H.'     1 
'Bahnson, B.J.' 2 
'Jain, M.K.'    3 
# 
_citation.id                        primary 
_citation.title                     'Structural basis for bile salt inhibition of pancreatic phospholipase A2.' 
_citation.journal_abbrev            J.Mol.Biol. 
_citation.journal_volume            369 
_citation.page_first                439 
_citation.page_last                 450 
_citation.year                      2007 
_citation.journal_id_ASTM           JMOBAK 
_citation.country                   UK 
_citation.journal_id_ISSN           0022-2836 
_citation.journal_id_CSD            0070 
_citation.book_publisher            ? 
_citation.pdbx_database_id_PubMed   17434532 
_citation.pdbx_database_id_DOI      10.1016/j.jmb.2007.03.034 
# 
loop_
_citation_author.citation_id 
_citation_author.name 
_citation_author.ordinal 
_citation_author.identifier_ORCID 
primary 'Pan, Y.H.'     1 ? 
primary 'Bahnson, B.J.' 2 ? 
# 
loop_
_entity.id 
_entity.type 
_entity.src_method 
_entity.pdbx_description 
_entity.formula_weight 
_entity.pdbx_number_of_molecules 
_entity.pdbx_ec 
_entity.pdbx_mutation 
_entity.pdbx_fragment 
_entity.details 
1 polymer     man 'Phospholipase A2, major isoenzyme' 14009.714 1   3.1.1.4 ? ? ? 
2 non-polymer syn 'CALCIUM ION'                       40.078    1   ?       ? ? ? 
3 non-polymer syn 'CHOLIC ACID'                       408.571   1   ?       ? ? ? 
4 water       nat water                               18.015    193 ?       ? ? ? 
# 
_entity_name_com.entity_id   1 
_entity_name_com.name        'Phosphatidylcholine 2-acylhydrolase, Group IB phospholipase A2' 
# 
_entity_poly.entity_id                      1 
_entity_poly.type                           'polypeptide(L)' 
_entity_poly.nstd_linkage                   no 
_entity_poly.nstd_monomer                   no 
_entity_poly.pdbx_seq_one_letter_code       
;ALWQFRSMIKCAIPGSHPLMDFNNYGCYCGLGGSGTPVDELDRCCETHDNCYRDAKNLDSCKFLVDNPYTESYSYSCSNT
EITCNSKNNACEAFICNCDRNAAICFSKAPYNKEHKNLDTKKYC
;
_entity_poly.pdbx_seq_one_letter_code_can   
;ALWQFRSMIKCAIPGSHPLMDFNNYGCYCGLGGSGTPVDELDRCCETHDNCYRDAKNLDSCKFLVDNPYTESYSYSCSNT
EITCNSKNNACEAFICNCDRNAAICFSKAPYNKEHKNLDTKKYC
;
_entity_poly.pdbx_strand_id                 A 
_entity_poly.pdbx_target_identifier         ? 
# 
loop_
_pdbx_entity_nonpoly.entity_id 
_pdbx_entity_nonpoly.name 
_pdbx_entity_nonpoly.comp_id 
2 'CALCIUM ION' CA  
3 'CHOLIC ACID' CHD 
4 water         HOH 
# 
loop_
_entity_poly_seq.entity_id 
_entity_poly_seq.num 
_entity_poly_seq.mon_id 
_entity_poly_seq.hetero 
1 1   ALA n 
1 2   LEU n 
1 3   TRP n 
1 4   GLN n 
1 5   PHE n 
1 6   ARG n 
1 7   SER n 
1 8   MET n 
1 9   ILE n 
1 10  LYS n 
1 11  CYS n 
1 12  ALA n 
1 13  ILE n 
1 14  PRO n 
1 15  GLY n 
1 16  SER n 
1 17  HIS n 
1 18  PRO n 
1 19  LEU n 
1 20  MET n 
1 21  ASP n 
1 22  PHE n 
1 23  ASN n 
1 24  ASN n 
1 25  TYR n 
1 26  GLY n 
1 27  CYS n 
1 28  TYR n 
1 29  CYS n 
1 30  GLY n 
1 31  LEU n 
1 32  GLY n 
1 33  GLY n 
1 34  SER n 
1 35  GLY n 
1 36  THR n 
1 37  PRO n 
1 38  VAL n 
1 39  ASP n 
1 40  GLU n 
1 41  LEU n 
1 42  ASP n 
1 43  ARG n 
1 44  CYS n 
1 45  CYS n 
1 46  GLU n 
1 47  THR n 
1 48  HIS n 
1 49  ASP n 
1 50  ASN n 
1 51  CYS n 
1 52  TYR n 
1 53  ARG n 
1 54  ASP n 
1 55  ALA n 
1 56  LYS n 
1 57  ASN n 
1 58  LEU n 
1 59  ASP n 
1 60  SER n 
1 61  CYS n 
1 62  LYS n 
1 63  PHE n 
1 64  LEU n 
1 65  VAL n 
1 66  ASP n 
1 67  ASN n 
1 68  PRO n 
1 69  TYR n 
1 70  THR n 
1 71  GLU n 
1 72  SER n 
1 73  TYR n 
1 74  SER n 
1 75  TYR n 
1 76  SER n 
1 77  CYS n 
1 78  SER n 
1 79  ASN n 
1 80  THR n 
1 81  GLU n 
1 82  ILE n 
1 83  THR n 
1 84  CYS n 
1 85  ASN n 
1 86  SER n 
1 87  LYS n 
1 88  ASN n 
1 89  ASN n 
1 90  ALA n 
1 91  CYS n 
1 92  GLU n 
1 93  ALA n 
1 94  PHE n 
1 95  ILE n 
1 96  CYS n 
1 97  ASN n 
1 98  CYS n 
1 99  ASP n 
1 100 ARG n 
1 101 ASN n 
1 102 ALA n 
1 103 ALA n 
1 104 ILE n 
1 105 CYS n 
1 106 PHE n 
1 107 SER n 
1 108 LYS n 
1 109 ALA n 
1 110 PRO n 
1 111 TYR n 
1 112 ASN n 
1 113 LYS n 
1 114 GLU n 
1 115 HIS n 
1 116 LYS n 
1 117 ASN n 
1 118 LEU n 
1 119 ASP n 
1 120 THR n 
1 121 LYS n 
1 122 LYS n 
1 123 TYR n 
1 124 CYS n 
# 
_entity_src_gen.entity_id                          1 
_entity_src_gen.pdbx_src_id                        1 
_entity_src_gen.pdbx_alt_source_flag               sample 
_entity_src_gen.pdbx_seq_type                      ? 
_entity_src_gen.pdbx_beg_seq_num                   ? 
_entity_src_gen.pdbx_end_seq_num                   ? 
_entity_src_gen.gene_src_common_name               pig 
_entity_src_gen.gene_src_genus                     Sus 
_entity_src_gen.pdbx_gene_src_gene                 ? 
_entity_src_gen.gene_src_species                   ? 
_entity_src_gen.gene_src_strain                    ? 
_entity_src_gen.gene_src_tissue                    ? 
_entity_src_gen.gene_src_tissue_fraction           ? 
_entity_src_gen.gene_src_details                   ? 
_entity_src_gen.pdbx_gene_src_fragment             ? 
_entity_src_gen.pdbx_gene_src_scientific_name      'Sus scrofa' 
_entity_src_gen.pdbx_gene_src_ncbi_taxonomy_id     9823 
_entity_src_gen.pdbx_gene_src_variant              ? 
_entity_src_gen.pdbx_gene_src_cell_line            ? 
_entity_src_gen.pdbx_gene_src_atcc                 ? 
_entity_src_gen.pdbx_gene_src_organ                ? 
_entity_src_gen.pdbx_gene_src_organelle            ? 
_entity_src_gen.pdbx_gene_src_cell                 ? 
_entity_src_gen.pdbx_gene_src_cellular_location    ? 
_entity_src_gen.host_org_common_name               ? 
_entity_src_gen.pdbx_host_org_scientific_name      'Escherichia coli' 
_entity_src_gen.pdbx_host_org_ncbi_taxonomy_id     562 
_entity_src_gen.host_org_genus                     Escherichia 
_entity_src_gen.pdbx_host_org_gene                 ? 
_entity_src_gen.pdbx_host_org_organ                ? 
_entity_src_gen.host_org_species                   ? 
_entity_src_gen.pdbx_host_org_tissue               ? 
_entity_src_gen.pdbx_host_org_tissue_fraction      ? 
_entity_src_gen.pdbx_host_org_strain               ? 
_entity_src_gen.pdbx_host_org_variant              ? 
_entity_src_gen.pdbx_host_org_cell_line            ? 
_entity_src_gen.pdbx_host_org_atcc                 ? 
_entity_src_gen.pdbx_host_org_culture_collection   ? 
_entity_src_gen.pdbx_host_org_cell                 ? 
_entity_src_gen.pdbx_host_org_organelle            ? 
_entity_src_gen.pdbx_host_org_cellular_location    ? 
_entity_src_gen.pdbx_host_org_vector_type          ? 
_entity_src_gen.pdbx_host_org_vector               ? 
_entity_src_gen.host_org_details                   ? 
_entity_src_gen.expression_system_id               ? 
_entity_src_gen.plasmid_name                       ? 
_entity_src_gen.plasmid_details                    ? 
_entity_src_gen.pdbx_description                   ? 
# 
loop_
_chem_comp.id 
_chem_comp.type 
_chem_comp.mon_nstd_flag 
_chem_comp.name 
_chem_comp.pdbx_synonyms 
_chem_comp.formula 
_chem_comp.formula_weight 
ALA 'L-peptide linking' y ALANINE         ? 'C3 H7 N O2'     89.093  
ARG 'L-peptide linking' y ARGININE        ? 'C6 H15 N4 O2 1' 175.209 
ASN 'L-peptide linking' y ASPARAGINE      ? 'C4 H8 N2 O3'    132.118 
ASP 'L-peptide linking' y 'ASPARTIC ACID' ? 'C4 H7 N O4'     133.103 
CA  non-polymer         . 'CALCIUM ION'   ? 'Ca 2'           40.078  
CHD non-polymer         . 'CHOLIC ACID'   ? 'C24 H40 O5'     408.571 
CYS 'L-peptide linking' y CYSTEINE        ? 'C3 H7 N O2 S'   121.158 
GLN 'L-peptide linking' y GLUTAMINE       ? 'C5 H10 N2 O3'   146.144 
GLU 'L-peptide linking' y 'GLUTAMIC ACID' ? 'C5 H9 N O4'     147.129 
GLY 'peptide linking'   y GLYCINE         ? 'C2 H5 N O2'     75.067  
HIS 'L-peptide linking' y HISTIDINE       ? 'C6 H10 N3 O2 1' 156.162 
HOH non-polymer         . WATER           ? 'H2 O'           18.015  
ILE 'L-peptide linking' y ISOLEUCINE      ? 'C6 H13 N O2'    131.173 
LEU 'L-peptide linking' y LEUCINE         ? 'C6 H13 N O2'    131.173 
LYS 'L-peptide linking' y LYSINE          ? 'C6 H15 N2 O2 1' 147.195 
MET 'L-peptide linking' y METHIONINE      ? 'C5 H11 N O2 S'  149.211 
PHE 'L-peptide linking' y PHENYLALANINE   ? 'C9 H11 N O2'    165.189 
PRO 'L-peptide linking' y PROLINE         ? 'C5 H9 N O2'     115.130 
SER 'L-peptide linking' y SERINE          ? 'C3 H7 N O3'     105.093 
THR 'L-peptide linking' y THREONINE       ? 'C4 H9 N O3'     119.119 
TRP 'L-peptide linking' y TRYPTOPHAN      ? 'C11 H12 N2 O2'  204.225 
TYR 'L-peptide linking' y TYROSINE        ? 'C9 H11 N O3'    181.189 
VAL 'L-peptide linking' y VALINE          ? 'C5 H11 N O2'    117.146 
# 
loop_
_pdbx_poly_seq_scheme.asym_id 
_pdbx_poly_seq_scheme.entity_id 
_pdbx_poly_seq_scheme.seq_id 
_pdbx_poly_seq_scheme.mon_id 
_pdbx_poly_seq_scheme.ndb_seq_num 
_pdbx_poly_seq_scheme.pdb_seq_num 
_pdbx_poly_seq_scheme.auth_seq_num 
_pdbx_poly_seq_scheme.pdb_mon_id 
_pdbx_poly_seq_scheme.auth_mon_id 
_pdbx_poly_seq_scheme.pdb_strand_id 
_pdbx_poly_seq_scheme.pdb_ins_code 
_pdbx_poly_seq_scheme.hetero 
A 1 1   ALA 1   1   1   ALA ALA A . n 
A 1 2   LEU 2   2   2   LEU LEU A . n 
A 1 3   TRP 3   3   3   TRP TRP A . n 
A 1 4   GLN 4   4   4   GLN GLN A . n 
A 1 5   PHE 5   5   5   PHE PHE A . n 
A 1 6   ARG 6   6   6   ARG ARG A . n 
A 1 7   SER 7   7   7   SER SER A . n 
A 1 8   MET 8   8   8   MET MET A . n 
A 1 9   ILE 9   9   9   ILE ILE A . n 
A 1 10  LYS 10  10  10  LYS LYS A . n 
A 1 11  CYS 11  11  11  CYS CYS A . n 
A 1 12  ALA 12  12  12  ALA ALA A . n 
A 1 13  ILE 13  13  13  ILE ILE A . n 
A 1 14  PRO 14  14  14  PRO PRO A . n 
A 1 15  GLY 15  15  15  GLY GLY A . n 
A 1 16  SER 16  16  16  SER SER A . n 
A 1 17  HIS 17  17  17  HIS HIS A . n 
A 1 18  PRO 18  18  18  PRO PRO A . n 
A 1 19  LEU 19  19  19  LEU LEU A . n 
A 1 20  MET 20  20  20  MET MET A . n 
A 1 21  ASP 21  21  21  ASP ASP A . n 
A 1 22  PHE 22  22  22  PHE PHE A . n 
A 1 23  ASN 23  23  23  ASN ASN A . n 
A 1 24  ASN 24  24  24  ASN ASN A . n 
A 1 25  TYR 25  25  25  TYR TYR A . n 
A 1 26  GLY 26  26  26  GLY GLY A . n 
A 1 27  CYS 27  27  27  CYS CYS A . n 
A 1 28  TYR 28  28  28  TYR TYR A . n 
A 1 29  CYS 29  29  29  CYS CYS A . n 
A 1 30  GLY 30  30  30  GLY GLY A . n 
A 1 31  LEU 31  31  31  LEU LEU A . n 
A 1 32  GLY 32  32  32  GLY GLY A . n 
A 1 33  GLY 33  33  33  GLY GLY A . n 
A 1 34  SER 34  34  34  SER SER A . n 
A 1 35  GLY 35  35  35  GLY GLY A . n 
A 1 36  THR 36  36  36  THR THR A . n 
A 1 37  PRO 37  37  37  PRO PRO A . n 
A 1 38  VAL 38  38  38  VAL VAL A . n 
A 1 39  ASP 39  39  39  ASP ASP A . n 
A 1 40  GLU 40  40  40  GLU GLU A . n 
A 1 41  LEU 41  41  41  LEU LEU A . n 
A 1 42  ASP 42  42  42  ASP ASP A . n 
A 1 43  ARG 43  43  43  ARG ARG A . n 
A 1 44  CYS 44  44  44  CYS CYS A . n 
A 1 45  CYS 45  45  45  CYS CYS A . n 
A 1 46  GLU 46  46  46  GLU GLU A . n 
A 1 47  THR 47  47  47  THR THR A . n 
A 1 48  HIS 48  48  48  HIS HIS A . n 
A 1 49  ASP 49  49  49  ASP ASP A . n 
A 1 50  ASN 50  50  50  ASN ASN A . n 
A 1 51  CYS 51  51  51  CYS CYS A . n 
A 1 52  TYR 52  52  52  TYR TYR A . n 
A 1 53  ARG 53  53  53  ARG ARG A . n 
A 1 54  ASP 54  54  54  ASP ASP A . n 
A 1 55  ALA 55  55  55  ALA ALA A . n 
A 1 56  LYS 56  56  56  LYS LYS A . n 
A 1 57  ASN 57  57  57  ASN ASN A . n 
A 1 58  LEU 58  58  58  LEU LEU A . n 
A 1 59  ASP 59  59  59  ASP ASP A . n 
A 1 60  SER 60  60  60  SER SER A . n 
A 1 61  CYS 61  61  61  CYS CYS A . n 
A 1 62  LYS 62  62  62  LYS LYS A . n 
A 1 63  PHE 63  63  63  PHE PHE A . n 
A 1 64  LEU 64  64  64  LEU LEU A . n 
A 1 65  VAL 65  65  65  VAL VAL A . n 
A 1 66  ASP 66  66  66  ASP ASP A . n 
A 1 67  ASN 67  67  67  ASN ASN A . n 
A 1 68  PRO 68  68  68  PRO PRO A . n 
A 1 69  TYR 69  69  69  TYR TYR A . n 
A 1 70  THR 70  70  70  THR THR A . n 
A 1 71  GLU 71  71  71  GLU GLU A . n 
A 1 72  SER 72  72  72  SER SER A . n 
A 1 73  TYR 73  73  73  TYR TYR A . n 
A 1 74  SER 74  74  74  SER SER A . n 
A 1 75  TYR 75  75  75  TYR TYR A . n 
A 1 76  SER 76  76  76  SER SER A . n 
A 1 77  CYS 77  77  77  CYS CYS A . n 
A 1 78  SER 78  78  78  SER SER A . n 
A 1 79  ASN 79  79  79  ASN ASN A . n 
A 1 80  THR 80  80  80  THR THR A . n 
A 1 81  GLU 81  81  81  GLU GLU A . n 
A 1 82  ILE 82  82  82  ILE ILE A . n 
A 1 83  THR 83  83  83  THR THR A . n 
A 1 84  CYS 84  84  84  CYS CYS A . n 
A 1 85  ASN 85  85  85  ASN ASN A . n 
A 1 86  SER 86  86  86  SER SER A . n 
A 1 87  LYS 87  87  87  LYS LYS A . n 
A 1 88  ASN 88  88  88  ASN ASN A . n 
A 1 89  ASN 89  89  89  ASN ASN A . n 
A 1 90  ALA 90  90  90  ALA ALA A . n 
A 1 91  CYS 91  91  91  CYS CYS A . n 
A 1 92  GLU 92  92  92  GLU GLU A . n 
A 1 93  ALA 93  93  93  ALA ALA A . n 
A 1 94  PHE 94  94  94  PHE PHE A . n 
A 1 95  ILE 95  95  95  ILE ILE A . n 
A 1 96  CYS 96  96  96  CYS CYS A . n 
A 1 97  ASN 97  97  97  ASN ASN A . n 
A 1 98  CYS 98  98  98  CYS CYS A . n 
A 1 99  ASP 99  99  99  ASP ASP A . n 
A 1 100 ARG 100 100 100 ARG ARG A . n 
A 1 101 ASN 101 101 101 ASN ASN A . n 
A 1 102 ALA 102 102 102 ALA ALA A . n 
A 1 103 ALA 103 103 103 ALA ALA A . n 
A 1 104 ILE 104 104 104 ILE ILE A . n 
A 1 105 CYS 105 105 105 CYS CYS A . n 
A 1 106 PHE 106 106 106 PHE PHE A . n 
A 1 107 SER 107 107 107 SER SER A . n 
A 1 108 LYS 108 108 108 LYS LYS A . n 
A 1 109 ALA 109 109 109 ALA ALA A . n 
A 1 110 PRO 110 110 110 PRO PRO A . n 
A 1 111 TYR 111 111 111 TYR TYR A . n 
A 1 112 ASN 112 112 112 ASN ASN A . n 
A 1 113 LYS 113 113 113 LYS LYS A . n 
A 1 114 GLU 114 114 114 GLU GLU A . n 
A 1 115 HIS 115 115 115 HIS HIS A . n 
A 1 116 LYS 116 116 116 LYS LYS A . n 
A 1 117 ASN 117 117 117 ASN ASN A . n 
A 1 118 LEU 118 118 118 LEU LEU A . n 
A 1 119 ASP 119 119 119 ASP ASP A . n 
A 1 120 THR 120 120 120 THR THR A . n 
A 1 121 LYS 121 121 121 LYS LYS A . n 
A 1 122 LYS 122 122 122 LYS LYS A . n 
A 1 123 TYR 123 123 123 TYR TYR A . n 
A 1 124 CYS 124 124 124 CYS CYS A . n 
# 
loop_
_pdbx_nonpoly_scheme.asym_id 
_pdbx_nonpoly_scheme.entity_id 
_pdbx_nonpoly_scheme.mon_id 
_pdbx_nonpoly_scheme.ndb_seq_num 
_pdbx_nonpoly_scheme.pdb_seq_num 
_pdbx_nonpoly_scheme.auth_seq_num 
_pdbx_nonpoly_scheme.pdb_mon_id 
_pdbx_nonpoly_scheme.auth_mon_id 
_pdbx_nonpoly_scheme.pdb_strand_id 
_pdbx_nonpoly_scheme.pdb_ins_code 
B 2 CA  1   231 231 CA  CA  A . 
C 3 CHD 1   237 237 CHD CHD A . 
D 4 HOH 1   238 1   HOH HOH A . 
D 4 HOH 2   239 2   HOH HOH A . 
D 4 HOH 3   240 3   HOH HOH A . 
D 4 HOH 4   241 4   HOH HOH A . 
D 4 HOH 5   242 5   HOH HOH A . 
D 4 HOH 6   243 6   HOH HOH A . 
D 4 HOH 7   244 7   HOH HOH A . 
D 4 HOH 8   245 8   HOH HOH A . 
D 4 HOH 9   246 9   HOH HOH A . 
D 4 HOH 10  247 10  HOH HOH A . 
D 4 HOH 11  248 11  HOH HOH A . 
D 4 HOH 12  249 12  HOH HOH A . 
D 4 HOH 13  250 13  HOH HOH A . 
D 4 HOH 14  251 14  HOH HOH A . 
D 4 HOH 15  252 15  HOH HOH A . 
D 4 HOH 16  253 16  HOH HOH A . 
D 4 HOH 17  254 17  HOH HOH A . 
D 4 HOH 18  255 18  HOH HOH A . 
D 4 HOH 19  256 19  HOH HOH A . 
D 4 HOH 20  257 20  HOH HOH A . 
D 4 HOH 21  258 21  HOH HOH A . 
D 4 HOH 22  259 22  HOH HOH A . 
D 4 HOH 23  260 23  HOH HOH A . 
D 4 HOH 24  261 24  HOH HOH A . 
D 4 HOH 25  262 25  HOH HOH A . 
D 4 HOH 26  263 26  HOH HOH A . 
D 4 HOH 27  264 27  HOH HOH A . 
D 4 HOH 28  265 28  HOH HOH A . 
D 4 HOH 29  266 29  HOH HOH A . 
D 4 HOH 30  267 30  HOH HOH A . 
D 4 HOH 31  268 31  HOH HOH A . 
D 4 HOH 32  269 32  HOH HOH A . 
D 4 HOH 33  270 33  HOH HOH A . 
D 4 HOH 34  271 34  HOH HOH A . 
D 4 HOH 35  272 35  HOH HOH A . 
D 4 HOH 36  273 36  HOH HOH A . 
D 4 HOH 37  274 37  HOH HOH A . 
D 4 HOH 38  275 38  HOH HOH A . 
D 4 HOH 39  276 39  HOH HOH A . 
D 4 HOH 40  277 40  HOH HOH A . 
D 4 HOH 41  278 41  HOH HOH A . 
D 4 HOH 42  279 42  HOH HOH A . 
D 4 HOH 43  280 43  HOH HOH A . 
D 4 HOH 44  281 44  HOH HOH A . 
D 4 HOH 45  282 45  HOH HOH A . 
D 4 HOH 46  283 46  HOH HOH A . 
D 4 HOH 47  284 47  HOH HOH A . 
D 4 HOH 48  285 48  HOH HOH A . 
D 4 HOH 49  286 49  HOH HOH A . 
D 4 HOH 50  287 50  HOH HOH A . 
D 4 HOH 51  288 51  HOH HOH A . 
D 4 HOH 52  289 52  HOH HOH A . 
D 4 HOH 53  290 53  HOH HOH A . 
D 4 HOH 54  291 54  HOH HOH A . 
D 4 HOH 55  292 55  HOH HOH A . 
D 4 HOH 56  293 56  HOH HOH A . 
D 4 HOH 57  294 57  HOH HOH A . 
D 4 HOH 58  295 58  HOH HOH A . 
D 4 HOH 59  296 59  HOH HOH A . 
D 4 HOH 60  297 60  HOH HOH A . 
D 4 HOH 61  298 61  HOH HOH A . 
D 4 HOH 62  299 62  HOH HOH A . 
D 4 HOH 63  300 63  HOH HOH A . 
D 4 HOH 64  301 64  HOH HOH A . 
D 4 HOH 65  302 65  HOH HOH A . 
D 4 HOH 66  303 66  HOH HOH A . 
D 4 HOH 67  304 67  HOH HOH A . 
D 4 HOH 68  305 68  HOH HOH A . 
D 4 HOH 69  306 69  HOH HOH A . 
D 4 HOH 70  307 70  HOH HOH A . 
D 4 HOH 71  308 71  HOH HOH A . 
D 4 HOH 72  309 72  HOH HOH A . 
D 4 HOH 73  310 73  HOH HOH A . 
D 4 HOH 74  311 74  HOH HOH A . 
D 4 HOH 75  312 75  HOH HOH A . 
D 4 HOH 76  313 76  HOH HOH A . 
D 4 HOH 77  314 77  HOH HOH A . 
D 4 HOH 78  315 78  HOH HOH A . 
D 4 HOH 79  316 79  HOH HOH A . 
D 4 HOH 80  317 80  HOH HOH A . 
D 4 HOH 81  318 81  HOH HOH A . 
D 4 HOH 82  319 82  HOH HOH A . 
D 4 HOH 83  320 83  HOH HOH A . 
D 4 HOH 84  321 84  HOH HOH A . 
D 4 HOH 85  322 85  HOH HOH A . 
D 4 HOH 86  323 86  HOH HOH A . 
D 4 HOH 87  324 87  HOH HOH A . 
D 4 HOH 88  325 88  HOH HOH A . 
D 4 HOH 89  326 89  HOH HOH A . 
D 4 HOH 90  327 90  HOH HOH A . 
D 4 HOH 91  328 91  HOH HOH A . 
D 4 HOH 92  329 92  HOH HOH A . 
D 4 HOH 93  330 93  HOH HOH A . 
D 4 HOH 94  331 94  HOH HOH A . 
D 4 HOH 95  332 95  HOH HOH A . 
D 4 HOH 96  333 96  HOH HOH A . 
D 4 HOH 97  334 97  HOH HOH A . 
D 4 HOH 98  335 98  HOH HOH A . 
D 4 HOH 99  336 99  HOH HOH A . 
D 4 HOH 100 337 100 HOH HOH A . 
D 4 HOH 101 338 101 HOH HOH A . 
D 4 HOH 102 339 102 HOH HOH A . 
D 4 HOH 103 340 103 HOH HOH A . 
D 4 HOH 104 341 104 HOH HOH A . 
D 4 HOH 105 342 105 HOH HOH A . 
D 4 HOH 106 343 106 HOH HOH A . 
D 4 HOH 107 344 107 HOH HOH A . 
D 4 HOH 108 345 108 HOH HOH A . 
D 4 HOH 109 346 109 HOH HOH A . 
D 4 HOH 110 347 110 HOH HOH A . 
D 4 HOH 111 348 111 HOH HOH A . 
D 4 HOH 112 349 112 HOH HOH A . 
D 4 HOH 113 350 113 HOH HOH A . 
D 4 HOH 114 351 114 HOH HOH A . 
D 4 HOH 115 352 115 HOH HOH A . 
D 4 HOH 116 353 116 HOH HOH A . 
D 4 HOH 117 354 117 HOH HOH A . 
D 4 HOH 118 355 118 HOH HOH A . 
D 4 HOH 119 356 119 HOH HOH A . 
D 4 HOH 120 357 120 HOH HOH A . 
D 4 HOH 121 358 121 HOH HOH A . 
D 4 HOH 122 359 122 HOH HOH A . 
D 4 HOH 123 360 123 HOH HOH A . 
D 4 HOH 124 361 124 HOH HOH A . 
D 4 HOH 125 362 125 HOH HOH A . 
D 4 HOH 126 363 126 HOH HOH A . 
D 4 HOH 127 364 127 HOH HOH A . 
D 4 HOH 128 365 128 HOH HOH A . 
D 4 HOH 129 366 129 HOH HOH A . 
D 4 HOH 130 367 130 HOH HOH A . 
D 4 HOH 131 368 131 HOH HOH A . 
D 4 HOH 132 369 132 HOH HOH A . 
D 4 HOH 133 370 133 HOH HOH A . 
D 4 HOH 134 371 134 HOH HOH A . 
D 4 HOH 135 372 135 HOH HOH A . 
D 4 HOH 136 373 136 HOH HOH A . 
D 4 HOH 137 374 137 HOH HOH A . 
D 4 HOH 138 375 138 HOH HOH A . 
D 4 HOH 139 376 139 HOH HOH A . 
D 4 HOH 140 377 140 HOH HOH A . 
D 4 HOH 141 378 141 HOH HOH A . 
D 4 HOH 142 379 142 HOH HOH A . 
D 4 HOH 143 380 143 HOH HOH A . 
D 4 HOH 144 381 144 HOH HOH A . 
D 4 HOH 145 382 145 HOH HOH A . 
D 4 HOH 146 383 146 HOH HOH A . 
D 4 HOH 147 384 147 HOH HOH A . 
D 4 HOH 148 385 148 HOH HOH A . 
D 4 HOH 149 386 149 HOH HOH A . 
D 4 HOH 150 387 150 HOH HOH A . 
D 4 HOH 151 388 151 HOH HOH A . 
D 4 HOH 152 389 152 HOH HOH A . 
D 4 HOH 153 390 153 HOH HOH A . 
D 4 HOH 154 391 154 HOH HOH A . 
D 4 HOH 155 392 155 HOH HOH A . 
D 4 HOH 156 393 156 HOH HOH A . 
D 4 HOH 157 394 157 HOH HOH A . 
D 4 HOH 158 395 158 HOH HOH A . 
D 4 HOH 159 396 159 HOH HOH A . 
D 4 HOH 160 397 160 HOH HOH A . 
D 4 HOH 161 398 161 HOH HOH A . 
D 4 HOH 162 399 162 HOH HOH A . 
D 4 HOH 163 400 163 HOH HOH A . 
D 4 HOH 164 401 164 HOH HOH A . 
D 4 HOH 165 402 165 HOH HOH A . 
D 4 HOH 166 403 166 HOH HOH A . 
D 4 HOH 167 404 167 HOH HOH A . 
D 4 HOH 168 405 168 HOH HOH A . 
D 4 HOH 169 406 169 HOH HOH A . 
D 4 HOH 170 407 170 HOH HOH A . 
D 4 HOH 171 408 171 HOH HOH A . 
D 4 HOH 172 409 172 HOH HOH A . 
D 4 HOH 173 410 173 HOH HOH A . 
D 4 HOH 174 411 174 HOH HOH A . 
D 4 HOH 175 412 175 HOH HOH A . 
D 4 HOH 176 413 176 HOH HOH A . 
D 4 HOH 177 414 177 HOH HOH A . 
D 4 HOH 178 415 178 HOH HOH A . 
D 4 HOH 179 416 179 HOH HOH A . 
D 4 HOH 180 417 180 HOH HOH A . 
D 4 HOH 181 418 181 HOH HOH A . 
D 4 HOH 182 419 182 HOH HOH A . 
D 4 HOH 183 420 183 HOH HOH A . 
D 4 HOH 184 421 184 HOH HOH A . 
D 4 HOH 185 422 185 HOH HOH A . 
D 4 HOH 186 423 186 HOH HOH A . 
D 4 HOH 187 424 187 HOH HOH A . 
D 4 HOH 188 425 188 HOH HOH A . 
D 4 HOH 189 426 189 HOH HOH A . 
D 4 HOH 190 427 190 HOH HOH A . 
D 4 HOH 191 428 191 HOH HOH A . 
D 4 HOH 192 429 192 HOH HOH A . 
D 4 HOH 193 430 193 HOH HOH A . 
# 
loop_
_software.name 
_software.version 
_software.date 
_software.type 
_software.contact_author 
_software.contact_author_email 
_software.classification 
_software.location 
_software.language 
_software.citation_id 
_software.pdbx_ordinal 
DENZO       .     ?               package 'Zbyszek Otwinowski' zbyszek@mix.swmed.edu    'data reduction'  
http://www.lnls.br/infra/linhasluz/denzo-hkl.htm ?          ? 1 
SCALEPACK   .     ?               package 'Zbyszek Otwinowski' zbyszek@mix.swmed.edu    'data scaling'    
http://www.lnls.br/infra/linhasluz/denzo-hkl.htm ?          ? 2 
AMoRE       .     ?               ?       'Jorge Navaza'       ccp4@dl.ac.uk            phasing           
http://www.ccp4.ac.uk/main.html                  Fortran    ? 3 
CNS         .     ?               package 'Axel T. Brunger'    axel.brunger@yale.edu    refinement        
http://cns.csb.yale.edu/v1.1/                    Fortran_77 ? 4 
PDB_EXTRACT 1.700 'May. 30, 2005' package PDB                  sw-help@rcsb.rutgers.edu 'data extraction' 
http://pdb.rutgers.edu/software/                 C++        ? 5 
# 
_cell.entry_id           2AZY 
_cell.length_a           70.030 
_cell.length_b           70.030 
_cell.length_c           64.453 
_cell.angle_alpha        90.00 
_cell.angle_beta         90.00 
_cell.angle_gamma        120.00 
_cell.Z_PDB              6 
_cell.pdbx_unique_axis   ? 
# 
_symmetry.entry_id                         2AZY 
_symmetry.space_group_name_H-M             'P 31 2 1' 
_symmetry.pdbx_full_space_group_name_H-M   ? 
_symmetry.cell_setting                     ? 
_symmetry.Int_Tables_number                152 
_symmetry.space_group_name_Hall            ? 
# 
_exptl.entry_id          2AZY 
_exptl.crystals_number   1 
_exptl.method            'X-RAY DIFFRACTION' 
# 
_exptl_crystal.id                    1 
_exptl_crystal.density_Matthews      3.26 
_exptl_crystal.density_meas          ? 
_exptl_crystal.density_percent_sol   62.22 
_exptl_crystal.description           ? 
_exptl_crystal.F_000                 ? 
_exptl_crystal.preparation           ? 
# 
_exptl_crystal_grow.crystal_id      1 
_exptl_crystal_grow.method          'VAPOR DIFFUSION' 
_exptl_crystal_grow.pH              8.5 
_exptl_crystal_grow.temp            298 
_exptl_crystal_grow.temp_details    ? 
_exptl_crystal_grow.pdbx_details    '8%PEG8K, pH 8.5, VAPOR DIFFUSION, temperature 298K' 
_exptl_crystal_grow.pdbx_pH_range   . 
# 
_diffrn.id                     1 
_diffrn.ambient_temp           93 
_diffrn.ambient_temp_details   ? 
_diffrn.crystal_id             1 
# 
_diffrn_detector.diffrn_id              1 
_diffrn_detector.detector               'IMAGE PLATE' 
_diffrn_detector.type                   'RIGAKU RAXIS IV' 
_diffrn_detector.pdbx_collection_date   2004-12-03 
_diffrn_detector.details                mirrors 
# 
_diffrn_radiation.diffrn_id                        1 
_diffrn_radiation.wavelength_id                    1 
_diffrn_radiation.pdbx_diffrn_protocol             'SINGLE WAVELENGTH' 
_diffrn_radiation.monochromator                    'yale mirror' 
_diffrn_radiation.pdbx_monochromatic_or_laue_m_l   M 
_diffrn_radiation.pdbx_scattering_type             x-ray 
# 
_diffrn_radiation_wavelength.id           1 
_diffrn_radiation_wavelength.wavelength   1.5418 
_diffrn_radiation_wavelength.wt           1.0 
# 
_diffrn_source.diffrn_id                   1 
_diffrn_source.source                      'ROTATING ANODE' 
_diffrn_source.type                        'RIGAKU RU300' 
_diffrn_source.pdbx_wavelength             ? 
_diffrn_source.pdbx_wavelength_list        1.5418 
_diffrn_source.pdbx_synchrotron_site       ? 
_diffrn_source.pdbx_synchrotron_beamline   ? 
# 
_reflns.entry_id                     2AZY 
_reflns.d_resolution_low             35 
_reflns.d_resolution_high            1.90 
_reflns.number_obs                   14784 
_reflns.percent_possible_obs         96.300 
_reflns.pdbx_Rmerge_I_obs            0.049 
_reflns.pdbx_chi_squared             1.500 
_reflns.pdbx_redundancy              4 
_reflns.pdbx_scaling_rejects         ? 
_reflns.pdbx_netI_over_sigmaI        33 
_reflns.pdbx_Rsym_value              0.038 
_reflns.observed_criterion_sigma_F   0.0 
_reflns.observed_criterion_sigma_I   -3.0 
_reflns.number_all                   ? 
_reflns.B_iso_Wilson_estimate        ? 
_reflns.R_free_details               ? 
_reflns.limit_h_max                  ? 
_reflns.limit_h_min                  ? 
_reflns.limit_k_max                  ? 
_reflns.limit_k_min                  ? 
_reflns.limit_l_max                  ? 
_reflns.limit_l_min                  ? 
_reflns.observed_criterion_F_max     ? 
_reflns.observed_criterion_F_min     ? 
_reflns.pdbx_ordinal                 1 
_reflns.pdbx_diffrn_id               1 
# 
_reflns_shell.d_res_low              1.97 
_reflns_shell.d_res_high             1.90 
_reflns_shell.number_measured_obs    1333 
_reflns_shell.percent_possible_obs   93.600 
_reflns_shell.Rmerge_I_obs           0.296 
_reflns_shell.pdbx_chi_squared       1.250 
_reflns_shell.pdbx_redundancy        5 
_reflns_shell.number_unique_obs      ? 
_reflns_shell.meanI_over_sigI_obs    6 
_reflns_shell.pdbx_Rsym_value        0.255 
_reflns_shell.percent_possible_all   93.6 
_reflns_shell.number_unique_all      ? 
_reflns_shell.number_measured_all    ? 
_reflns_shell.pdbx_ordinal           1 
_reflns_shell.pdbx_diffrn_id         1 
# 
_refine.ls_d_res_high                            1.900 
_refine.ls_d_res_low                             35 
_refine.pdbx_ls_sigma_F                          0.00 
_refine.ls_percent_reflns_obs                    94.800 
_refine.ls_number_reflns_obs                     13995 
_refine.ls_R_factor_R_work                       0.167 
_refine.ls_R_factor_R_free                       0.2 
_refine.ls_percent_reflns_R_free                 9.600 
_refine.ls_number_reflns_R_free                  1421 
_refine.B_iso_mean                               ? 
_refine.solvent_model_param_bsol                 ? 
_refine.aniso_B[1][1]                            ? 
_refine.aniso_B[2][2]                            ? 
_refine.aniso_B[3][3]                            ? 
_refine.aniso_B[1][2]                            ? 
_refine.aniso_B[1][3]                            ? 
_refine.aniso_B[2][3]                            ? 
_refine.entry_id                                 2AZY 
_refine.pdbx_ls_sigma_I                          ? 
_refine.ls_number_reflns_all                     14784 
_refine.ls_R_factor_all                          0.168 
_refine.ls_R_factor_obs                          0.167 
_refine.ls_redundancy_reflns_obs                 ? 
_refine.pdbx_data_cutoff_high_absF               ? 
_refine.pdbx_data_cutoff_low_absF                ? 
_refine.ls_number_parameters                     ? 
_refine.ls_number_restraints                     ? 
_refine.ls_R_factor_R_free_error                 ? 
_refine.ls_R_factor_R_free_error_details         ? 
_refine.pdbx_method_to_determine_struct          'MOLECULAR REPLACEMENT' 
_refine.pdbx_starting_model                      'PDB entry 2BO1' 
_refine.pdbx_ls_cross_valid_method               THROUGHT 
_refine.pdbx_R_Free_selection_details            random 
_refine.pdbx_stereochem_target_val_spec_case     ? 
_refine.pdbx_stereochemistry_target_values       'Engh & Huber' 
_refine.solvent_model_details                    ? 
_refine.solvent_model_param_ksol                 ? 
_refine.occupancy_max                            ? 
_refine.occupancy_min                            ? 
_refine.pdbx_isotropic_thermal_model             ? 
_refine.details                                  ? 
_refine.B_iso_min                                ? 
_refine.B_iso_max                                ? 
_refine.correlation_coeff_Fo_to_Fc               ? 
_refine.correlation_coeff_Fo_to_Fc_free          ? 
_refine.pdbx_solvent_vdw_probe_radii             ? 
_refine.pdbx_solvent_ion_probe_radii             ? 
_refine.pdbx_solvent_shrinkage_radii             ? 
_refine.overall_SU_R_Cruickshank_DPI             ? 
_refine.overall_SU_R_free                        ? 
_refine.overall_SU_ML                            ? 
_refine.overall_SU_B                             ? 
_refine.pdbx_overall_ESU_R_Free                  ? 
_refine.pdbx_data_cutoff_high_rms_absF           ? 
_refine.pdbx_overall_ESU_R                       ? 
_refine.ls_wR_factor_R_free                      ? 
_refine.ls_wR_factor_R_work                      ? 
_refine.overall_FOM_free_R_set                   ? 
_refine.overall_FOM_work_R_set                   ? 
_refine.pdbx_refine_id                           'X-RAY DIFFRACTION' 
_refine.pdbx_diffrn_id                           1 
_refine.pdbx_TLS_residual_ADP_flag               ? 
_refine.pdbx_overall_phase_error                 ? 
_refine.pdbx_overall_SU_R_free_Cruickshank_DPI   ? 
_refine.pdbx_overall_SU_R_Blow_DPI               ? 
_refine.pdbx_overall_SU_R_free_Blow_DPI          ? 
# 
_refine_analyze.entry_id                        2AZY 
_refine_analyze.Luzzati_coordinate_error_obs    0.17 
_refine_analyze.Luzzati_sigma_a_obs             0.09 
_refine_analyze.Luzzati_d_res_low_obs           5.00 
_refine_analyze.Luzzati_coordinate_error_free   0.21 
_refine_analyze.Luzzati_sigma_a_free            0.08 
_refine_analyze.Luzzati_d_res_low_free          ? 
_refine_analyze.number_disordered_residues      ? 
_refine_analyze.occupancy_sum_non_hydrogen      ? 
_refine_analyze.occupancy_sum_hydrogen          ? 
_refine_analyze.pdbx_Luzzati_d_res_high_obs     ? 
_refine_analyze.pdbx_refine_id                  'X-RAY DIFFRACTION' 
# 
_refine_hist.pdbx_refine_id                   'X-RAY DIFFRACTION' 
_refine_hist.cycle_id                         LAST 
_refine_hist.pdbx_number_atoms_protein        970 
_refine_hist.pdbx_number_atoms_nucleic_acid   0 
_refine_hist.pdbx_number_atoms_ligand         30 
_refine_hist.number_atoms_solvent             193 
_refine_hist.number_atoms_total               1193 
_refine_hist.d_res_high                       1.900 
_refine_hist.d_res_low                        35 
# 
loop_
_refine_ls_restr.type 
_refine_ls_restr.dev_ideal 
_refine_ls_restr.dev_ideal_target 
_refine_ls_restr.number 
_refine_ls_restr.weight 
_refine_ls_restr.pdbx_refine_id 
_refine_ls_restr.pdbx_restraint_function 
c_bond_d           0.005 ? ? ? 'X-RAY DIFFRACTION' ? 
c_angle_deg        1.1   ? ? ? 'X-RAY DIFFRACTION' ? 
c_dihedral_angle_d 21.6  ? ? ? 'X-RAY DIFFRACTION' ? 
c_improper_angle_d 0.79  ? ? ? 'X-RAY DIFFRACTION' ? 
# 
loop_
_pdbx_xplor_file.serial_no 
_pdbx_xplor_file.param_file 
_pdbx_xplor_file.topol_file 
_pdbx_xplor_file.pdbx_refine_id 
1 CNS_TOPPAR:protein_rep.param PROTEIN.TOP 'X-RAY DIFFRACTION' 
2 CNS_TOPPAR:ion.param         ION.TOP     'X-RAY DIFFRACTION' 
3 CNS_TOPPAR:water_rep.param   WATER.TOP   'X-RAY DIFFRACTION' 
4 MY_TOPPAR:cho.par            CHO.TOP     'X-RAY DIFFRACTION' 
# 
_struct.entry_id                  2AZY 
_struct.title                     'Crystal Structure of Porcine Pancreatic Phospholipase A2 in Complex with Cholate' 
_struct.pdbx_model_details        ? 
_struct.pdbx_CASP_flag            ? 
_struct.pdbx_model_type_details   ? 
# 
_struct_keywords.entry_id        2AZY 
_struct_keywords.pdbx_keywords   HYDROLASE 
_struct_keywords.text            'Bile salt, cholate, CARBOXYLIC ESTER HYDROLASE, PLA2, Pancreatic Enzyme, HYDROLASE' 
# 
loop_
_struct_asym.id 
_struct_asym.pdbx_blank_PDB_chainid_flag 
_struct_asym.pdbx_modified 
_struct_asym.entity_id 
_struct_asym.details 
A N N 1 ? 
B N N 2 ? 
C N N 3 ? 
D N N 4 ? 
# 
_struct_ref.id                         1 
_struct_ref.db_name                    UNP 
_struct_ref.db_code                    PA21B_PIG 
_struct_ref.pdbx_db_accession          P00592 
_struct_ref.entity_id                  1 
_struct_ref.pdbx_align_begin           23 
_struct_ref.pdbx_db_isoform            ? 
_struct_ref.pdbx_seq_one_letter_code   ? 
# 
_struct_ref_seq.align_id                      1 
_struct_ref_seq.ref_id                        1 
_struct_ref_seq.pdbx_PDB_id_code              2AZY 
_struct_ref_seq.pdbx_strand_id                A 
_struct_ref_seq.seq_align_beg                 1 
_struct_ref_seq.pdbx_seq_align_beg_ins_code   ? 
_struct_ref_seq.seq_align_end                 124 
_struct_ref_seq.pdbx_seq_align_end_ins_code   ? 
_struct_ref_seq.pdbx_db_accession             P00592 
_struct_ref_seq.db_align_beg                  23 
_struct_ref_seq.pdbx_db_align_beg_ins_code    ? 
_struct_ref_seq.db_align_end                  146 
_struct_ref_seq.pdbx_db_align_end_ins_code    ? 
_struct_ref_seq.pdbx_auth_seq_align_beg       1 
_struct_ref_seq.pdbx_auth_seq_align_end       124 
# 
loop_
_pdbx_struct_assembly.id 
_pdbx_struct_assembly.details 
_pdbx_struct_assembly.method_details 
_pdbx_struct_assembly.oligomeric_details 
_pdbx_struct_assembly.oligomeric_count 
1 author_and_software_defined_assembly PQS  monomeric 1 
2 software_defined_assembly            PISA dimeric   2 
# 
loop_
_pdbx_struct_assembly_prop.biol_id 
_pdbx_struct_assembly_prop.type 
_pdbx_struct_assembly_prop.value 
_pdbx_struct_assembly_prop.details 
2 'ABSA (A^2)' 3210  ? 
2 MORE         -23   ? 
2 'SSA (A^2)'  13260 ? 
# 
loop_
_pdbx_struct_assembly_gen.assembly_id 
_pdbx_struct_assembly_gen.oper_expression 
_pdbx_struct_assembly_gen.asym_id_list 
1 1   A,B,C,D 
2 1,2 A,B,C,D 
# 
loop_
_pdbx_struct_oper_list.id 
_pdbx_struct_oper_list.type 
_pdbx_struct_oper_list.name 
_pdbx_struct_oper_list.symmetry_operation 
_pdbx_struct_oper_list.matrix[1][1] 
_pdbx_struct_oper_list.matrix[1][2] 
_pdbx_struct_oper_list.matrix[1][3] 
_pdbx_struct_oper_list.vector[1] 
_pdbx_struct_oper_list.matrix[2][1] 
_pdbx_struct_oper_list.matrix[2][2] 
_pdbx_struct_oper_list.matrix[2][3] 
_pdbx_struct_oper_list.vector[2] 
_pdbx_struct_oper_list.matrix[3][1] 
_pdbx_struct_oper_list.matrix[3][2] 
_pdbx_struct_oper_list.matrix[3][3] 
_pdbx_struct_oper_list.vector[3] 
1 'identity operation'         1_555 x,y,z              1.0000000000 0.0000000000  0.0000000000  0.0000000000  0.0000000000  1.0000000000  0.0000000000 0.0000000000  0.0000000000  0.0000000000 1.0000000000  0.0000000000   
2 'crystal symmetry operation' 6_765 -x+2,-x+y+1,-z+1/3 0.7726930579 -0.5085066549 -0.3799558134 -0.3453589457 -0.5085066549 -0.8541320975 0.1089923937 18.8501323542 -0.3799558134 0.1089923937 -0.9185609604 -26.8389975704 
# 
_struct_biol.id   1 
# 
loop_
_struct_conf.conf_type_id 
_struct_conf.id 
_struct_conf.pdbx_PDB_helix_id 
_struct_conf.beg_label_comp_id 
_struct_conf.beg_label_asym_id 
_struct_conf.beg_label_seq_id 
_struct_conf.pdbx_beg_PDB_ins_code 
_struct_conf.end_label_comp_id 
_struct_conf.end_label_asym_id 
_struct_conf.end_label_seq_id 
_struct_conf.pdbx_end_PDB_ins_code 
_struct_conf.beg_auth_comp_id 
_struct_conf.beg_auth_asym_id 
_struct_conf.beg_auth_seq_id 
_struct_conf.end_auth_comp_id 
_struct_conf.end_auth_asym_id 
_struct_conf.end_auth_seq_id 
_struct_conf.pdbx_PDB_helix_class 
_struct_conf.details 
_struct_conf.pdbx_PDB_helix_length 
HELX_P HELX_P1 1 ALA A 1   ? ILE A 13  ? ALA A 1   ILE A 13  1 ? 13 
HELX_P HELX_P2 2 HIS A 17  ? ASN A 23  ? HIS A 17  ASN A 23  5 ? 7  
HELX_P HELX_P3 3 ASP A 39  ? ASN A 57  ? ASP A 39  ASN A 57  1 ? 19 
HELX_P HELX_P4 4 PHE A 63  ? GLU A 71  ? PHE A 63  GLU A 71  5 ? 9  
HELX_P HELX_P5 5 ASN A 89  ? ALA A 109 ? ASN A 89  ALA A 109 1 ? 21 
HELX_P HELX_P6 6 ASN A 112 ? LYS A 116 ? ASN A 112 LYS A 116 5 ? 5  
HELX_P HELX_P7 7 ASP A 119 ? CYS A 124 ? ASP A 119 CYS A 124 1 ? 6  
# 
_struct_conf_type.id          HELX_P 
_struct_conf_type.criteria    ? 
_struct_conf_type.reference   ? 
# 
loop_
_struct_conn.id 
_struct_conn.conn_type_id 
_struct_conn.pdbx_leaving_atom_flag 
_struct_conn.pdbx_PDB_id 
_struct_conn.ptnr1_label_asym_id 
_struct_conn.ptnr1_label_comp_id 
_struct_conn.ptnr1_label_seq_id 
_struct_conn.ptnr1_label_atom_id 
_struct_conn.pdbx_ptnr1_label_alt_id 
_struct_conn.pdbx_ptnr1_PDB_ins_code 
_struct_conn.pdbx_ptnr1_standard_comp_id 
_struct_conn.ptnr1_symmetry 
_struct_conn.ptnr2_label_asym_id 
_struct_conn.ptnr2_label_comp_id 
_struct_conn.ptnr2_label_seq_id 
_struct_conn.ptnr2_label_atom_id 
_struct_conn.pdbx_ptnr2_label_alt_id 
_struct_conn.pdbx_ptnr2_PDB_ins_code 
_struct_conn.ptnr1_auth_asym_id 
_struct_conn.ptnr1_auth_comp_id 
_struct_conn.ptnr1_auth_seq_id 
_struct_conn.ptnr2_auth_asym_id 
_struct_conn.ptnr2_auth_comp_id 
_struct_conn.ptnr2_auth_seq_id 
_struct_conn.ptnr2_symmetry 
_struct_conn.pdbx_ptnr3_label_atom_id 
_struct_conn.pdbx_ptnr3_label_seq_id 
_struct_conn.pdbx_ptnr3_label_comp_id 
_struct_conn.pdbx_ptnr3_label_asym_id 
_struct_conn.pdbx_ptnr3_label_alt_id 
_struct_conn.pdbx_ptnr3_PDB_ins_code 
_struct_conn.details 
_struct_conn.pdbx_dist_value 
_struct_conn.pdbx_value_order 
_struct_conn.pdbx_role 
disulf1 disulf ? ? A CYS 11 SG  ? ? ? 1_555 A CYS 77  SG ? ? A CYS 11 A CYS 77  1_555 ? ? ? ? ? ? ? 2.029 ? ? 
disulf2 disulf ? ? A CYS 27 SG  ? ? ? 1_555 A CYS 124 SG ? ? A CYS 27 A CYS 124 1_555 ? ? ? ? ? ? ? 2.026 ? ? 
disulf3 disulf ? ? A CYS 29 SG  ? ? ? 1_555 A CYS 45  SG ? ? A CYS 29 A CYS 45  1_555 ? ? ? ? ? ? ? 2.032 ? ? 
disulf4 disulf ? ? A CYS 44 SG  ? ? ? 1_555 A CYS 105 SG ? ? A CYS 44 A CYS 105 1_555 ? ? ? ? ? ? ? 2.028 ? ? 
disulf5 disulf ? ? A CYS 51 SG  ? ? ? 1_555 A CYS 98  SG ? ? A CYS 51 A CYS 98  1_555 ? ? ? ? ? ? ? 2.030 ? ? 
disulf6 disulf ? ? A CYS 61 SG  ? ? ? 1_555 A CYS 91  SG ? ? A CYS 61 A CYS 91  1_555 ? ? ? ? ? ? ? 2.031 ? ? 
disulf7 disulf ? ? A CYS 84 SG  ? ? ? 1_555 A CYS 96  SG ? ? A CYS 84 A CYS 96  1_555 ? ? ? ? ? ? ? 2.036 ? ? 
metalc1 metalc ? ? A GLU 71 OE1 ? ? ? 1_555 B CA  .   CA ? ? A GLU 71 A CA  231 1_555 ? ? ? ? ? ? ? 2.330 ? ? 
metalc2 metalc ? ? A GLU 71 OE1 ? ? ? 6_765 B CA  .   CA ? ? A GLU 71 A CA  231 1_555 ? ? ? ? ? ? ? 2.333 ? ? 
metalc3 metalc ? ? A SER 72 O   ? ? ? 1_555 B CA  .   CA ? ? A SER 72 A CA  231 1_555 ? ? ? ? ? ? ? 2.370 ? ? 
metalc4 metalc ? ? A SER 72 O   ? ? ? 6_765 B CA  .   CA ? ? A SER 72 A CA  231 1_555 ? ? ? ? ? ? ? 2.373 ? ? 
metalc5 metalc ? ? A GLU 92 OE2 ? ? ? 1_555 B CA  .   CA ? ? A GLU 92 A CA  231 1_555 ? ? ? ? ? ? ? 2.306 ? ? 
metalc6 metalc ? ? A GLU 92 OE2 ? ? ? 6_765 B CA  .   CA ? ? A GLU 92 A CA  231 1_555 ? ? ? ? ? ? ? 2.302 ? ? 
# 
loop_
_struct_conn_type.id 
_struct_conn_type.criteria 
_struct_conn_type.reference 
disulf ? ? 
metalc ? ? 
# 
loop_
_pdbx_struct_conn_angle.id 
_pdbx_struct_conn_angle.ptnr1_label_atom_id 
_pdbx_struct_conn_angle.ptnr1_label_alt_id 
_pdbx_struct_conn_angle.ptnr1_label_asym_id 
_pdbx_struct_conn_angle.ptnr1_label_comp_id 
_pdbx_struct_conn_angle.ptnr1_label_seq_id 
_pdbx_struct_conn_angle.ptnr1_auth_atom_id 
_pdbx_struct_conn_angle.ptnr1_auth_asym_id 
_pdbx_struct_conn_angle.ptnr1_auth_comp_id 
_pdbx_struct_conn_angle.ptnr1_auth_seq_id 
_pdbx_struct_conn_angle.ptnr1_PDB_ins_code 
_pdbx_struct_conn_angle.ptnr1_symmetry 
_pdbx_struct_conn_angle.ptnr2_label_atom_id 
_pdbx_struct_conn_angle.ptnr2_label_alt_id 
_pdbx_struct_conn_angle.ptnr2_label_asym_id 
_pdbx_struct_conn_angle.ptnr2_label_comp_id 
_pdbx_struct_conn_angle.ptnr2_label_seq_id 
_pdbx_struct_conn_angle.ptnr2_auth_atom_id 
_pdbx_struct_conn_angle.ptnr2_auth_asym_id 
_pdbx_struct_conn_angle.ptnr2_auth_comp_id 
_pdbx_struct_conn_angle.ptnr2_auth_seq_id 
_pdbx_struct_conn_angle.ptnr2_PDB_ins_code 
_pdbx_struct_conn_angle.ptnr2_symmetry 
_pdbx_struct_conn_angle.ptnr3_label_atom_id 
_pdbx_struct_conn_angle.ptnr3_label_alt_id 
_pdbx_struct_conn_angle.ptnr3_label_asym_id 
_pdbx_struct_conn_angle.ptnr3_label_comp_id 
_pdbx_struct_conn_angle.ptnr3_label_seq_id 
_pdbx_struct_conn_angle.ptnr3_auth_atom_id 
_pdbx_struct_conn_angle.ptnr3_auth_asym_id 
_pdbx_struct_conn_angle.ptnr3_auth_comp_id 
_pdbx_struct_conn_angle.ptnr3_auth_seq_id 
_pdbx_struct_conn_angle.ptnr3_PDB_ins_code 
_pdbx_struct_conn_angle.ptnr3_symmetry 
_pdbx_struct_conn_angle.value 
_pdbx_struct_conn_angle.value_esd 
1  OE1 ? A GLU 71 ? A GLU 71 ? 1_555 CA ? B CA . ? A CA 231 ? 1_555 OE1 ? A GLU 71 ? A GLU 71 ? 6_765 93.4  ? 
2  OE1 ? A GLU 71 ? A GLU 71 ? 1_555 CA ? B CA . ? A CA 231 ? 1_555 O   ? A SER 72 ? A SER 72 ? 1_555 90.6  ? 
3  OE1 ? A GLU 71 ? A GLU 71 ? 6_765 CA ? B CA . ? A CA 231 ? 1_555 O   ? A SER 72 ? A SER 72 ? 1_555 168.9 ? 
4  OE1 ? A GLU 71 ? A GLU 71 ? 1_555 CA ? B CA . ? A CA 231 ? 1_555 O   ? A SER 72 ? A SER 72 ? 6_765 169.1 ? 
5  OE1 ? A GLU 71 ? A GLU 71 ? 6_765 CA ? B CA . ? A CA 231 ? 1_555 O   ? A SER 72 ? A SER 72 ? 6_765 90.5  ? 
6  O   ? A SER 72 ? A SER 72 ? 1_555 CA ? B CA . ? A CA 231 ? 1_555 O   ? A SER 72 ? A SER 72 ? 6_765 87.5  ? 
7  OE1 ? A GLU 71 ? A GLU 71 ? 1_555 CA ? B CA . ? A CA 231 ? 1_555 OE2 ? A GLU 92 ? A GLU 92 ? 1_555 98.0  ? 
8  OE1 ? A GLU 71 ? A GLU 71 ? 6_765 CA ? B CA . ? A CA 231 ? 1_555 OE2 ? A GLU 92 ? A GLU 92 ? 1_555 84.5  ? 
9  O   ? A SER 72 ? A SER 72 ? 1_555 CA ? B CA . ? A CA 231 ? 1_555 OE2 ? A GLU 92 ? A GLU 92 ? 1_555 84.7  ? 
10 O   ? A SER 72 ? A SER 72 ? 6_765 CA ? B CA . ? A CA 231 ? 1_555 OE2 ? A GLU 92 ? A GLU 92 ? 1_555 92.5  ? 
11 OE1 ? A GLU 71 ? A GLU 71 ? 1_555 CA ? B CA . ? A CA 231 ? 1_555 OE2 ? A GLU 92 ? A GLU 92 ? 6_765 84.6  ? 
12 OE1 ? A GLU 71 ? A GLU 71 ? 6_765 CA ? B CA . ? A CA 231 ? 1_555 OE2 ? A GLU 92 ? A GLU 92 ? 6_765 98.0  ? 
13 O   ? A SER 72 ? A SER 72 ? 1_555 CA ? B CA . ? A CA 231 ? 1_555 OE2 ? A GLU 92 ? A GLU 92 ? 6_765 92.7  ? 
14 O   ? A SER 72 ? A SER 72 ? 6_765 CA ? B CA . ? A CA 231 ? 1_555 OE2 ? A GLU 92 ? A GLU 92 ? 6_765 84.7  ? 
15 OE2 ? A GLU 92 ? A GLU 92 ? 1_555 CA ? B CA . ? A CA 231 ? 1_555 OE2 ? A GLU 92 ? A GLU 92 ? 6_765 176.3 ? 
# 
loop_
_pdbx_modification_feature.ordinal 
_pdbx_modification_feature.label_comp_id 
_pdbx_modification_feature.label_asym_id 
_pdbx_modification_feature.label_seq_id 
_pdbx_modification_feature.label_alt_id 
_pdbx_modification_feature.modified_residue_label_comp_id 
_pdbx_modification_feature.modified_residue_label_asym_id 
_pdbx_modification_feature.modified_residue_label_seq_id 
_pdbx_modification_feature.modified_residue_label_alt_id 
_pdbx_modification_feature.auth_comp_id 
_pdbx_modification_feature.auth_asym_id 
_pdbx_modification_feature.auth_seq_id 
_pdbx_modification_feature.PDB_ins_code 
_pdbx_modification_feature.symmetry 
_pdbx_modification_feature.modified_residue_auth_comp_id 
_pdbx_modification_feature.modified_residue_auth_asym_id 
_pdbx_modification_feature.modified_residue_auth_seq_id 
_pdbx_modification_feature.modified_residue_PDB_ins_code 
_pdbx_modification_feature.modified_residue_symmetry 
_pdbx_modification_feature.comp_id_linking_atom 
_pdbx_modification_feature.modified_residue_id_linking_atom 
_pdbx_modification_feature.modified_residue_id 
_pdbx_modification_feature.ref_pcm_id 
_pdbx_modification_feature.ref_comp_id 
_pdbx_modification_feature.type 
_pdbx_modification_feature.category 
1 CYS A 11 ? CYS A 77  ? CYS A 11 ? 1_555 CYS A 77  ? 1_555 SG SG . . . None 'Disulfide bridge' 
2 CYS A 27 ? CYS A 124 ? CYS A 27 ? 1_555 CYS A 124 ? 1_555 SG SG . . . None 'Disulfide bridge' 
3 CYS A 29 ? CYS A 45  ? CYS A 29 ? 1_555 CYS A 45  ? 1_555 SG SG . . . None 'Disulfide bridge' 
4 CYS A 44 ? CYS A 105 ? CYS A 44 ? 1_555 CYS A 105 ? 1_555 SG SG . . . None 'Disulfide bridge' 
5 CYS A 51 ? CYS A 98  ? CYS A 51 ? 1_555 CYS A 98  ? 1_555 SG SG . . . None 'Disulfide bridge' 
6 CYS A 61 ? CYS A 91  ? CYS A 61 ? 1_555 CYS A 91  ? 1_555 SG SG . . . None 'Disulfide bridge' 
7 CYS A 84 ? CYS A 96  ? CYS A 84 ? 1_555 CYS A 96  ? 1_555 SG SG . . . None 'Disulfide bridge' 
# 
_struct_sheet.id               A 
_struct_sheet.type             ? 
_struct_sheet.number_strands   2 
_struct_sheet.details          ? 
# 
_struct_sheet_order.sheet_id     A 
_struct_sheet_order.range_id_1   1 
_struct_sheet_order.range_id_2   2 
_struct_sheet_order.offset       ? 
_struct_sheet_order.sense        anti-parallel 
# 
loop_
_struct_sheet_range.sheet_id 
_struct_sheet_range.id 
_struct_sheet_range.beg_label_comp_id 
_struct_sheet_range.beg_label_asym_id 
_struct_sheet_range.beg_label_seq_id 
_struct_sheet_range.pdbx_beg_PDB_ins_code 
_struct_sheet_range.end_label_comp_id 
_struct_sheet_range.end_label_asym_id 
_struct_sheet_range.end_label_seq_id 
_struct_sheet_range.pdbx_end_PDB_ins_code 
_struct_sheet_range.beg_auth_comp_id 
_struct_sheet_range.beg_auth_asym_id 
_struct_sheet_range.beg_auth_seq_id 
_struct_sheet_range.end_auth_comp_id 
_struct_sheet_range.end_auth_asym_id 
_struct_sheet_range.end_auth_seq_id 
A 1 TYR A 75 ? SER A 78 ? TYR A 75 SER A 78 
A 2 GLU A 81 ? CYS A 84 ? GLU A 81 CYS A 84 
# 
_pdbx_struct_sheet_hbond.sheet_id                A 
_pdbx_struct_sheet_hbond.range_id_1              1 
_pdbx_struct_sheet_hbond.range_id_2              2 
_pdbx_struct_sheet_hbond.range_1_label_atom_id   N 
_pdbx_struct_sheet_hbond.range_1_label_comp_id   SER 
_pdbx_struct_sheet_hbond.range_1_label_asym_id   A 
_pdbx_struct_sheet_hbond.range_1_label_seq_id    76 
_pdbx_struct_sheet_hbond.range_1_PDB_ins_code    ? 
_pdbx_struct_sheet_hbond.range_1_auth_atom_id    N 
_pdbx_struct_sheet_hbond.range_1_auth_comp_id    SER 
_pdbx_struct_sheet_hbond.range_1_auth_asym_id    A 
_pdbx_struct_sheet_hbond.range_1_auth_seq_id     76 
_pdbx_struct_sheet_hbond.range_2_label_atom_id   O 
_pdbx_struct_sheet_hbond.range_2_label_comp_id   THR 
_pdbx_struct_sheet_hbond.range_2_label_asym_id   A 
_pdbx_struct_sheet_hbond.range_2_label_seq_id    83 
_pdbx_struct_sheet_hbond.range_2_PDB_ins_code    ? 
_pdbx_struct_sheet_hbond.range_2_auth_atom_id    O 
_pdbx_struct_sheet_hbond.range_2_auth_comp_id    THR 
_pdbx_struct_sheet_hbond.range_2_auth_asym_id    A 
_pdbx_struct_sheet_hbond.range_2_auth_seq_id     83 
# 
loop_
_struct_site.id 
_struct_site.pdbx_evidence_code 
_struct_site.pdbx_auth_asym_id 
_struct_site.pdbx_auth_comp_id 
_struct_site.pdbx_auth_seq_id 
_struct_site.pdbx_auth_ins_code 
_struct_site.pdbx_num_residues 
_struct_site.details 
AC1 Software A CA  231 ? 6  'BINDING SITE FOR RESIDUE CA A 231'  
AC2 Software A CHD 237 ? 17 'BINDING SITE FOR RESIDUE CHD A 237' 
# 
loop_
_struct_site_gen.id 
_struct_site_gen.site_id 
_struct_site_gen.pdbx_num_res 
_struct_site_gen.label_comp_id 
_struct_site_gen.label_asym_id 
_struct_site_gen.label_seq_id 
_struct_site_gen.pdbx_auth_ins_code 
_struct_site_gen.auth_comp_id 
_struct_site_gen.auth_asym_id 
_struct_site_gen.auth_seq_id 
_struct_site_gen.label_atom_id 
_struct_site_gen.label_alt_id 
_struct_site_gen.symmetry 
_struct_site_gen.details 
1  AC1 6  GLU A 71 ? GLU A 71  . ? 1_555 ? 
2  AC1 6  GLU A 71 ? GLU A 71  . ? 6_765 ? 
3  AC1 6  SER A 72 ? SER A 72  . ? 6_765 ? 
4  AC1 6  SER A 72 ? SER A 72  . ? 1_555 ? 
5  AC1 6  GLU A 92 ? GLU A 92  . ? 1_555 ? 
6  AC1 6  GLU A 92 ? GLU A 92  . ? 6_765 ? 
7  AC2 17 ILE A 9  ? ILE A 9   . ? 1_555 ? 
8  AC2 17 ILE A 13 ? ILE A 13  . ? 1_555 ? 
9  AC2 17 MET A 20 ? MET A 20  . ? 1_555 ? 
10 AC2 17 ASP A 21 ? ASP A 21  . ? 1_555 ? 
11 AC2 17 ASN A 23 ? ASN A 23  . ? 1_555 ? 
12 AC2 17 TYR A 25 ? TYR A 25  . ? 1_555 ? 
13 AC2 17 CYS A 29 ? CYS A 29  . ? 1_555 ? 
14 AC2 17 GLY A 30 ? GLY A 30  . ? 1_555 ? 
15 AC2 17 HOH D .  ? HOH A 251 . ? 1_555 ? 
16 AC2 17 HOH D .  ? HOH A 255 . ? 1_555 ? 
17 AC2 17 HOH D .  ? HOH A 256 . ? 1_555 ? 
18 AC2 17 HOH D .  ? HOH A 257 . ? 1_555 ? 
19 AC2 17 HOH D .  ? HOH A 258 . ? 1_555 ? 
20 AC2 17 HOH D .  ? HOH A 309 . ? 1_555 ? 
21 AC2 17 HOH D .  ? HOH A 330 . ? 1_555 ? 
22 AC2 17 HOH D .  ? HOH A 387 . ? 1_555 ? 
23 AC2 17 HOH D .  ? HOH A 400 . ? 1_555 ? 
# 
_pdbx_entry_details.entry_id                   2AZY 
_pdbx_entry_details.compound_details           ? 
_pdbx_entry_details.source_details             ? 
_pdbx_entry_details.nonpolymer_details         ? 
_pdbx_entry_details.sequence_details           ? 
_pdbx_entry_details.has_ligand_of_interest     ? 
_pdbx_entry_details.has_protein_modification   Y 
# 
loop_
_pdbx_struct_special_symmetry.id 
_pdbx_struct_special_symmetry.PDB_model_num 
_pdbx_struct_special_symmetry.auth_asym_id 
_pdbx_struct_special_symmetry.auth_comp_id 
_pdbx_struct_special_symmetry.auth_seq_id 
_pdbx_struct_special_symmetry.PDB_ins_code 
_pdbx_struct_special_symmetry.label_asym_id 
_pdbx_struct_special_symmetry.label_comp_id 
_pdbx_struct_special_symmetry.label_seq_id 
1 1 A CA  231 ? B CA  . 
2 1 A HOH 246 ? D HOH . 
3 1 A HOH 427 ? D HOH . 
# 
loop_
_chem_comp_atom.comp_id 
_chem_comp_atom.atom_id 
_chem_comp_atom.type_symbol 
_chem_comp_atom.pdbx_aromatic_flag 
_chem_comp_atom.pdbx_stereo_config 
_chem_comp_atom.pdbx_ordinal 
ALA N    N  N N 1   
ALA CA   C  N S 2   
ALA C    C  N N 3   
ALA O    O  N N 4   
ALA CB   C  N N 5   
ALA OXT  O  N N 6   
ALA H    H  N N 7   
ALA H2   H  N N 8   
ALA HA   H  N N 9   
ALA HB1  H  N N 10  
ALA HB2  H  N N 11  
ALA HB3  H  N N 12  
ALA HXT  H  N N 13  
ARG N    N  N N 14  
ARG CA   C  N S 15  
ARG C    C  N N 16  
ARG O    O  N N 17  
ARG CB   C  N N 18  
ARG CG   C  N N 19  
ARG CD   C  N N 20  
ARG NE   N  N N 21  
ARG CZ   C  N N 22  
ARG NH1  N  N N 23  
ARG NH2  N  N N 24  
ARG OXT  O  N N 25  
ARG H    H  N N 26  
ARG H2   H  N N 27  
ARG HA   H  N N 28  
ARG HB2  H  N N 29  
ARG HB3  H  N N 30  
ARG HG2  H  N N 31  
ARG HG3  H  N N 32  
ARG HD2  H  N N 33  
ARG HD3  H  N N 34  
ARG HE   H  N N 35  
ARG HH11 H  N N 36  
ARG HH12 H  N N 37  
ARG HH21 H  N N 38  
ARG HH22 H  N N 39  
ARG HXT  H  N N 40  
ASN N    N  N N 41  
ASN CA   C  N S 42  
ASN C    C  N N 43  
ASN O    O  N N 44  
ASN CB   C  N N 45  
ASN CG   C  N N 46  
ASN OD1  O  N N 47  
ASN ND2  N  N N 48  
ASN OXT  O  N N 49  
ASN H    H  N N 50  
ASN H2   H  N N 51  
ASN HA   H  N N 52  
ASN HB2  H  N N 53  
ASN HB3  H  N N 54  
ASN HD21 H  N N 55  
ASN HD22 H  N N 56  
ASN HXT  H  N N 57  
ASP N    N  N N 58  
ASP CA   C  N S 59  
ASP C    C  N N 60  
ASP O    O  N N 61  
ASP CB   C  N N 62  
ASP CG   C  N N 63  
ASP OD1  O  N N 64  
ASP OD2  O  N N 65  
ASP OXT  O  N N 66  
ASP H    H  N N 67  
ASP H2   H  N N 68  
ASP HA   H  N N 69  
ASP HB2  H  N N 70  
ASP HB3  H  N N 71  
ASP HD2  H  N N 72  
ASP HXT  H  N N 73  
CA  CA   CA N N 74  
CHD C1   C  N N 75  
CHD C2   C  N N 76  
CHD C3   C  N R 77  
CHD O3   O  N N 78  
CHD C4   C  N N 79  
CHD C5   C  N S 80  
CHD C6   C  N N 81  
CHD C7   C  N R 82  
CHD O7   O  N N 83  
CHD C8   C  N R 84  
CHD C9   C  N S 85  
CHD C10  C  N S 86  
CHD C11  C  N N 87  
CHD C12  C  N S 88  
CHD O12  O  N N 89  
CHD C13  C  N R 90  
CHD C14  C  N S 91  
CHD C15  C  N N 92  
CHD C16  C  N N 93  
CHD C17  C  N R 94  
CHD C18  C  N N 95  
CHD C19  C  N N 96  
CHD C20  C  N R 97  
CHD C21  C  N N 98  
CHD C22  C  N N 99  
CHD C23  C  N N 100 
CHD O25  O  N N 101 
CHD C24  C  N N 102 
CHD O26  O  N N 103 
CHD H11  H  N N 104 
CHD H12A H  N N 105 
CHD H21  H  N N 106 
CHD H22  H  N N 107 
CHD H3   H  N N 108 
CHD HO3  H  N N 109 
CHD H41  H  N N 110 
CHD H42  H  N N 111 
CHD H5   H  N N 112 
CHD H61  H  N N 113 
CHD H62  H  N N 114 
CHD H7   H  N N 115 
CHD HO7  H  N N 116 
CHD H8   H  N N 117 
CHD H9   H  N N 118 
CHD H111 H  N N 119 
CHD H112 H  N N 120 
CHD H12  H  N N 121 
CHD HO12 H  N N 122 
CHD H14  H  N N 123 
CHD H151 H  N N 124 
CHD H152 H  N N 125 
CHD H161 H  N N 126 
CHD H162 H  N N 127 
CHD H17  H  N N 128 
CHD H181 H  N N 129 
CHD H182 H  N N 130 
CHD H183 H  N N 131 
CHD H191 H  N N 132 
CHD H192 H  N N 133 
CHD H193 H  N N 134 
CHD H20  H  N N 135 
CHD H211 H  N N 136 
CHD H212 H  N N 137 
CHD H213 H  N N 138 
CHD H221 H  N N 139 
CHD H222 H  N N 140 
CHD H231 H  N N 141 
CHD H232 H  N N 142 
CHD H26  H  N N 143 
CYS N    N  N N 144 
CYS CA   C  N R 145 
CYS C    C  N N 146 
CYS O    O  N N 147 
CYS CB   C  N N 148 
CYS SG   S  N N 149 
CYS OXT  O  N N 150 
CYS H    H  N N 151 
CYS H2   H  N N 152 
CYS HA   H  N N 153 
CYS HB2  H  N N 154 
CYS HB3  H  N N 155 
CYS HG   H  N N 156 
CYS HXT  H  N N 157 
GLN N    N  N N 158 
GLN CA   C  N S 159 
GLN C    C  N N 160 
GLN O    O  N N 161 
GLN CB   C  N N 162 
GLN CG   C  N N 163 
GLN CD   C  N N 164 
GLN OE1  O  N N 165 
GLN NE2  N  N N 166 
GLN OXT  O  N N 167 
GLN H    H  N N 168 
GLN H2   H  N N 169 
GLN HA   H  N N 170 
GLN HB2  H  N N 171 
GLN HB3  H  N N 172 
GLN HG2  H  N N 173 
GLN HG3  H  N N 174 
GLN HE21 H  N N 175 
GLN HE22 H  N N 176 
GLN HXT  H  N N 177 
GLU N    N  N N 178 
GLU CA   C  N S 179 
GLU C    C  N N 180 
GLU O    O  N N 181 
GLU CB   C  N N 182 
GLU CG   C  N N 183 
GLU CD   C  N N 184 
GLU OE1  O  N N 185 
GLU OE2  O  N N 186 
GLU OXT  O  N N 187 
GLU H    H  N N 188 
GLU H2   H  N N 189 
GLU HA   H  N N 190 
GLU HB2  H  N N 191 
GLU HB3  H  N N 192 
GLU HG2  H  N N 193 
GLU HG3  H  N N 194 
GLU HE2  H  N N 195 
GLU HXT  H  N N 196 
GLY N    N  N N 197 
GLY CA   C  N N 198 
GLY C    C  N N 199 
GLY O    O  N N 200 
GLY OXT  O  N N 201 
GLY H    H  N N 202 
GLY H2   H  N N 203 
GLY HA2  H  N N 204 
GLY HA3  H  N N 205 
GLY HXT  H  N N 206 
HIS N    N  N N 207 
HIS CA   C  N S 208 
HIS C    C  N N 209 
HIS O    O  N N 210 
HIS CB   C  N N 211 
HIS CG   C  Y N 212 
HIS ND1  N  Y N 213 
HIS CD2  C  Y N 214 
HIS CE1  C  Y N 215 
HIS NE2  N  Y N 216 
HIS OXT  O  N N 217 
HIS H    H  N N 218 
HIS H2   H  N N 219 
HIS HA   H  N N 220 
HIS HB2  H  N N 221 
HIS HB3  H  N N 222 
HIS HD1  H  N N 223 
HIS HD2  H  N N 224 
HIS HE1  H  N N 225 
HIS HE2  H  N N 226 
HIS HXT  H  N N 227 
HOH O    O  N N 228 
HOH H1   H  N N 229 
HOH H2   H  N N 230 
ILE N    N  N N 231 
ILE CA   C  N S 232 
ILE C    C  N N 233 
ILE O    O  N N 234 
ILE CB   C  N S 235 
ILE CG1  C  N N 236 
ILE CG2  C  N N 237 
ILE CD1  C  N N 238 
ILE OXT  O  N N 239 
ILE H    H  N N 240 
ILE H2   H  N N 241 
ILE HA   H  N N 242 
ILE HB   H  N N 243 
ILE HG12 H  N N 244 
ILE HG13 H  N N 245 
ILE HG21 H  N N 246 
ILE HG22 H  N N 247 
ILE HG23 H  N N 248 
ILE HD11 H  N N 249 
ILE HD12 H  N N 250 
ILE HD13 H  N N 251 
ILE HXT  H  N N 252 
LEU N    N  N N 253 
LEU CA   C  N S 254 
LEU C    C  N N 255 
LEU O    O  N N 256 
LEU CB   C  N N 257 
LEU CG   C  N N 258 
LEU CD1  C  N N 259 
LEU CD2  C  N N 260 
LEU OXT  O  N N 261 
LEU H    H  N N 262 
LEU H2   H  N N 263 
LEU HA   H  N N 264 
LEU HB2  H  N N 265 
LEU HB3  H  N N 266 
LEU HG   H  N N 267 
LEU HD11 H  N N 268 
LEU HD12 H  N N 269 
LEU HD13 H  N N 270 
LEU HD21 H  N N 271 
LEU HD22 H  N N 272 
LEU HD23 H  N N 273 
LEU HXT  H  N N 274 
LYS N    N  N N 275 
LYS CA   C  N S 276 
LYS C    C  N N 277 
LYS O    O  N N 278 
LYS CB   C  N N 279 
LYS CG   C  N N 280 
LYS CD   C  N N 281 
LYS CE   C  N N 282 
LYS NZ   N  N N 283 
LYS OXT  O  N N 284 
LYS H    H  N N 285 
LYS H2   H  N N 286 
LYS HA   H  N N 287 
LYS HB2  H  N N 288 
LYS HB3  H  N N 289 
LYS HG2  H  N N 290 
LYS HG3  H  N N 291 
LYS HD2  H  N N 292 
LYS HD3  H  N N 293 
LYS HE2  H  N N 294 
LYS HE3  H  N N 295 
LYS HZ1  H  N N 296 
LYS HZ2  H  N N 297 
LYS HZ3  H  N N 298 
LYS HXT  H  N N 299 
MET N    N  N N 300 
MET CA   C  N S 301 
MET C    C  N N 302 
MET O    O  N N 303 
MET CB   C  N N 304 
MET CG   C  N N 305 
MET SD   S  N N 306 
MET CE   C  N N 307 
MET OXT  O  N N 308 
MET H    H  N N 309 
MET H2   H  N N 310 
MET HA   H  N N 311 
MET HB2  H  N N 312 
MET HB3  H  N N 313 
MET HG2  H  N N 314 
MET HG3  H  N N 315 
MET HE1  H  N N 316 
MET HE2  H  N N 317 
MET HE3  H  N N 318 
MET HXT  H  N N 319 
PHE N    N  N N 320 
PHE CA   C  N S 321 
PHE C    C  N N 322 
PHE O    O  N N 323 
PHE CB   C  N N 324 
PHE CG   C  Y N 325 
PHE CD1  C  Y N 326 
PHE CD2  C  Y N 327 
PHE CE1  C  Y N 328 
PHE CE2  C  Y N 329 
PHE CZ   C  Y N 330 
PHE OXT  O  N N 331 
PHE H    H  N N 332 
PHE H2   H  N N 333 
PHE HA   H  N N 334 
PHE HB2  H  N N 335 
PHE HB3  H  N N 336 
PHE HD1  H  N N 337 
PHE HD2  H  N N 338 
PHE HE1  H  N N 339 
PHE HE2  H  N N 340 
PHE HZ   H  N N 341 
PHE HXT  H  N N 342 
PRO N    N  N N 343 
PRO CA   C  N S 344 
PRO C    C  N N 345 
PRO O    O  N N 346 
PRO CB   C  N N 347 
PRO CG   C  N N 348 
PRO CD   C  N N 349 
PRO OXT  O  N N 350 
PRO H    H  N N 351 
PRO HA   H  N N 352 
PRO HB2  H  N N 353 
PRO HB3  H  N N 354 
PRO HG2  H  N N 355 
PRO HG3  H  N N 356 
PRO HD2  H  N N 357 
PRO HD3  H  N N 358 
PRO HXT  H  N N 359 
SER N    N  N N 360 
SER CA   C  N S 361 
SER C    C  N N 362 
SER O    O  N N 363 
SER CB   C  N N 364 
SER OG   O  N N 365 
SER OXT  O  N N 366 
SER H    H  N N 367 
SER H2   H  N N 368 
SER HA   H  N N 369 
SER HB2  H  N N 370 
SER HB3  H  N N 371 
SER HG   H  N N 372 
SER HXT  H  N N 373 
THR N    N  N N 374 
THR CA   C  N S 375 
THR C    C  N N 376 
THR O    O  N N 377 
THR CB   C  N R 378 
THR OG1  O  N N 379 
THR CG2  C  N N 380 
THR OXT  O  N N 381 
THR H    H  N N 382 
THR H2   H  N N 383 
THR HA   H  N N 384 
THR HB   H  N N 385 
THR HG1  H  N N 386 
THR HG21 H  N N 387 
THR HG22 H  N N 388 
THR HG23 H  N N 389 
THR HXT  H  N N 390 
TRP N    N  N N 391 
TRP CA   C  N S 392 
TRP C    C  N N 393 
TRP O    O  N N 394 
TRP CB   C  N N 395 
TRP CG   C  Y N 396 
TRP CD1  C  Y N 397 
TRP CD2  C  Y N 398 
TRP NE1  N  Y N 399 
TRP CE2  C  Y N 400 
TRP CE3  C  Y N 401 
TRP CZ2  C  Y N 402 
TRP CZ3  C  Y N 403 
TRP CH2  C  Y N 404 
TRP OXT  O  N N 405 
TRP H    H  N N 406 
TRP H2   H  N N 407 
TRP HA   H  N N 408 
TRP HB2  H  N N 409 
TRP HB3  H  N N 410 
TRP HD1  H  N N 411 
TRP HE1  H  N N 412 
TRP HE3  H  N N 413 
TRP HZ2  H  N N 414 
TRP HZ3  H  N N 415 
TRP HH2  H  N N 416 
TRP HXT  H  N N 417 
TYR N    N  N N 418 
TYR CA   C  N S 419 
TYR C    C  N N 420 
TYR O    O  N N 421 
TYR CB   C  N N 422 
TYR CG   C  Y N 423 
TYR CD1  C  Y N 424 
TYR CD2  C  Y N 425 
TYR CE1  C  Y N 426 
TYR CE2  C  Y N 427 
TYR CZ   C  Y N 428 
TYR OH   O  N N 429 
TYR OXT  O  N N 430 
TYR H    H  N N 431 
TYR H2   H  N N 432 
TYR HA   H  N N 433 
TYR HB2  H  N N 434 
TYR HB3  H  N N 435 
TYR HD1  H  N N 436 
TYR HD2  H  N N 437 
TYR HE1  H  N N 438 
TYR HE2  H  N N 439 
TYR HH   H  N N 440 
TYR HXT  H  N N 441 
VAL N    N  N N 442 
VAL CA   C  N S 443 
VAL C    C  N N 444 
VAL O    O  N N 445 
VAL CB   C  N N 446 
VAL CG1  C  N N 447 
VAL CG2  C  N N 448 
VAL OXT  O  N N 449 
VAL H    H  N N 450 
VAL H2   H  N N 451 
VAL HA   H  N N 452 
VAL HB   H  N N 453 
VAL HG11 H  N N 454 
VAL HG12 H  N N 455 
VAL HG13 H  N N 456 
VAL HG21 H  N N 457 
VAL HG22 H  N N 458 
VAL HG23 H  N N 459 
VAL HXT  H  N N 460 
# 
loop_
_chem_comp_bond.comp_id 
_chem_comp_bond.atom_id_1 
_chem_comp_bond.atom_id_2 
_chem_comp_bond.value_order 
_chem_comp_bond.pdbx_aromatic_flag 
_chem_comp_bond.pdbx_stereo_config 
_chem_comp_bond.pdbx_ordinal 
ALA N   CA   sing N N 1   
ALA N   H    sing N N 2   
ALA N   H2   sing N N 3   
ALA CA  C    sing N N 4   
ALA CA  CB   sing N N 5   
ALA CA  HA   sing N N 6   
ALA C   O    doub N N 7   
ALA C   OXT  sing N N 8   
ALA CB  HB1  sing N N 9   
ALA CB  HB2  sing N N 10  
ALA CB  HB3  sing N N 11  
ALA OXT HXT  sing N N 12  
ARG N   CA   sing N N 13  
ARG N   H    sing N N 14  
ARG N   H2   sing N N 15  
ARG CA  C    sing N N 16  
ARG CA  CB   sing N N 17  
ARG CA  HA   sing N N 18  
ARG C   O    doub N N 19  
ARG C   OXT  sing N N 20  
ARG CB  CG   sing N N 21  
ARG CB  HB2  sing N N 22  
ARG CB  HB3  sing N N 23  
ARG CG  CD   sing N N 24  
ARG CG  HG2  sing N N 25  
ARG CG  HG3  sing N N 26  
ARG CD  NE   sing N N 27  
ARG CD  HD2  sing N N 28  
ARG CD  HD3  sing N N 29  
ARG NE  CZ   sing N N 30  
ARG NE  HE   sing N N 31  
ARG CZ  NH1  sing N N 32  
ARG CZ  NH2  doub N N 33  
ARG NH1 HH11 sing N N 34  
ARG NH1 HH12 sing N N 35  
ARG NH2 HH21 sing N N 36  
ARG NH2 HH22 sing N N 37  
ARG OXT HXT  sing N N 38  
ASN N   CA   sing N N 39  
ASN N   H    sing N N 40  
ASN N   H2   sing N N 41  
ASN CA  C    sing N N 42  
ASN CA  CB   sing N N 43  
ASN CA  HA   sing N N 44  
ASN C   O    doub N N 45  
ASN C   OXT  sing N N 46  
ASN CB  CG   sing N N 47  
ASN CB  HB2  sing N N 48  
ASN CB  HB3  sing N N 49  
ASN CG  OD1  doub N N 50  
ASN CG  ND2  sing N N 51  
ASN ND2 HD21 sing N N 52  
ASN ND2 HD22 sing N N 53  
ASN OXT HXT  sing N N 54  
ASP N   CA   sing N N 55  
ASP N   H    sing N N 56  
ASP N   H2   sing N N 57  
ASP CA  C    sing N N 58  
ASP CA  CB   sing N N 59  
ASP CA  HA   sing N N 60  
ASP C   O    doub N N 61  
ASP C   OXT  sing N N 62  
ASP CB  CG   sing N N 63  
ASP CB  HB2  sing N N 64  
ASP CB  HB3  sing N N 65  
ASP CG  OD1  doub N N 66  
ASP CG  OD2  sing N N 67  
ASP OD2 HD2  sing N N 68  
ASP OXT HXT  sing N N 69  
CHD C1  C2   sing N N 70  
CHD C1  C10  sing N N 71  
CHD C1  H11  sing N N 72  
CHD C1  H12A sing N N 73  
CHD C2  C3   sing N N 74  
CHD C2  H21  sing N N 75  
CHD C2  H22  sing N N 76  
CHD C3  O3   sing N N 77  
CHD C3  C4   sing N N 78  
CHD C3  H3   sing N N 79  
CHD O3  HO3  sing N N 80  
CHD C4  C5   sing N N 81  
CHD C4  H41  sing N N 82  
CHD C4  H42  sing N N 83  
CHD C5  C6   sing N N 84  
CHD C5  C10  sing N N 85  
CHD C5  H5   sing N N 86  
CHD C6  C7   sing N N 87  
CHD C6  H61  sing N N 88  
CHD C6  H62  sing N N 89  
CHD C7  O7   sing N N 90  
CHD C7  C8   sing N N 91  
CHD C7  H7   sing N N 92  
CHD O7  HO7  sing N N 93  
CHD C8  C9   sing N N 94  
CHD C8  C14  sing N N 95  
CHD C8  H8   sing N N 96  
CHD C9  C10  sing N N 97  
CHD C9  C11  sing N N 98  
CHD C9  H9   sing N N 99  
CHD C10 C19  sing N N 100 
CHD C11 C12  sing N N 101 
CHD C11 H111 sing N N 102 
CHD C11 H112 sing N N 103 
CHD C12 O12  sing N N 104 
CHD C12 C13  sing N N 105 
CHD C12 H12  sing N N 106 
CHD O12 HO12 sing N N 107 
CHD C13 C14  sing N N 108 
CHD C13 C17  sing N N 109 
CHD C13 C18  sing N N 110 
CHD C14 C15  sing N N 111 
CHD C14 H14  sing N N 112 
CHD C15 C16  sing N N 113 
CHD C15 H151 sing N N 114 
CHD C15 H152 sing N N 115 
CHD C16 C17  sing N N 116 
CHD C16 H161 sing N N 117 
CHD C16 H162 sing N N 118 
CHD C17 C20  sing N N 119 
CHD C17 H17  sing N N 120 
CHD C18 H181 sing N N 121 
CHD C18 H182 sing N N 122 
CHD C18 H183 sing N N 123 
CHD C19 H191 sing N N 124 
CHD C19 H192 sing N N 125 
CHD C19 H193 sing N N 126 
CHD C20 C21  sing N N 127 
CHD C20 C22  sing N N 128 
CHD C20 H20  sing N N 129 
CHD C21 H211 sing N N 130 
CHD C21 H212 sing N N 131 
CHD C21 H213 sing N N 132 
CHD C22 C23  sing N N 133 
CHD C22 H221 sing N N 134 
CHD C22 H222 sing N N 135 
CHD C23 C24  sing N N 136 
CHD C23 H231 sing N N 137 
CHD C23 H232 sing N N 138 
CHD O25 C24  doub N N 139 
CHD C24 O26  sing N N 140 
CHD O26 H26  sing N N 141 
CYS N   CA   sing N N 142 
CYS N   H    sing N N 143 
CYS N   H2   sing N N 144 
CYS CA  C    sing N N 145 
CYS CA  CB   sing N N 146 
CYS CA  HA   sing N N 147 
CYS C   O    doub N N 148 
CYS C   OXT  sing N N 149 
CYS CB  SG   sing N N 150 
CYS CB  HB2  sing N N 151 
CYS CB  HB3  sing N N 152 
CYS SG  HG   sing N N 153 
CYS OXT HXT  sing N N 154 
GLN N   CA   sing N N 155 
GLN N   H    sing N N 156 
GLN N   H2   sing N N 157 
GLN CA  C    sing N N 158 
GLN CA  CB   sing N N 159 
GLN CA  HA   sing N N 160 
GLN C   O    doub N N 161 
GLN C   OXT  sing N N 162 
GLN CB  CG   sing N N 163 
GLN CB  HB2  sing N N 164 
GLN CB  HB3  sing N N 165 
GLN CG  CD   sing N N 166 
GLN CG  HG2  sing N N 167 
GLN CG  HG3  sing N N 168 
GLN CD  OE1  doub N N 169 
GLN CD  NE2  sing N N 170 
GLN NE2 HE21 sing N N 171 
GLN NE2 HE22 sing N N 172 
GLN OXT HXT  sing N N 173 
GLU N   CA   sing N N 174 
GLU N   H    sing N N 175 
GLU N   H2   sing N N 176 
GLU CA  C    sing N N 177 
GLU CA  CB   sing N N 178 
GLU CA  HA   sing N N 179 
GLU C   O    doub N N 180 
GLU C   OXT  sing N N 181 
GLU CB  CG   sing N N 182 
GLU CB  HB2  sing N N 183 
GLU CB  HB3  sing N N 184 
GLU CG  CD   sing N N 185 
GLU CG  HG2  sing N N 186 
GLU CG  HG3  sing N N 187 
GLU CD  OE1  doub N N 188 
GLU CD  OE2  sing N N 189 
GLU OE2 HE2  sing N N 190 
GLU OXT HXT  sing N N 191 
GLY N   CA   sing N N 192 
GLY N   H    sing N N 193 
GLY N   H2   sing N N 194 
GLY CA  C    sing N N 195 
GLY CA  HA2  sing N N 196 
GLY CA  HA3  sing N N 197 
GLY C   O    doub N N 198 
GLY C   OXT  sing N N 199 
GLY OXT HXT  sing N N 200 
HIS N   CA   sing N N 201 
HIS N   H    sing N N 202 
HIS N   H2   sing N N 203 
HIS CA  C    sing N N 204 
HIS CA  CB   sing N N 205 
HIS CA  HA   sing N N 206 
HIS C   O    doub N N 207 
HIS C   OXT  sing N N 208 
HIS CB  CG   sing N N 209 
HIS CB  HB2  sing N N 210 
HIS CB  HB3  sing N N 211 
HIS CG  ND1  sing Y N 212 
HIS CG  CD2  doub Y N 213 
HIS ND1 CE1  doub Y N 214 
HIS ND1 HD1  sing N N 215 
HIS CD2 NE2  sing Y N 216 
HIS CD2 HD2  sing N N 217 
HIS CE1 NE2  sing Y N 218 
HIS CE1 HE1  sing N N 219 
HIS NE2 HE2  sing N N 220 
HIS OXT HXT  sing N N 221 
HOH O   H1   sing N N 222 
HOH O   H2   sing N N 223 
ILE N   CA   sing N N 224 
ILE N   H    sing N N 225 
ILE N   H2   sing N N 226 
ILE CA  C    sing N N 227 
ILE CA  CB   sing N N 228 
ILE CA  HA   sing N N 229 
ILE C   O    doub N N 230 
ILE C   OXT  sing N N 231 
ILE CB  CG1  sing N N 232 
ILE CB  CG2  sing N N 233 
ILE CB  HB   sing N N 234 
ILE CG1 CD1  sing N N 235 
ILE CG1 HG12 sing N N 236 
ILE CG1 HG13 sing N N 237 
ILE CG2 HG21 sing N N 238 
ILE CG2 HG22 sing N N 239 
ILE CG2 HG23 sing N N 240 
ILE CD1 HD11 sing N N 241 
ILE CD1 HD12 sing N N 242 
ILE CD1 HD13 sing N N 243 
ILE OXT HXT  sing N N 244 
LEU N   CA   sing N N 245 
LEU N   H    sing N N 246 
LEU N   H2   sing N N 247 
LEU CA  C    sing N N 248 
LEU CA  CB   sing N N 249 
LEU CA  HA   sing N N 250 
LEU C   O    doub N N 251 
LEU C   OXT  sing N N 252 
LEU CB  CG   sing N N 253 
LEU CB  HB2  sing N N 254 
LEU CB  HB3  sing N N 255 
LEU CG  CD1  sing N N 256 
LEU CG  CD2  sing N N 257 
LEU CG  HG   sing N N 258 
LEU CD1 HD11 sing N N 259 
LEU CD1 HD12 sing N N 260 
LEU CD1 HD13 sing N N 261 
LEU CD2 HD21 sing N N 262 
LEU CD2 HD22 sing N N 263 
LEU CD2 HD23 sing N N 264 
LEU OXT HXT  sing N N 265 
LYS N   CA   sing N N 266 
LYS N   H    sing N N 267 
LYS N   H2   sing N N 268 
LYS CA  C    sing N N 269 
LYS CA  CB   sing N N 270 
LYS CA  HA   sing N N 271 
LYS C   O    doub N N 272 
LYS C   OXT  sing N N 273 
LYS CB  CG   sing N N 274 
LYS CB  HB2  sing N N 275 
LYS CB  HB3  sing N N 276 
LYS CG  CD   sing N N 277 
LYS CG  HG2  sing N N 278 
LYS CG  HG3  sing N N 279 
LYS CD  CE   sing N N 280 
LYS CD  HD2  sing N N 281 
LYS CD  HD3  sing N N 282 
LYS CE  NZ   sing N N 283 
LYS CE  HE2  sing N N 284 
LYS CE  HE3  sing N N 285 
LYS NZ  HZ1  sing N N 286 
LYS NZ  HZ2  sing N N 287 
LYS NZ  HZ3  sing N N 288 
LYS OXT HXT  sing N N 289 
MET N   CA   sing N N 290 
MET N   H    sing N N 291 
MET N   H2   sing N N 292 
MET CA  C    sing N N 293 
MET CA  CB   sing N N 294 
MET CA  HA   sing N N 295 
MET C   O    doub N N 296 
MET C   OXT  sing N N 297 
MET CB  CG   sing N N 298 
MET CB  HB2  sing N N 299 
MET CB  HB3  sing N N 300 
MET CG  SD   sing N N 301 
MET CG  HG2  sing N N 302 
MET CG  HG3  sing N N 303 
MET SD  CE   sing N N 304 
MET CE  HE1  sing N N 305 
MET CE  HE2  sing N N 306 
MET CE  HE3  sing N N 307 
MET OXT HXT  sing N N 308 
PHE N   CA   sing N N 309 
PHE N   H    sing N N 310 
PHE N   H2   sing N N 311 
PHE CA  C    sing N N 312 
PHE CA  CB   sing N N 313 
PHE CA  HA   sing N N 314 
PHE C   O    doub N N 315 
PHE C   OXT  sing N N 316 
PHE CB  CG   sing N N 317 
PHE CB  HB2  sing N N 318 
PHE CB  HB3  sing N N 319 
PHE CG  CD1  doub Y N 320 
PHE CG  CD2  sing Y N 321 
PHE CD1 CE1  sing Y N 322 
PHE CD1 HD1  sing N N 323 
PHE CD2 CE2  doub Y N 324 
PHE CD2 HD2  sing N N 325 
PHE CE1 CZ   doub Y N 326 
PHE CE1 HE1  sing N N 327 
PHE CE2 CZ   sing Y N 328 
PHE CE2 HE2  sing N N 329 
PHE CZ  HZ   sing N N 330 
PHE OXT HXT  sing N N 331 
PRO N   CA   sing N N 332 
PRO N   CD   sing N N 333 
PRO N   H    sing N N 334 
PRO CA  C    sing N N 335 
PRO CA  CB   sing N N 336 
PRO CA  HA   sing N N 337 
PRO C   O    doub N N 338 
PRO C   OXT  sing N N 339 
PRO CB  CG   sing N N 340 
PRO CB  HB2  sing N N 341 
PRO CB  HB3  sing N N 342 
PRO CG  CD   sing N N 343 
PRO CG  HG2  sing N N 344 
PRO CG  HG3  sing N N 345 
PRO CD  HD2  sing N N 346 
PRO CD  HD3  sing N N 347 
PRO OXT HXT  sing N N 348 
SER N   CA   sing N N 349 
SER N   H    sing N N 350 
SER N   H2   sing N N 351 
SER CA  C    sing N N 352 
SER CA  CB   sing N N 353 
SER CA  HA   sing N N 354 
SER C   O    doub N N 355 
SER C   OXT  sing N N 356 
SER CB  OG   sing N N 357 
SER CB  HB2  sing N N 358 
SER CB  HB3  sing N N 359 
SER OG  HG   sing N N 360 
SER OXT HXT  sing N N 361 
THR N   CA   sing N N 362 
THR N   H    sing N N 363 
THR N   H2   sing N N 364 
THR CA  C    sing N N 365 
THR CA  CB   sing N N 366 
THR CA  HA   sing N N 367 
THR C   O    doub N N 368 
THR C   OXT  sing N N 369 
THR CB  OG1  sing N N 370 
THR CB  CG2  sing N N 371 
THR CB  HB   sing N N 372 
THR OG1 HG1  sing N N 373 
THR CG2 HG21 sing N N 374 
THR CG2 HG22 sing N N 375 
THR CG2 HG23 sing N N 376 
THR OXT HXT  sing N N 377 
TRP N   CA   sing N N 378 
TRP N   H    sing N N 379 
TRP N   H2   sing N N 380 
TRP CA  C    sing N N 381 
TRP CA  CB   sing N N 382 
TRP CA  HA   sing N N 383 
TRP C   O    doub N N 384 
TRP C   OXT  sing N N 385 
TRP CB  CG   sing N N 386 
TRP CB  HB2  sing N N 387 
TRP CB  HB3  sing N N 388 
TRP CG  CD1  doub Y N 389 
TRP CG  CD2  sing Y N 390 
TRP CD1 NE1  sing Y N 391 
TRP CD1 HD1  sing N N 392 
TRP CD2 CE2  doub Y N 393 
TRP CD2 CE3  sing Y N 394 
TRP NE1 CE2  sing Y N 395 
TRP NE1 HE1  sing N N 396 
TRP CE2 CZ2  sing Y N 397 
TRP CE3 CZ3  doub Y N 398 
TRP CE3 HE3  sing N N 399 
TRP CZ2 CH2  doub Y N 400 
TRP CZ2 HZ2  sing N N 401 
TRP CZ3 CH2  sing Y N 402 
TRP CZ3 HZ3  sing N N 403 
TRP CH2 HH2  sing N N 404 
TRP OXT HXT  sing N N 405 
TYR N   CA   sing N N 406 
TYR N   H    sing N N 407 
TYR N   H2   sing N N 408 
TYR CA  C    sing N N 409 
TYR CA  CB   sing N N 410 
TYR CA  HA   sing N N 411 
TYR C   O    doub N N 412 
TYR C   OXT  sing N N 413 
TYR CB  CG   sing N N 414 
TYR CB  HB2  sing N N 415 
TYR CB  HB3  sing N N 416 
TYR CG  CD1  doub Y N 417 
TYR CG  CD2  sing Y N 418 
TYR CD1 CE1  sing Y N 419 
TYR CD1 HD1  sing N N 420 
TYR CD2 CE2  doub Y N 421 
TYR CD2 HD2  sing N N 422 
TYR CE1 CZ   doub Y N 423 
TYR CE1 HE1  sing N N 424 
TYR CE2 CZ   sing Y N 425 
TYR CE2 HE2  sing N N 426 
TYR CZ  OH   sing N N 427 
TYR OH  HH   sing N N 428 
TYR OXT HXT  sing N N 429 
VAL N   CA   sing N N 430 
VAL N   H    sing N N 431 
VAL N   H2   sing N N 432 
VAL CA  C    sing N N 433 
VAL CA  CB   sing N N 434 
VAL CA  HA   sing N N 435 
VAL C   O    doub N N 436 
VAL C   OXT  sing N N 437 
VAL CB  CG1  sing N N 438 
VAL CB  CG2  sing N N 439 
VAL CB  HB   sing N N 440 
VAL CG1 HG11 sing N N 441 
VAL CG1 HG12 sing N N 442 
VAL CG1 HG13 sing N N 443 
VAL CG2 HG21 sing N N 444 
VAL CG2 HG22 sing N N 445 
VAL CG2 HG23 sing N N 446 
VAL OXT HXT  sing N N 447 
# 
_pdbx_initial_refinement_model.id               1 
_pdbx_initial_refinement_model.entity_id_list   ? 
_pdbx_initial_refinement_model.type             'experimental model' 
_pdbx_initial_refinement_model.source_name      PDB 
_pdbx_initial_refinement_model.accession_code   2BO1 
_pdbx_initial_refinement_model.details          'PDB entry 2BO1' 
# 
_atom_sites.entry_id                    2AZY 
_atom_sites.fract_transf_matrix[1][1]   -0.00291436 
_atom_sites.fract_transf_matrix[1][2]   0.00188639 
_atom_sites.fract_transf_matrix[1][3]   -0.01611924 
_atom_sites.fract_transf_matrix[2][1]   0.01198698 
_atom_sites.fract_transf_matrix[2][2]   -0.00291333 
_atom_sites.fract_transf_matrix[2][3]   -0.01094130 
_atom_sites.fract_transf_matrix[3][1]   -0.00445428 
_atom_sites.fract_transf_matrix[3][2]   -0.01483269 
_atom_sites.fract_transf_matrix[3][3]   -0.00093050 
_atom_sites.fract_transf_vector[1]      0.765417 
_atom_sites.fract_transf_vector[2]      0.364810 
_atom_sites.fract_transf_vector[3]      0.293208 
# 
loop_
_atom_type.symbol 
C  
CA 
N  
O  
S  
# 
loop_
_atom_site.group_PDB 
_atom_site.id 
_atom_site.type_symbol 
_atom_site.label_atom_id 
_atom_site.label_alt_id 
_atom_site.label_comp_id 
_atom_site.label_asym_id 
_atom_site.label_entity_id 
_atom_site.label_seq_id 
_atom_site.pdbx_PDB_ins_code 
_atom_site.Cartn_x 
_atom_site.Cartn_y 
_atom_site.Cartn_z 
_atom_site.occupancy 
_atom_site.B_iso_or_equiv 
_atom_site.pdbx_formal_charge 
_atom_site.auth_seq_id 
_atom_site.auth_comp_id 
_atom_site.auth_asym_id 
_atom_site.auth_atom_id 
_atom_site.pdbx_PDB_model_num 
ATOM   1    N  N   . ALA A 1 1   ? 0.765   6.802   -7.231  1.00 18.59 ? 1   ALA A N   1 
ATOM   2    C  CA  . ALA A 1 1   ? 1.632   7.543   -6.266  1.00 18.59 ? 1   ALA A CA  1 
ATOM   3    C  C   . ALA A 1 1   ? 1.078   7.405   -4.852  1.00 18.65 ? 1   ALA A C   1 
ATOM   4    O  O   . ALA A 1 1   ? -0.104  7.116   -4.667  1.00 17.97 ? 1   ALA A O   1 
ATOM   5    C  CB  . ALA A 1 1   ? 1.709   9.022   -6.659  1.00 17.60 ? 1   ALA A CB  1 
ATOM   6    N  N   . LEU A 1 2   ? 1.938   7.614   -3.859  1.00 18.33 ? 2   LEU A N   1 
ATOM   7    C  CA  . LEU A 1 2   ? 1.548   7.506   -2.453  1.00 18.75 ? 2   LEU A CA  1 
ATOM   8    C  C   . LEU A 1 2   ? 0.219   8.184   -2.105  1.00 18.21 ? 2   LEU A C   1 
ATOM   9    O  O   . LEU A 1 2   ? -0.637  7.581   -1.462  1.00 17.55 ? 2   LEU A O   1 
ATOM   10   C  CB  . LEU A 1 2   ? 2.647   8.083   -1.551  1.00 17.85 ? 2   LEU A CB  1 
ATOM   11   C  CG  . LEU A 1 2   ? 2.331   8.118   -0.050  1.00 18.25 ? 2   LEU A CG  1 
ATOM   12   C  CD1 . LEU A 1 2   ? 2.132   6.695   0.467   1.00 18.80 ? 2   LEU A CD1 1 
ATOM   13   C  CD2 . LEU A 1 2   ? 3.468   8.804   0.701   1.00 19.90 ? 2   LEU A CD2 1 
ATOM   14   N  N   . TRP A 1 3   ? 0.043   9.433   -2.524  1.00 19.29 ? 3   TRP A N   1 
ATOM   15   C  CA  . TRP A 1 3   ? -1.186  10.143  -2.197  1.00 18.58 ? 3   TRP A CA  1 
ATOM   16   C  C   . TRP A 1 3   ? -2.421  9.482   -2.794  1.00 18.81 ? 3   TRP A C   1 
ATOM   17   O  O   . TRP A 1 3   ? -3.518  9.595   -2.247  1.00 18.49 ? 3   TRP A O   1 
ATOM   18   C  CB  . TRP A 1 3   ? -1.105  11.614  -2.635  1.00 19.79 ? 3   TRP A CB  1 
ATOM   19   C  CG  . TRP A 1 3   ? -1.299  11.869  -4.099  1.00 19.71 ? 3   TRP A CG  1 
ATOM   20   C  CD1 . TRP A 1 3   ? -0.345  11.853  -5.074  1.00 21.51 ? 3   TRP A CD1 1 
ATOM   21   C  CD2 . TRP A 1 3   ? -2.527  12.221  -4.743  1.00 21.24 ? 3   TRP A CD2 1 
ATOM   22   N  NE1 . TRP A 1 3   ? -0.902  12.180  -6.291  1.00 20.93 ? 3   TRP A NE1 1 
ATOM   23   C  CE2 . TRP A 1 3   ? -2.240  12.410  -6.115  1.00 22.67 ? 3   TRP A CE2 1 
ATOM   24   C  CE3 . TRP A 1 3   ? -3.843  12.396  -4.294  1.00 21.62 ? 3   TRP A CE3 1 
ATOM   25   C  CZ2 . TRP A 1 3   ? -3.225  12.767  -7.044  1.00 22.92 ? 3   TRP A CZ2 1 
ATOM   26   C  CZ3 . TRP A 1 3   ? -4.824  12.752  -5.216  1.00 23.46 ? 3   TRP A CZ3 1 
ATOM   27   C  CH2 . TRP A 1 3   ? -4.506  12.933  -6.577  1.00 23.75 ? 3   TRP A CH2 1 
ATOM   28   N  N   . GLN A 1 4   ? -2.241  8.781   -3.910  1.00 17.60 ? 4   GLN A N   1 
ATOM   29   C  CA  . GLN A 1 4   ? -3.354  8.103   -4.567  1.00 18.46 ? 4   GLN A CA  1 
ATOM   30   C  C   . GLN A 1 4   ? -3.646  6.809   -3.816  1.00 18.06 ? 4   GLN A C   1 
ATOM   31   O  O   . GLN A 1 4   ? -4.789  6.369   -3.733  1.00 17.98 ? 4   GLN A O   1 
ATOM   32   C  CB  . GLN A 1 4   ? -2.998  7.815   -6.028  1.00 18.11 ? 4   GLN A CB  1 
ATOM   33   C  CG  . GLN A 1 4   ? -2.654  9.086   -6.811  1.00 18.19 ? 4   GLN A CG  1 
ATOM   34   C  CD  . GLN A 1 4   ? -2.253  8.810   -8.245  1.00 18.33 ? 4   GLN A CD  1 
ATOM   35   O  OE1 . GLN A 1 4   ? -1.316  8.058   -8.503  1.00 18.93 ? 4   GLN A OE1 1 
ATOM   36   N  NE2 . GLN A 1 4   ? -2.960  9.428   -9.190  1.00 17.95 ? 4   GLN A NE2 1 
ATOM   37   N  N   . PHE A 1 5   ? -2.596  6.205   -3.273  1.00 17.85 ? 5   PHE A N   1 
ATOM   38   C  CA  . PHE A 1 5   ? -2.739  4.984   -2.494  1.00 18.18 ? 5   PHE A CA  1 
ATOM   39   C  C   . PHE A 1 5   ? -3.587  5.344   -1.271  1.00 19.34 ? 5   PHE A C   1 
ATOM   40   O  O   . PHE A 1 5   ? -4.507  4.611   -0.901  1.00 19.19 ? 5   PHE A O   1 
ATOM   41   C  CB  . PHE A 1 5   ? -1.348  4.479   -2.089  1.00 18.09 ? 5   PHE A CB  1 
ATOM   42   C  CG  . PHE A 1 5   ? -1.356  3.212   -1.267  1.00 19.30 ? 5   PHE A CG  1 
ATOM   43   C  CD1 . PHE A 1 5   ? -2.289  2.204   -1.504  1.00 18.20 ? 5   PHE A CD1 1 
ATOM   44   C  CD2 . PHE A 1 5   ? -0.381  3.005   -0.292  1.00 20.31 ? 5   PHE A CD2 1 
ATOM   45   C  CE1 . PHE A 1 5   ? -2.248  1.011   -0.784  1.00 19.17 ? 5   PHE A CE1 1 
ATOM   46   C  CE2 . PHE A 1 5   ? -0.330  1.813   0.432   1.00 20.03 ? 5   PHE A CE2 1 
ATOM   47   C  CZ  . PHE A 1 5   ? -1.267  0.813   0.182   1.00 19.17 ? 5   PHE A CZ  1 
ATOM   48   N  N   . ARG A 1 6   ? -3.285  6.488   -0.659  1.00 18.77 ? 6   ARG A N   1 
ATOM   49   C  CA  . ARG A 1 6   ? -4.041  6.947   0.502   1.00 19.16 ? 6   ARG A CA  1 
ATOM   50   C  C   . ARG A 1 6   ? -5.496  7.169   0.108   1.00 19.51 ? 6   ARG A C   1 
ATOM   51   O  O   . ARG A 1 6   ? -6.409  6.875   0.879   1.00 19.42 ? 6   ARG A O   1 
ATOM   52   C  CB  . ARG A 1 6   ? -3.468  8.261   1.058   1.00 19.11 ? 6   ARG A CB  1 
ATOM   53   C  CG  . ARG A 1 6   ? -2.091  8.148   1.698   1.00 19.87 ? 6   ARG A CG  1 
ATOM   54   C  CD  . ARG A 1 6   ? -1.786  9.383   2.547   1.00 21.06 ? 6   ARG A CD  1 
ATOM   55   N  NE  . ARG A 1 6   ? -1.738  10.616  1.759   1.00 20.83 ? 6   ARG A NE  1 
ATOM   56   C  CZ  . ARG A 1 6   ? -0.619  11.192  1.325   1.00 21.85 ? 6   ARG A CZ  1 
ATOM   57   N  NH1 . ARG A 1 6   ? -0.681  12.312  0.613   1.00 21.09 ? 6   ARG A NH1 1 
ATOM   58   N  NH2 . ARG A 1 6   ? 0.563   10.662  1.608   1.00 19.82 ? 6   ARG A NH2 1 
ATOM   59   N  N   . SER A 1 7   ? -5.703  7.696   -1.096  1.00 20.60 ? 7   SER A N   1 
ATOM   60   C  CA  . SER A 1 7   ? -7.044  7.958   -1.603  1.00 20.98 ? 7   SER A CA  1 
ATOM   61   C  C   . SER A 1 7   ? -7.822  6.662   -1.812  1.00 20.51 ? 7   SER A C   1 
ATOM   62   O  O   . SER A 1 7   ? -9.020  6.595   -1.528  1.00 18.95 ? 7   SER A O   1 
ATOM   63   C  CB  . SER A 1 7   ? -6.966  8.731   -2.920  1.00 22.27 ? 7   SER A CB  1 
ATOM   64   O  OG  . SER A 1 7   ? -8.262  8.921   -3.460  1.00 26.63 ? 7   SER A OG  1 
ATOM   65   N  N   . MET A 1 8   ? -7.143  5.638   -2.326  1.00 20.11 ? 8   MET A N   1 
ATOM   66   C  CA  . MET A 1 8   ? -7.775  4.338   -2.543  1.00 20.61 ? 8   MET A CA  1 
ATOM   67   C  C   . MET A 1 8   ? -8.223  3.766   -1.207  1.00 21.22 ? 8   MET A C   1 
ATOM   68   O  O   . MET A 1 8   ? -9.288  3.160   -1.100  1.00 22.83 ? 8   MET A O   1 
ATOM   69   C  CB  . MET A 1 8   ? -6.798  3.342   -3.169  1.00 20.40 ? 8   MET A CB  1 
ATOM   70   C  CG  . MET A 1 8   ? -6.447  3.568   -4.623  1.00 20.47 ? 8   MET A CG  1 
ATOM   71   S  SD  . MET A 1 8   ? -5.616  2.088   -5.240  1.00 19.72 ? 8   MET A SD  1 
ATOM   72   C  CE  . MET A 1 8   ? -5.423  2.485   -6.986  1.00 17.50 ? 8   MET A CE  1 
ATOM   73   N  N   . ILE A 1 9   ? -7.383  3.945   -0.193  1.00 21.34 ? 9   ILE A N   1 
ATOM   74   C  CA  . ILE A 1 9   ? -7.676  3.441   1.142   1.00 21.09 ? 9   ILE A CA  1 
ATOM   75   C  C   . ILE A 1 9   ? -8.935  4.100   1.699   1.00 22.53 ? 9   ILE A C   1 
ATOM   76   O  O   . ILE A 1 9   ? -9.766  3.437   2.324   1.00 22.47 ? 9   ILE A O   1 
ATOM   77   C  CB  . ILE A 1 9   ? -6.471  3.675   2.075   1.00 20.61 ? 9   ILE A CB  1 
ATOM   78   C  CG1 . ILE A 1 9   ? -5.282  2.853   1.563   1.00 20.66 ? 9   ILE A CG1 1 
ATOM   79   C  CG2 . ILE A 1 9   ? -6.813  3.273   3.513   1.00 22.89 ? 9   ILE A CG2 1 
ATOM   80   C  CD1 . ILE A 1 9   ? -3.967  3.158   2.252   1.00 22.07 ? 9   ILE A CD1 1 
ATOM   81   N  N   . LYS A 1 10  ? -9.086  5.401   1.466   1.00 23.10 ? 10  LYS A N   1 
ATOM   82   C  CA  . LYS A 1 10  ? -10.276 6.101   1.936   1.00 24.62 ? 10  LYS A CA  1 
ATOM   83   C  C   . LYS A 1 10  ? -11.481 5.614   1.134   1.00 24.44 ? 10  LYS A C   1 
ATOM   84   O  O   . LYS A 1 10  ? -12.602 5.579   1.636   1.00 25.34 ? 10  LYS A O   1 
ATOM   85   C  CB  . LYS A 1 10  ? -10.101 7.614   1.778   1.00 25.26 ? 10  LYS A CB  1 
ATOM   86   C  CG  . LYS A 1 10  ? -9.136  8.222   2.786   1.00 27.21 ? 10  LYS A CG  1 
ATOM   87   C  CD  . LYS A 1 10  ? -9.761  8.272   4.177   1.00 29.62 ? 10  LYS A CD  1 
ATOM   88   C  CE  . LYS A 1 10  ? -8.736  8.600   5.256   1.00 29.93 ? 10  LYS A CE  1 
ATOM   89   N  NZ  . LYS A 1 10  ? -7.823  7.452   5.522   1.00 29.00 ? 10  LYS A NZ  1 
ATOM   90   N  N   . CYS A 1 11  ? -11.237 5.229   -0.114  1.00 24.72 ? 11  CYS A N   1 
ATOM   91   C  CA  . CYS A 1 11  ? -12.298 4.726   -0.980  1.00 25.72 ? 11  CYS A CA  1 
ATOM   92   C  C   . CYS A 1 11  ? -12.849 3.410   -0.433  1.00 25.36 ? 11  CYS A C   1 
ATOM   93   O  O   . CYS A 1 11  ? -14.056 3.263   -0.229  1.00 24.72 ? 11  CYS A O   1 
ATOM   94   C  CB  . CYS A 1 11  ? -11.760 4.498   -2.397  1.00 26.64 ? 11  CYS A CB  1 
ATOM   95   S  SG  . CYS A 1 11  ? -12.954 3.742   -3.552  1.00 27.40 ? 11  CYS A SG  1 
ATOM   96   N  N   . ALA A 1 12  ? -11.952 2.460   -0.197  1.00 24.30 ? 12  ALA A N   1 
ATOM   97   C  CA  . ALA A 1 12  ? -12.338 1.149   0.312   1.00 24.91 ? 12  ALA A CA  1 
ATOM   98   C  C   . ALA A 1 12  ? -12.726 1.177   1.787   1.00 25.74 ? 12  ALA A C   1 
ATOM   99   O  O   . ALA A 1 12  ? -13.521 0.348   2.240   1.00 25.87 ? 12  ALA A O   1 
ATOM   100  C  CB  . ALA A 1 12  ? -11.201 0.156   0.095   1.00 24.30 ? 12  ALA A CB  1 
ATOM   101  N  N   . ILE A 1 13  ? -12.164 2.121   2.536   1.00 24.87 ? 13  ILE A N   1 
ATOM   102  C  CA  . ILE A 1 13  ? -12.452 2.231   3.965   1.00 25.55 ? 13  ILE A CA  1 
ATOM   103  C  C   . ILE A 1 13  ? -12.800 3.670   4.331   1.00 25.75 ? 13  ILE A C   1 
ATOM   104  O  O   . ILE A 1 13  ? -11.987 4.392   4.915   1.00 24.36 ? 13  ILE A O   1 
ATOM   105  C  CB  . ILE A 1 13  ? -11.246 1.776   4.811   1.00 25.45 ? 13  ILE A CB  1 
ATOM   106  C  CG1 . ILE A 1 13  ? -10.704 0.454   4.262   1.00 24.73 ? 13  ILE A CG1 1 
ATOM   107  C  CG2 . ILE A 1 13  ? -11.666 1.599   6.266   1.00 25.74 ? 13  ILE A CG2 1 
ATOM   108  C  CD1 . ILE A 1 13  ? -9.482  -0.060  4.985   1.00 26.23 ? 13  ILE A CD1 1 
ATOM   109  N  N   . PRO A 1 14  ? -14.028 4.097   4.002   1.00 26.97 ? 14  PRO A N   1 
ATOM   110  C  CA  . PRO A 1 14  ? -14.541 5.444   4.268   1.00 28.13 ? 14  PRO A CA  1 
ATOM   111  C  C   . PRO A 1 14  ? -14.325 5.932   5.700   1.00 28.93 ? 14  PRO A C   1 
ATOM   112  O  O   . PRO A 1 14  ? -14.071 7.115   5.926   1.00 28.95 ? 14  PRO A O   1 
ATOM   113  C  CB  . PRO A 1 14  ? -16.026 5.318   3.930   1.00 29.09 ? 14  PRO A CB  1 
ATOM   114  C  CG  . PRO A 1 14  ? -16.044 4.270   2.872   1.00 29.44 ? 14  PRO A CG  1 
ATOM   115  C  CD  . PRO A 1 14  ? -15.076 3.249   3.404   1.00 27.06 ? 14  PRO A CD  1 
ATOM   116  N  N   . GLY A 1 15  ? -14.423 5.017   6.660   1.00 30.08 ? 15  GLY A N   1 
ATOM   117  C  CA  . GLY A 1 15  ? -14.265 5.388   8.056   1.00 31.75 ? 15  GLY A CA  1 
ATOM   118  C  C   . GLY A 1 15  ? -12.857 5.456   8.621   1.00 32.64 ? 15  GLY A C   1 
ATOM   119  O  O   . GLY A 1 15  ? -12.692 5.692   9.820   1.00 33.49 ? 15  GLY A O   1 
ATOM   120  N  N   . SER A 1 16  ? -11.841 5.255   7.787   1.00 31.50 ? 16  SER A N   1 
ATOM   121  C  CA  . SER A 1 16  ? -10.463 5.312   8.270   1.00 32.12 ? 16  SER A CA  1 
ATOM   122  C  C   . SER A 1 16  ? -10.108 6.739   8.696   1.00 32.50 ? 16  SER A C   1 
ATOM   123  O  O   . SER A 1 16  ? -10.631 7.709   8.148   1.00 33.52 ? 16  SER A O   1 
ATOM   124  C  CB  . SER A 1 16  ? -9.495  4.805   7.194   1.00 30.10 ? 16  SER A CB  1 
ATOM   125  O  OG  . SER A 1 16  ? -9.695  5.467   5.962   1.00 30.27 ? 16  SER A OG  1 
ATOM   126  N  N   . HIS A 1 17  ? -9.211  6.857   9.669   1.00 33.21 ? 17  HIS A N   1 
ATOM   127  C  CA  . HIS A 1 17  ? -8.817  8.155   10.216  1.00 33.14 ? 17  HIS A CA  1 
ATOM   128  C  C   . HIS A 1 17  ? -7.552  8.781   9.622   1.00 31.37 ? 17  HIS A C   1 
ATOM   129  O  O   . HIS A 1 17  ? -6.491  8.164   9.607   1.00 30.19 ? 17  HIS A O   1 
ATOM   130  C  CB  . HIS A 1 17  ? -8.657  8.018   11.731  1.00 35.71 ? 17  HIS A CB  1 
ATOM   131  C  CG  . HIS A 1 17  ? -9.816  7.340   12.395  1.00 39.20 ? 17  HIS A CG  1 
ATOM   132  N  ND1 . HIS A 1 17  ? -11.066 7.915   12.482  1.00 40.87 ? 17  HIS A ND1 1 
ATOM   133  C  CD2 . HIS A 1 17  ? -9.923  6.119   12.972  1.00 40.90 ? 17  HIS A CD2 1 
ATOM   134  C  CE1 . HIS A 1 17  ? -11.893 7.078   13.084  1.00 40.82 ? 17  HIS A CE1 1 
ATOM   135  N  NE2 . HIS A 1 17  ? -11.225 5.981   13.391  1.00 41.40 ? 17  HIS A NE2 1 
ATOM   136  N  N   . PRO A 1 18  ? -7.658  10.032  9.140   1.00 30.42 ? 18  PRO A N   1 
ATOM   137  C  CA  . PRO A 1 18  ? -6.543  10.776  8.541   1.00 29.66 ? 18  PRO A CA  1 
ATOM   138  C  C   . PRO A 1 18  ? -5.289  10.831  9.414   1.00 28.71 ? 18  PRO A C   1 
ATOM   139  O  O   . PRO A 1 18  ? -4.169  10.697  8.920   1.00 28.82 ? 18  PRO A O   1 
ATOM   140  C  CB  . PRO A 1 18  ? -7.140  12.163  8.316   1.00 30.25 ? 18  PRO A CB  1 
ATOM   141  C  CG  . PRO A 1 18  ? -8.572  11.856  8.019   1.00 30.97 ? 18  PRO A CG  1 
ATOM   142  C  CD  . PRO A 1 18  ? -8.902  10.818  9.070   1.00 31.19 ? 18  PRO A CD  1 
ATOM   143  N  N   . LEU A 1 19  ? -5.476  11.031  10.715  1.00 27.31 ? 19  LEU A N   1 
ATOM   144  C  CA  . LEU A 1 19  ? -4.346  11.114  11.632  1.00 27.54 ? 19  LEU A CA  1 
ATOM   145  C  C   . LEU A 1 19  ? -3.535  9.821   11.718  1.00 25.92 ? 19  LEU A C   1 
ATOM   146  O  O   . LEU A 1 19  ? -2.400  9.825   12.194  1.00 25.11 ? 19  LEU A O   1 
ATOM   147  C  CB  . LEU A 1 19  ? -4.832  11.527  13.024  1.00 29.83 ? 19  LEU A CB  1 
ATOM   148  C  CG  . LEU A 1 19  ? -5.415  12.943  13.086  1.00 31.22 ? 19  LEU A CG  1 
ATOM   149  C  CD1 . LEU A 1 19  ? -5.932  13.238  14.487  1.00 31.76 ? 19  LEU A CD1 1 
ATOM   150  C  CD2 . LEU A 1 19  ? -4.341  13.947  12.691  1.00 32.60 ? 19  LEU A CD2 1 
ATOM   151  N  N   . MET A 1 20  ? -4.109  8.717   11.253  1.00 24.38 ? 20  MET A N   1 
ATOM   152  C  CA  . MET A 1 20  ? -3.403  7.440   11.286  1.00 23.20 ? 20  MET A CA  1 
ATOM   153  C  C   . MET A 1 20  ? -2.158  7.508   10.399  1.00 21.67 ? 20  MET A C   1 
ATOM   154  O  O   . MET A 1 20  ? -1.197  6.767   10.606  1.00 21.10 ? 20  MET A O   1 
ATOM   155  C  CB  . MET A 1 20  ? -4.316  6.309   10.801  1.00 24.51 ? 20  MET A CB  1 
ATOM   156  C  CG  . MET A 1 20  ? -3.692  4.916   10.893  1.00 24.37 ? 20  MET A CG  1 
ATOM   157  S  SD  . MET A 1 20  ? -3.353  4.386   12.595  1.00 28.87 ? 20  MET A SD  1 
ATOM   158  C  CE  . MET A 1 20  ? -4.987  3.804   13.093  1.00 28.68 ? 20  MET A CE  1 
ATOM   159  N  N   . ASP A 1 21  ? -2.175  8.409   9.417   1.00 19.34 ? 21  ASP A N   1 
ATOM   160  C  CA  . ASP A 1 21  ? -1.048  8.560   8.499   1.00 19.45 ? 21  ASP A CA  1 
ATOM   161  C  C   . ASP A 1 21  ? 0.256   8.948   9.197   1.00 19.44 ? 21  ASP A C   1 
ATOM   162  O  O   . ASP A 1 21  ? 1.340   8.754   8.644   1.00 19.72 ? 21  ASP A O   1 
ATOM   163  C  CB  . ASP A 1 21  ? -1.385  9.589   7.406   1.00 20.75 ? 21  ASP A CB  1 
ATOM   164  C  CG  . ASP A 1 21  ? -2.515  9.128   6.496   1.00 23.80 ? 21  ASP A CG  1 
ATOM   165  O  OD1 . ASP A 1 21  ? -2.899  7.941   6.581   1.00 26.11 ? 21  ASP A OD1 1 
ATOM   166  O  OD2 . ASP A 1 21  ? -3.015  9.945   5.687   1.00 23.89 ? 21  ASP A OD2 1 
ATOM   167  N  N   . PHE A 1 22  ? 0.151   9.492   10.407  1.00 19.37 ? 22  PHE A N   1 
ATOM   168  C  CA  . PHE A 1 22  ? 1.331   9.888   11.185  1.00 21.13 ? 22  PHE A CA  1 
ATOM   169  C  C   . PHE A 1 22  ? 2.004   8.668   11.812  1.00 22.41 ? 22  PHE A C   1 
ATOM   170  O  O   . PHE A 1 22  ? 3.163   8.727   12.224  1.00 22.64 ? 22  PHE A O   1 
ATOM   171  C  CB  . PHE A 1 22  ? 0.938   10.827  12.334  1.00 21.27 ? 22  PHE A CB  1 
ATOM   172  C  CG  . PHE A 1 22  ? 0.801   12.270  11.942  1.00 21.03 ? 22  PHE A CG  1 
ATOM   173  C  CD1 . PHE A 1 22  ? 1.912   13.003  11.533  1.00 20.02 ? 22  PHE A CD1 1 
ATOM   174  C  CD2 . PHE A 1 22  ? -0.431  12.911  12.035  1.00 20.71 ? 22  PHE A CD2 1 
ATOM   175  C  CE1 . PHE A 1 22  ? 1.797   14.362  11.225  1.00 21.34 ? 22  PHE A CE1 1 
ATOM   176  C  CE2 . PHE A 1 22  ? -0.557  14.269  11.732  1.00 21.61 ? 22  PHE A CE2 1 
ATOM   177  C  CZ  . PHE A 1 22  ? 0.562   14.995  11.326  1.00 20.70 ? 22  PHE A CZ  1 
ATOM   178  N  N   . ASN A 1 23  ? 1.268   7.566   11.888  1.00 22.47 ? 23  ASN A N   1 
ATOM   179  C  CA  . ASN A 1 23  ? 1.778   6.353   12.514  1.00 22.47 ? 23  ASN A CA  1 
ATOM   180  C  C   . ASN A 1 23  ? 2.169   5.222   11.578  1.00 23.20 ? 23  ASN A C   1 
ATOM   181  O  O   . ASN A 1 23  ? 1.835   5.225   10.395  1.00 22.54 ? 23  ASN A O   1 
ATOM   182  C  CB  . ASN A 1 23  ? 0.729   5.784   13.472  1.00 24.11 ? 23  ASN A CB  1 
ATOM   183  C  CG  . ASN A 1 23  ? 0.198   6.812   14.442  1.00 25.24 ? 23  ASN A CG  1 
ATOM   184  O  OD1 . ASN A 1 23  ? 0.958   7.443   15.169  1.00 26.60 ? 23  ASN A OD1 1 
ATOM   185  N  ND2 . ASN A 1 23  ? -1.119  6.978   14.462  1.00 27.55 ? 23  ASN A ND2 1 
ATOM   186  N  N   A ASN A 1 24  ? 2.906   4.259   12.120  0.50 23.02 ? 24  ASN A N   1 
ATOM   187  N  N   B ASN A 1 24  ? 2.886   4.253   12.136  0.50 22.59 ? 24  ASN A N   1 
ATOM   188  C  CA  A ASN A 1 24  ? 3.294   3.081   11.363  0.50 23.85 ? 24  ASN A CA  1 
ATOM   189  C  CA  B ASN A 1 24  ? 3.296   3.065   11.403  0.50 23.11 ? 24  ASN A CA  1 
ATOM   190  C  C   A ASN A 1 24  ? 2.587   1.925   12.065  0.50 23.53 ? 24  ASN A C   1 
ATOM   191  C  C   B ASN A 1 24  ? 2.528   1.929   12.054  0.50 23.06 ? 24  ASN A C   1 
ATOM   192  O  O   A ASN A 1 24  ? 2.050   2.102   13.161  0.50 23.25 ? 24  ASN A O   1 
ATOM   193  O  O   B ASN A 1 24  ? 1.899   2.118   13.099  0.50 22.79 ? 24  ASN A O   1 
ATOM   194  C  CB  A ASN A 1 24  ? 4.821   2.900   11.343  0.50 24.94 ? 24  ASN A CB  1 
ATOM   195  C  CB  B ASN A 1 24  ? 4.794   2.804   11.555  0.50 22.91 ? 24  ASN A CB  1 
ATOM   196  C  CG  A ASN A 1 24  ? 5.434   2.854   12.726  0.50 26.24 ? 24  ASN A CG  1 
ATOM   197  C  CG  B ASN A 1 24  ? 5.638   3.896   10.954  0.50 23.73 ? 24  ASN A CG  1 
ATOM   198  O  OD1 A ASN A 1 24  ? 6.653   2.912   12.873  0.50 28.69 ? 24  ASN A OD1 1 
ATOM   199  O  OD1 B ASN A 1 24  ? 5.446   4.278   9.801   0.50 24.47 ? 24  ASN A OD1 1 
ATOM   200  N  ND2 A ASN A 1 24  ? 4.598   2.745   13.746  0.50 28.76 ? 24  ASN A ND2 1 
ATOM   201  N  ND2 B ASN A 1 24  ? 6.588   4.403   11.730  0.50 23.47 ? 24  ASN A ND2 1 
ATOM   202  N  N   . TYR A 1 25  ? 2.571   0.752   11.444  1.00 22.64 ? 25  TYR A N   1 
ATOM   203  C  CA  . TYR A 1 25  ? 1.875   -0.389  12.013  1.00 22.00 ? 25  TYR A CA  1 
ATOM   204  C  C   . TYR A 1 25  ? 2.622   -1.686  11.757  1.00 20.86 ? 25  TYR A C   1 
ATOM   205  O  O   . TYR A 1 25  ? 3.113   -1.919  10.658  1.00 19.51 ? 25  TYR A O   1 
ATOM   206  C  CB  . TYR A 1 25  ? 0.465   -0.454  11.418  1.00 21.31 ? 25  TYR A CB  1 
ATOM   207  C  CG  . TYR A 1 25  ? -0.414  -1.572  11.930  1.00 22.31 ? 25  TYR A CG  1 
ATOM   208  C  CD1 . TYR A 1 25  ? -0.319  -2.862  11.405  1.00 22.43 ? 25  TYR A CD1 1 
ATOM   209  C  CD2 . TYR A 1 25  ? -1.377  -1.330  12.913  1.00 22.35 ? 25  TYR A CD2 1 
ATOM   210  C  CE1 . TYR A 1 25  ? -1.167  -3.883  11.841  1.00 22.02 ? 25  TYR A CE1 1 
ATOM   211  C  CE2 . TYR A 1 25  ? -2.229  -2.346  13.356  1.00 22.24 ? 25  TYR A CE2 1 
ATOM   212  C  CZ  . TYR A 1 25  ? -2.119  -3.616  12.814  1.00 21.88 ? 25  TYR A CZ  1 
ATOM   213  O  OH  . TYR A 1 25  ? -2.983  -4.606  13.225  1.00 21.74 ? 25  TYR A OH  1 
ATOM   214  N  N   . GLY A 1 26  ? 2.716   -2.515  12.793  1.00 20.72 ? 26  GLY A N   1 
ATOM   215  C  CA  . GLY A 1 26  ? 3.400   -3.785  12.660  1.00 20.43 ? 26  GLY A CA  1 
ATOM   216  C  C   . GLY A 1 26  ? 4.858   -3.657  12.266  1.00 20.69 ? 26  GLY A C   1 
ATOM   217  O  O   . GLY A 1 26  ? 5.550   -2.717  12.668  1.00 20.39 ? 26  GLY A O   1 
ATOM   218  N  N   . CYS A 1 27  ? 5.318   -4.612  11.466  1.00 19.64 ? 27  CYS A N   1 
ATOM   219  C  CA  . CYS A 1 27  ? 6.699   -4.650  11.009  1.00 19.87 ? 27  CYS A CA  1 
ATOM   220  C  C   . CYS A 1 27  ? 6.907   -4.094  9.607   1.00 19.08 ? 27  CYS A C   1 
ATOM   221  O  O   . CYS A 1 27  ? 8.031   -3.773  9.229   1.00 19.23 ? 27  CYS A O   1 
ATOM   222  C  CB  . CYS A 1 27  ? 7.206   -6.090  11.037  1.00 20.24 ? 27  CYS A CB  1 
ATOM   223  S  SG  . CYS A 1 27  ? 7.255   -6.821  12.699  1.00 21.18 ? 27  CYS A SG  1 
ATOM   224  N  N   . TYR A 1 28  ? 5.826   -3.970  8.845   1.00 18.89 ? 28  TYR A N   1 
ATOM   225  C  CA  . TYR A 1 28  ? 5.929   -3.500  7.470   1.00 18.84 ? 28  TYR A CA  1 
ATOM   226  C  C   . TYR A 1 28  ? 5.130   -2.264  7.065   1.00 19.55 ? 28  TYR A C   1 
ATOM   227  O  O   . TYR A 1 28  ? 5.550   -1.531  6.171   1.00 20.79 ? 28  TYR A O   1 
ATOM   228  C  CB  . TYR A 1 28  ? 5.586   -4.661  6.531   1.00 18.72 ? 28  TYR A CB  1 
ATOM   229  C  CG  . TYR A 1 28  ? 6.709   -5.670  6.434   1.00 18.17 ? 28  TYR A CG  1 
ATOM   230  C  CD1 . TYR A 1 28  ? 7.725   -5.509  5.495   1.00 18.25 ? 28  TYR A CD1 1 
ATOM   231  C  CD2 . TYR A 1 28  ? 6.808   -6.732  7.341   1.00 18.18 ? 28  TYR A CD2 1 
ATOM   232  C  CE1 . TYR A 1 28  ? 8.822   -6.373  5.459   1.00 18.01 ? 28  TYR A CE1 1 
ATOM   233  C  CE2 . TYR A 1 28  ? 7.906   -7.604  7.316   1.00 17.26 ? 28  TYR A CE2 1 
ATOM   234  C  CZ  . TYR A 1 28  ? 8.908   -7.410  6.372   1.00 17.87 ? 28  TYR A CZ  1 
ATOM   235  O  OH  . TYR A 1 28  ? 10.015  -8.226  6.353   1.00 17.30 ? 28  TYR A OH  1 
ATOM   236  N  N   . CYS A 1 29  ? 3.991   -2.026  7.705   1.00 19.92 ? 29  CYS A N   1 
ATOM   237  C  CA  . CYS A 1 29  ? 3.169   -0.873  7.337   1.00 20.30 ? 29  CYS A CA  1 
ATOM   238  C  C   . CYS A 1 29  ? 3.851   0.473   7.585   1.00 20.88 ? 29  CYS A C   1 
ATOM   239  O  O   . CYS A 1 29  ? 4.047   0.881   8.732   1.00 22.16 ? 29  CYS A O   1 
ATOM   240  C  CB  . CYS A 1 29  ? 1.827   -0.920  8.070   1.00 20.11 ? 29  CYS A CB  1 
ATOM   241  S  SG  . CYS A 1 29  ? 0.793   -2.371  7.664   1.00 20.40 ? 29  CYS A SG  1 
ATOM   242  N  N   . GLY A 1 30  ? 4.199   1.150   6.493   1.00 21.25 ? 30  GLY A N   1 
ATOM   243  C  CA  . GLY A 1 30  ? 4.843   2.450   6.566   1.00 23.32 ? 30  GLY A CA  1 
ATOM   244  C  C   . GLY A 1 30  ? 6.312   2.413   6.943   1.00 25.33 ? 30  GLY A C   1 
ATOM   245  O  O   . GLY A 1 30  ? 6.919   3.455   7.197   1.00 26.02 ? 30  GLY A O   1 
ATOM   246  N  N   . LEU A 1 31  ? 6.893   1.219   6.957   1.00 25.45 ? 31  LEU A N   1 
ATOM   247  C  CA  . LEU A 1 31  ? 8.291   1.053   7.340   1.00 26.12 ? 31  LEU A CA  1 
ATOM   248  C  C   . LEU A 1 31  ? 9.145   0.463   6.225   1.00 25.38 ? 31  LEU A C   1 
ATOM   249  O  O   . LEU A 1 31  ? 8.632   0.035   5.192   1.00 24.95 ? 31  LEU A O   1 
ATOM   250  C  CB  . LEU A 1 31  ? 8.370   0.135   8.564   1.00 26.77 ? 31  LEU A CB  1 
ATOM   251  C  CG  . LEU A 1 31  ? 7.574   0.572   9.798   1.00 27.85 ? 31  LEU A CG  1 
ATOM   252  C  CD1 . LEU A 1 31  ? 7.286   -0.632  10.695  1.00 28.06 ? 31  LEU A CD1 1 
ATOM   253  C  CD2 . LEU A 1 31  ? 8.350   1.644   10.543  1.00 28.69 ? 31  LEU A CD2 1 
ATOM   254  N  N   . GLY A 1 32  ? 10.456  0.450   6.444   1.00 24.55 ? 32  GLY A N   1 
ATOM   255  C  CA  . GLY A 1 32  ? 11.351  -0.135  5.466   1.00 25.39 ? 32  GLY A CA  1 
ATOM   256  C  C   . GLY A 1 32  ? 11.030  -1.618  5.425   1.00 24.76 ? 32  GLY A C   1 
ATOM   257  O  O   . GLY A 1 32  ? 11.064  -2.248  4.368   1.00 25.91 ? 32  GLY A O   1 
ATOM   258  N  N   . GLY A 1 33  ? 10.706  -2.170  6.592   1.00 24.20 ? 33  GLY A N   1 
ATOM   259  C  CA  . GLY A 1 33  ? 10.352  -3.577  6.687   1.00 23.96 ? 33  GLY A CA  1 
ATOM   260  C  C   . GLY A 1 33  ? 11.457  -4.496  7.178   1.00 23.50 ? 33  GLY A C   1 
ATOM   261  O  O   . GLY A 1 33  ? 12.595  -4.424  6.717   1.00 23.78 ? 33  GLY A O   1 
ATOM   262  N  N   . SER A 1 34  ? 11.113  -5.373  8.115   1.00 22.45 ? 34  SER A N   1 
ATOM   263  C  CA  . SER A 1 34  ? 12.072  -6.324  8.665   1.00 22.24 ? 34  SER A CA  1 
ATOM   264  C  C   . SER A 1 34  ? 11.334  -7.468  9.349   1.00 21.34 ? 34  SER A C   1 
ATOM   265  O  O   . SER A 1 34  ? 10.195  -7.313  9.788   1.00 20.07 ? 34  SER A O   1 
ATOM   266  C  CB  . SER A 1 34  ? 12.997  -5.636  9.676   1.00 21.04 ? 34  SER A CB  1 
ATOM   267  O  OG  . SER A 1 34  ? 12.281  -5.242  10.833  1.00 22.62 ? 34  SER A OG  1 
ATOM   268  N  N   . GLY A 1 35  ? 11.989  -8.622  9.427   1.00 19.81 ? 35  GLY A N   1 
ATOM   269  C  CA  . GLY A 1 35  ? 11.377  -9.765  10.068  1.00 18.79 ? 35  GLY A CA  1 
ATOM   270  C  C   . GLY A 1 35  ? 10.113  -10.260 9.389   1.00 19.17 ? 35  GLY A C   1 
ATOM   271  O  O   . GLY A 1 35  ? 9.951   -10.147 8.171   1.00 17.89 ? 35  GLY A O   1 
ATOM   272  N  N   . THR A 1 36  ? 9.210   -10.800 10.202  1.00 17.64 ? 36  THR A N   1 
ATOM   273  C  CA  . THR A 1 36  ? 7.949   -11.367 9.736   1.00 19.15 ? 36  THR A CA  1 
ATOM   274  C  C   . THR A 1 36  ? 6.764   -10.501 10.170  1.00 20.02 ? 36  THR A C   1 
ATOM   275  O  O   . THR A 1 36  ? 6.756   -9.968  11.280  1.00 20.70 ? 36  THR A O   1 
ATOM   276  C  CB  . THR A 1 36  ? 7.778   -12.804 10.317  1.00 17.61 ? 36  THR A CB  1 
ATOM   277  O  OG1 . THR A 1 36  ? 8.814   -13.650 9.799   1.00 20.24 ? 36  THR A OG1 1 
ATOM   278  C  CG2 . THR A 1 36  ? 6.416   -13.389 9.967   1.00 19.48 ? 36  THR A CG2 1 
ATOM   279  N  N   . PRO A 1 37  ? 5.752   -10.347 9.294   1.00 21.02 ? 37  PRO A N   1 
ATOM   280  C  CA  . PRO A 1 37  ? 4.563   -9.543  9.609   1.00 21.53 ? 37  PRO A CA  1 
ATOM   281  C  C   . PRO A 1 37  ? 3.904   -10.073 10.884  1.00 22.08 ? 37  PRO A C   1 
ATOM   282  O  O   . PRO A 1 37  ? 3.878   -11.282 11.111  1.00 21.75 ? 37  PRO A O   1 
ATOM   283  C  CB  . PRO A 1 37  ? 3.663   -9.746  8.389   1.00 21.04 ? 37  PRO A CB  1 
ATOM   284  C  CG  . PRO A 1 37  ? 4.625   -10.063 7.286   1.00 23.72 ? 37  PRO A CG  1 
ATOM   285  C  CD  . PRO A 1 37  ? 5.651   -10.940 7.948   1.00 19.85 ? 37  PRO A CD  1 
ATOM   286  N  N   . VAL A 1 38  ? 3.354   -9.182  11.704  1.00 21.84 ? 38  VAL A N   1 
ATOM   287  C  CA  . VAL A 1 38  ? 2.733   -9.612  12.952  1.00 22.86 ? 38  VAL A CA  1 
ATOM   288  C  C   . VAL A 1 38  ? 1.297   -10.114 12.835  1.00 23.47 ? 38  VAL A C   1 
ATOM   289  O  O   . VAL A 1 38  ? 0.858   -10.933 13.644  1.00 23.45 ? 38  VAL A O   1 
ATOM   290  C  CB  . VAL A 1 38  ? 2.791   -8.494  14.013  1.00 22.84 ? 38  VAL A CB  1 
ATOM   291  C  CG1 . VAL A 1 38  ? 4.241   -8.201  14.358  1.00 23.04 ? 38  VAL A CG1 1 
ATOM   292  C  CG2 . VAL A 1 38  ? 2.092   -7.241  13.499  1.00 21.87 ? 38  VAL A CG2 1 
ATOM   293  N  N   . ASP A 1 39  ? 0.563   -9.625  11.841  1.00 22.50 ? 39  ASP A N   1 
ATOM   294  C  CA  . ASP A 1 39  ? -0.812  -10.067 11.645  1.00 23.24 ? 39  ASP A CA  1 
ATOM   295  C  C   . ASP A 1 39  ? -1.234  -9.930  10.189  1.00 23.28 ? 39  ASP A C   1 
ATOM   296  O  O   . ASP A 1 39  ? -0.410  -9.628  9.325   1.00 21.96 ? 39  ASP A O   1 
ATOM   297  C  CB  . ASP A 1 39  ? -1.763  -9.293  12.570  1.00 23.68 ? 39  ASP A CB  1 
ATOM   298  C  CG  . ASP A 1 39  ? -1.715  -7.795  12.352  1.00 23.82 ? 39  ASP A CG  1 
ATOM   299  O  OD1 . ASP A 1 39  ? -2.265  -7.063  13.201  1.00 23.28 ? 39  ASP A OD1 1 
ATOM   300  O  OD2 . ASP A 1 39  ? -1.140  -7.345  11.338  1.00 22.18 ? 39  ASP A OD2 1 
ATOM   301  N  N   . GLU A 1 40  ? -2.516  -10.160 9.919   1.00 23.37 ? 40  GLU A N   1 
ATOM   302  C  CA  . GLU A 1 40  ? -3.038  -10.090 8.559   1.00 24.68 ? 40  GLU A CA  1 
ATOM   303  C  C   . GLU A 1 40  ? -2.821  -8.719  7.917   1.00 23.03 ? 40  GLU A C   1 
ATOM   304  O  O   . GLU A 1 40  ? -2.336  -8.628  6.789   1.00 22.10 ? 40  GLU A O   1 
ATOM   305  C  CB  . GLU A 1 40  ? -4.530  -10.445 8.559   1.00 28.09 ? 40  GLU A CB  1 
ATOM   306  C  CG  . GLU A 1 40  ? -5.131  -10.653 7.178   1.00 34.34 ? 40  GLU A CG  1 
ATOM   307  C  CD  . GLU A 1 40  ? -6.591  -11.087 7.229   1.00 36.88 ? 40  GLU A CD  1 
ATOM   308  O  OE1 . GLU A 1 40  ? -6.889  -12.111 7.879   1.00 38.05 ? 40  GLU A OE1 1 
ATOM   309  O  OE2 . GLU A 1 40  ? -7.439  -10.407 6.612   1.00 39.95 ? 40  GLU A OE2 1 
ATOM   310  N  N   . LEU A 1 41  ? -3.183  -7.660  8.635   1.00 21.98 ? 41  LEU A N   1 
ATOM   311  C  CA  . LEU A 1 41  ? -3.029  -6.299  8.128   1.00 20.72 ? 41  LEU A CA  1 
ATOM   312  C  C   . LEU A 1 41  ? -1.567  -6.005  7.799   1.00 21.32 ? 41  LEU A C   1 
ATOM   313  O  O   . LEU A 1 41  ? -1.255  -5.446  6.743   1.00 19.36 ? 41  LEU A O   1 
ATOM   314  C  CB  . LEU A 1 41  ? -3.557  -5.297  9.164   1.00 21.47 ? 41  LEU A CB  1 
ATOM   315  C  CG  . LEU A 1 41  ? -3.564  -3.801  8.822   1.00 20.80 ? 41  LEU A CG  1 
ATOM   316  C  CD1 . LEU A 1 41  ? -4.239  -3.568  7.480   1.00 21.09 ? 41  LEU A CD1 1 
ATOM   317  C  CD2 . LEU A 1 41  ? -4.303  -3.044  9.918   1.00 19.89 ? 41  LEU A CD2 1 
ATOM   318  N  N   . ASP A 1 42  ? -0.672  -6.385  8.705   1.00 20.55 ? 42  ASP A N   1 
ATOM   319  C  CA  . ASP A 1 42  ? 0.755   -6.169  8.503   1.00 20.50 ? 42  ASP A CA  1 
ATOM   320  C  C   . ASP A 1 42  ? 1.229   -6.997  7.300   1.00 20.21 ? 42  ASP A C   1 
ATOM   321  O  O   . ASP A 1 42  ? 2.102   -6.571  6.541   1.00 20.49 ? 42  ASP A O   1 
ATOM   322  C  CB  . ASP A 1 42  ? 1.514   -6.549  9.783   1.00 19.47 ? 42  ASP A CB  1 
ATOM   323  C  CG  . ASP A 1 42  ? 2.958   -6.077  9.779   1.00 21.46 ? 42  ASP A CG  1 
ATOM   324  O  OD1 . ASP A 1 42  ? 3.267   -5.078  9.096   1.00 20.00 ? 42  ASP A OD1 1 
ATOM   325  O  OD2 . ASP A 1 42  ? 3.783   -6.697  10.479  1.00 19.88 ? 42  ASP A OD2 1 
ATOM   326  N  N   . ARG A 1 43  ? 0.635   -8.173  7.113   1.00 20.52 ? 43  ARG A N   1 
ATOM   327  C  CA  . ARG A 1 43  ? 0.997   -9.025  5.984   1.00 19.84 ? 43  ARG A CA  1 
ATOM   328  C  C   . ARG A 1 43  ? 0.593   -8.332  4.680   1.00 20.31 ? 43  ARG A C   1 
ATOM   329  O  O   . ARG A 1 43  ? 1.275   -8.466  3.664   1.00 18.27 ? 43  ARG A O   1 
ATOM   330  C  CB  . ARG A 1 43  ? 0.303   -10.385 6.093   1.00 22.88 ? 43  ARG A CB  1 
ATOM   331  C  CG  . ARG A 1 43  ? 0.821   -11.426 5.105   1.00 27.04 ? 43  ARG A CG  1 
ATOM   332  C  CD  . ARG A 1 43  ? 0.188   -12.787 5.367   1.00 30.80 ? 43  ARG A CD  1 
ATOM   333  N  NE  . ARG A 1 43  ? -1.230  -12.804 5.022   1.00 34.56 ? 43  ARG A NE  1 
ATOM   334  C  CZ  . ARG A 1 43  ? -2.095  -13.714 5.456   1.00 35.78 ? 43  ARG A CZ  1 
ATOM   335  N  NH1 . ARG A 1 43  ? -3.366  -13.652 5.087   1.00 38.28 ? 43  ARG A NH1 1 
ATOM   336  N  NH2 . ARG A 1 43  ? -1.695  -14.681 6.270   1.00 38.53 ? 43  ARG A NH2 1 
ATOM   337  N  N   . CYS A 1 44  ? -0.517  -7.593  4.711   1.00 19.05 ? 44  CYS A N   1 
ATOM   338  C  CA  . CYS A 1 44  ? -0.969  -6.863  3.526   1.00 19.53 ? 44  CYS A CA  1 
ATOM   339  C  C   . CYS A 1 44  ? 0.120   -5.868  3.124   1.00 18.67 ? 44  CYS A C   1 
ATOM   340  O  O   . CYS A 1 44  ? 0.421   -5.703  1.940   1.00 18.06 ? 44  CYS A O   1 
ATOM   341  C  CB  . CYS A 1 44  ? -2.250  -6.070  3.807   1.00 20.22 ? 44  CYS A CB  1 
ATOM   342  S  SG  . CYS A 1 44  ? -3.797  -6.984  4.122   1.00 21.99 ? 44  CYS A SG  1 
ATOM   343  N  N   . CYS A 1 45  ? 0.698   -5.192  4.114   1.00 17.41 ? 45  CYS A N   1 
ATOM   344  C  CA  . CYS A 1 45  ? 1.751   -4.221  3.840   1.00 19.12 ? 45  CYS A CA  1 
ATOM   345  C  C   . CYS A 1 45  ? 3.024   -4.889  3.322   1.00 18.37 ? 45  CYS A C   1 
ATOM   346  O  O   . CYS A 1 45  ? 3.698   -4.339  2.453   1.00 18.19 ? 45  CYS A O   1 
ATOM   347  C  CB  . CYS A 1 45  ? 2.066   -3.392  5.092   1.00 20.53 ? 45  CYS A CB  1 
ATOM   348  S  SG  . CYS A 1 45  ? 0.682   -2.336  5.635   1.00 22.76 ? 45  CYS A SG  1 
ATOM   349  N  N   . GLU A 1 46  ? 3.364   -6.066  3.844   1.00 17.60 ? 46  GLU A N   1 
ATOM   350  C  CA  . GLU A 1 46  ? 4.565   -6.733  3.356   1.00 17.76 ? 46  GLU A CA  1 
ATOM   351  C  C   . GLU A 1 46  ? 4.339   -7.180  1.917   1.00 17.72 ? 46  GLU A C   1 
ATOM   352  O  O   . GLU A 1 46  ? 5.235   -7.088  1.082   1.00 18.17 ? 46  GLU A O   1 
ATOM   353  C  CB  . GLU A 1 46  ? 4.939   -7.959  4.200   1.00 19.32 ? 46  GLU A CB  1 
ATOM   354  C  CG  . GLU A 1 46  ? 6.190   -8.643  3.635   1.00 18.96 ? 46  GLU A CG  1 
ATOM   355  C  CD  . GLU A 1 46  ? 6.409   -10.054 4.141   1.00 20.59 ? 46  GLU A CD  1 
ATOM   356  O  OE1 . GLU A 1 46  ? 5.418   -10.770 4.388   1.00 19.45 ? 46  GLU A OE1 1 
ATOM   357  O  OE2 . GLU A 1 46  ? 7.585   -10.455 4.267   1.00 21.32 ? 46  GLU A OE2 1 
ATOM   358  N  N   . THR A 1 47  ? 3.135   -7.663  1.630   1.00 17.03 ? 47  THR A N   1 
ATOM   359  C  CA  . THR A 1 47  ? 2.814   -8.118  0.282   1.00 18.37 ? 47  THR A CA  1 
ATOM   360  C  C   . THR A 1 47  ? 2.876   -6.940  -0.689  1.00 18.13 ? 47  THR A C   1 
ATOM   361  O  O   . THR A 1 47  ? 3.293   -7.086  -1.837  1.00 17.22 ? 47  THR A O   1 
ATOM   362  C  CB  . THR A 1 47  ? 1.416   -8.757  0.235   1.00 19.16 ? 47  THR A CB  1 
ATOM   363  O  OG1 . THR A 1 47  ? 1.377   -9.867  1.142   1.00 20.82 ? 47  THR A OG1 1 
ATOM   364  C  CG2 . THR A 1 47  ? 1.098   -9.252  -1.169  1.00 18.14 ? 47  THR A CG2 1 
ATOM   365  N  N   . HIS A 1 48  ? 2.467   -5.769  -0.211  1.00 17.81 ? 48  HIS A N   1 
ATOM   366  C  CA  . HIS A 1 48  ? 2.498   -4.556  -1.021  1.00 17.06 ? 48  HIS A CA  1 
ATOM   367  C  C   . HIS A 1 48  ? 3.951   -4.187  -1.337  1.00 17.73 ? 48  HIS A C   1 
ATOM   368  O  O   . HIS A 1 48  ? 4.273   -3.779  -2.457  1.00 16.85 ? 48  HIS A O   1 
ATOM   369  C  CB  . HIS A 1 48  ? 1.804   -3.416  -0.269  1.00 16.94 ? 48  HIS A CB  1 
ATOM   370  C  CG  . HIS A 1 48  ? 1.699   -2.144  -1.055  1.00 17.79 ? 48  HIS A CG  1 
ATOM   371  N  ND1 . HIS A 1 48  ? 2.592   -1.105  -0.912  1.00 18.62 ? 48  HIS A ND1 1 
ATOM   372  C  CD2 . HIS A 1 48  ? 0.807   -1.750  -1.995  1.00 18.07 ? 48  HIS A CD2 1 
ATOM   373  C  CE1 . HIS A 1 48  ? 2.253   -0.121  -1.730  1.00 18.82 ? 48  HIS A CE1 1 
ATOM   374  N  NE2 . HIS A 1 48  ? 1.174   -0.487  -2.399  1.00 17.16 ? 48  HIS A NE2 1 
ATOM   375  N  N   . ASP A 1 49  ? 4.825   -4.332  -0.346  1.00 17.25 ? 49  ASP A N   1 
ATOM   376  C  CA  . ASP A 1 49  ? 6.241   -4.034  -0.533  1.00 19.20 ? 49  ASP A CA  1 
ATOM   377  C  C   . ASP A 1 49  ? 6.828   -5.012  -1.555  1.00 18.68 ? 49  ASP A C   1 
ATOM   378  O  O   . ASP A 1 49  ? 7.621   -4.625  -2.415  1.00 17.88 ? 49  ASP A O   1 
ATOM   379  C  CB  . ASP A 1 49  ? 6.989   -4.150  0.798   1.00 20.14 ? 49  ASP A CB  1 
ATOM   380  C  CG  . ASP A 1 49  ? 8.475   -3.878  0.658   1.00 22.00 ? 49  ASP A CG  1 
ATOM   381  O  OD1 . ASP A 1 49  ? 9.278   -4.758  1.035   1.00 22.90 ? 49  ASP A OD1 1 
ATOM   382  O  OD2 . ASP A 1 49  ? 8.841   -2.785  0.172   1.00 23.66 ? 49  ASP A OD2 1 
ATOM   383  N  N   . ASN A 1 50  ? 6.438   -6.282  -1.461  1.00 18.25 ? 50  ASN A N   1 
ATOM   384  C  CA  . ASN A 1 50  ? 6.918   -7.292  -2.405  1.00 19.46 ? 50  ASN A CA  1 
ATOM   385  C  C   . ASN A 1 50  ? 6.427   -6.954  -3.808  1.00 19.96 ? 50  ASN A C   1 
ATOM   386  O  O   . ASN A 1 50  ? 7.121   -7.181  -4.797  1.00 21.18 ? 50  ASN A O   1 
ATOM   387  C  CB  . ASN A 1 50  ? 6.405   -8.680  -2.012  1.00 20.58 ? 50  ASN A CB  1 
ATOM   388  C  CG  . ASN A 1 50  ? 7.217   -9.310  -0.899  1.00 22.66 ? 50  ASN A CG  1 
ATOM   389  O  OD1 . ASN A 1 50  ? 6.786   -10.285 -0.279  1.00 26.64 ? 50  ASN A OD1 1 
ATOM   390  N  ND2 . ASN A 1 50  ? 8.400   -8.769  -0.648  1.00 19.92 ? 50  ASN A ND2 1 
ATOM   391  N  N   . CYS A 1 51  ? 5.217   -6.410  -3.883  1.00 20.16 ? 51  CYS A N   1 
ATOM   392  C  CA  . CYS A 1 51  ? 4.617   -6.035  -5.156  1.00 19.62 ? 51  CYS A CA  1 
ATOM   393  C  C   . CYS A 1 51  ? 5.442   -4.919  -5.797  1.00 19.28 ? 51  CYS A C   1 
ATOM   394  O  O   . CYS A 1 51  ? 5.728   -4.953  -6.997  1.00 18.22 ? 51  CYS A O   1 
ATOM   395  C  CB  . CYS A 1 51  ? 3.178   -5.574  -4.919  1.00 20.47 ? 51  CYS A CB  1 
ATOM   396  S  SG  . CYS A 1 51  ? 2.088   -5.558  -6.381  1.00 24.02 ? 51  CYS A SG  1 
ATOM   397  N  N   . TYR A 1 52  ? 5.829   -3.934  -4.988  1.00 18.84 ? 52  TYR A N   1 
ATOM   398  C  CA  . TYR A 1 52  ? 6.639   -2.817  -5.463  1.00 19.26 ? 52  TYR A CA  1 
ATOM   399  C  C   . TYR A 1 52  ? 8.036   -3.297  -5.854  1.00 20.15 ? 52  TYR A C   1 
ATOM   400  O  O   . TYR A 1 52  ? 8.602   -2.838  -6.846  1.00 20.24 ? 52  TYR A O   1 
ATOM   401  C  CB  . TYR A 1 52  ? 6.746   -1.744  -4.379  1.00 18.68 ? 52  TYR A CB  1 
ATOM   402  C  CG  . TYR A 1 52  ? 5.647   -0.703  -4.421  1.00 18.11 ? 52  TYR A CG  1 
ATOM   403  C  CD1 . TYR A 1 52  ? 4.394   -0.991  -4.968  1.00 18.32 ? 52  TYR A CD1 1 
ATOM   404  C  CD2 . TYR A 1 52  ? 5.858   0.570   -3.897  1.00 18.37 ? 52  TYR A CD2 1 
ATOM   405  C  CE1 . TYR A 1 52  ? 3.381   -0.033  -4.991  1.00 18.63 ? 52  TYR A CE1 1 
ATOM   406  C  CE2 . TYR A 1 52  ? 4.855   1.533   -3.914  1.00 19.57 ? 52  TYR A CE2 1 
ATOM   407  C  CZ  . TYR A 1 52  ? 3.622   1.229   -4.460  1.00 18.63 ? 52  TYR A CZ  1 
ATOM   408  O  OH  . TYR A 1 52  ? 2.641   2.191   -4.471  1.00 19.19 ? 52  TYR A OH  1 
ATOM   409  N  N   . ARG A 1 53  ? 8.596   -4.209  -5.065  1.00 20.20 ? 53  ARG A N   1 
ATOM   410  C  CA  . ARG A 1 53  ? 9.915   -4.749  -5.367  1.00 22.07 ? 53  ARG A CA  1 
ATOM   411  C  C   . ARG A 1 53  ? 9.875   -5.472  -6.714  1.00 23.21 ? 53  ARG A C   1 
ATOM   412  O  O   . ARG A 1 53  ? 10.827  -5.399  -7.498  1.00 22.60 ? 53  ARG A O   1 
ATOM   413  C  CB  . ARG A 1 53  ? 10.367  -5.711  -4.259  1.00 22.88 ? 53  ARG A CB  1 
ATOM   414  C  CG  . ARG A 1 53  ? 10.839  -5.004  -2.991  1.00 25.61 ? 53  ARG A CG  1 
ATOM   415  C  CD  . ARG A 1 53  ? 11.061  -5.985  -1.842  1.00 28.45 ? 53  ARG A CD  1 
ATOM   416  N  NE  . ARG A 1 53  ? 11.557  -5.322  -0.637  1.00 29.29 ? 53  ARG A NE  1 
ATOM   417  C  CZ  . ARG A 1 53  ? 12.808  -4.902  -0.474  1.00 32.52 ? 53  ARG A CZ  1 
ATOM   418  N  NH1 . ARG A 1 53  ? 13.170  -4.306  0.656   1.00 32.16 ? 53  ARG A NH1 1 
ATOM   419  N  NH2 . ARG A 1 53  ? 13.705  -5.088  -1.435  1.00 32.85 ? 53  ARG A NH2 1 
ATOM   420  N  N   . ASP A 1 54  ? 8.773   -6.165  -6.986  1.00 22.32 ? 54  ASP A N   1 
ATOM   421  C  CA  . ASP A 1 54  ? 8.640   -6.874  -8.252  1.00 23.93 ? 54  ASP A CA  1 
ATOM   422  C  C   . ASP A 1 54  ? 8.580   -5.865  -9.393  1.00 24.53 ? 54  ASP A C   1 
ATOM   423  O  O   . ASP A 1 54  ? 9.172   -6.080  -10.452 1.00 25.34 ? 54  ASP A O   1 
ATOM   424  C  CB  . ASP A 1 54  ? 7.384   -7.754  -8.266  1.00 24.85 ? 54  ASP A CB  1 
ATOM   425  C  CG  . ASP A 1 54  ? 7.527   -8.992  -7.401  1.00 26.55 ? 54  ASP A CG  1 
ATOM   426  O  OD1 . ASP A 1 54  ? 8.675   -9.400  -7.126  1.00 25.74 ? 54  ASP A OD1 1 
ATOM   427  O  OD2 . ASP A 1 54  ? 6.493   -9.566  -7.008  1.00 28.74 ? 54  ASP A OD2 1 
ATOM   428  N  N   . ALA A 1 55  ? 7.869   -4.762  -9.171  1.00 24.48 ? 55  ALA A N   1 
ATOM   429  C  CA  . ALA A 1 55  ? 7.742   -3.718  -10.183 1.00 24.65 ? 55  ALA A CA  1 
ATOM   430  C  C   . ALA A 1 55  ? 9.114   -3.158  -10.548 1.00 26.17 ? 55  ALA A C   1 
ATOM   431  O  O   . ALA A 1 55  ? 9.435   -2.992  -11.724 1.00 25.18 ? 55  ALA A O   1 
ATOM   432  C  CB  . ALA A 1 55  ? 6.843   -2.598  -9.671  1.00 24.71 ? 55  ALA A CB  1 
ATOM   433  N  N   . LYS A 1 56  ? 9.920   -2.867  -9.532  1.00 27.69 ? 56  LYS A N   1 
ATOM   434  C  CA  . LYS A 1 56  ? 11.257  -2.326  -9.749  1.00 30.92 ? 56  LYS A CA  1 
ATOM   435  C  C   . LYS A 1 56  ? 12.123  -3.306  -10.530 1.00 32.96 ? 56  LYS A C   1 
ATOM   436  O  O   . LYS A 1 56  ? 13.030  -2.900  -11.256 1.00 34.15 ? 56  LYS A O   1 
ATOM   437  C  CB  . LYS A 1 56  ? 11.920  -1.998  -8.408  1.00 30.81 ? 56  LYS A CB  1 
ATOM   438  C  CG  . LYS A 1 56  ? 11.231  -0.881  -7.642  1.00 32.27 ? 56  LYS A CG  1 
ATOM   439  C  CD  . LYS A 1 56  ? 11.815  -0.685  -6.249  1.00 32.80 ? 56  LYS A CD  1 
ATOM   440  C  CE  . LYS A 1 56  ? 13.264  -0.232  -6.295  1.00 33.11 ? 56  LYS A CE  1 
ATOM   441  N  NZ  . LYS A 1 56  ? 13.760  0.131   -4.935  1.00 33.43 ? 56  LYS A NZ  1 
ATOM   442  N  N   . ASN A 1 57  ? 11.842  -4.596  -10.380 1.00 34.74 ? 57  ASN A N   1 
ATOM   443  C  CA  . ASN A 1 57  ? 12.607  -5.620  -11.081 1.00 37.88 ? 57  ASN A CA  1 
ATOM   444  C  C   . ASN A 1 57  ? 12.254  -5.695  -12.562 1.00 38.64 ? 57  ASN A C   1 
ATOM   445  O  O   . ASN A 1 57  ? 12.920  -6.387  -13.329 1.00 39.77 ? 57  ASN A O   1 
ATOM   446  C  CB  . ASN A 1 57  ? 12.401  -6.985  -10.420 1.00 39.39 ? 57  ASN A CB  1 
ATOM   447  C  CG  . ASN A 1 57  ? 13.169  -7.120  -9.118  1.00 41.57 ? 57  ASN A CG  1 
ATOM   448  O  OD1 . ASN A 1 57  ? 13.032  -8.112  -8.400  1.00 44.32 ? 57  ASN A OD1 1 
ATOM   449  N  ND2 . ASN A 1 57  ? 13.988  -6.120  -8.809  1.00 41.53 ? 57  ASN A ND2 1 
ATOM   450  N  N   . LEU A 1 58  ? 11.203  -4.987  -12.963 1.00 39.62 ? 58  LEU A N   1 
ATOM   451  C  CA  . LEU A 1 58  ? 10.806  -4.967  -14.365 1.00 40.60 ? 58  LEU A CA  1 
ATOM   452  C  C   . LEU A 1 58  ? 11.834  -4.115  -15.098 1.00 41.86 ? 58  LEU A C   1 
ATOM   453  O  O   . LEU A 1 58  ? 11.880  -2.896  -14.929 1.00 41.64 ? 58  LEU A O   1 
ATOM   454  C  CB  . LEU A 1 58  ? 9.409   -4.356  -14.524 1.00 40.20 ? 58  LEU A CB  1 
ATOM   455  C  CG  . LEU A 1 58  ? 8.235   -5.136  -13.924 1.00 39.85 ? 58  LEU A CG  1 
ATOM   456  C  CD1 . LEU A 1 58  ? 6.951   -4.339  -14.086 1.00 39.42 ? 58  LEU A CD1 1 
ATOM   457  C  CD2 . LEU A 1 58  ? 8.113   -6.485  -14.607 1.00 40.71 ? 58  LEU A CD2 1 
ATOM   458  N  N   . ASP A 1 59  ? 12.667  -4.762  -15.905 1.00 43.29 ? 59  ASP A N   1 
ATOM   459  C  CA  . ASP A 1 59  ? 13.710  -4.063  -16.646 1.00 44.48 ? 59  ASP A CA  1 
ATOM   460  C  C   . ASP A 1 59  ? 13.144  -2.924  -17.490 1.00 43.34 ? 59  ASP A C   1 
ATOM   461  O  O   . ASP A 1 59  ? 13.848  -1.964  -17.808 1.00 43.80 ? 59  ASP A O   1 
ATOM   462  C  CB  . ASP A 1 59  ? 14.467  -5.049  -17.540 1.00 47.64 ? 59  ASP A CB  1 
ATOM   463  C  CG  . ASP A 1 59  ? 15.709  -4.438  -18.156 1.00 50.71 ? 59  ASP A CG  1 
ATOM   464  O  OD1 . ASP A 1 59  ? 16.584  -3.977  -17.391 1.00 52.61 ? 59  ASP A OD1 1 
ATOM   465  O  OD2 . ASP A 1 59  ? 15.812  -4.420  -19.401 1.00 52.60 ? 59  ASP A OD2 1 
ATOM   466  N  N   . SER A 1 60  ? 11.867  -3.033  -17.840 1.00 41.25 ? 60  SER A N   1 
ATOM   467  C  CA  . SER A 1 60  ? 11.201  -2.022  -18.651 1.00 39.76 ? 60  SER A CA  1 
ATOM   468  C  C   . SER A 1 60  ? 10.650  -0.851  -17.838 1.00 38.56 ? 60  SER A C   1 
ATOM   469  O  O   . SER A 1 60  ? 10.130  0.110   -18.407 1.00 38.77 ? 60  SER A O   1 
ATOM   470  C  CB  . SER A 1 60  ? 10.070  -2.672  -19.454 1.00 41.02 ? 60  SER A CB  1 
ATOM   471  O  OG  . SER A 1 60  ? 9.257   -3.484  -18.622 1.00 40.29 ? 60  SER A OG  1 
ATOM   472  N  N   . CYS A 1 61  ? 10.766  -0.923  -16.515 1.00 36.50 ? 61  CYS A N   1 
ATOM   473  C  CA  . CYS A 1 61  ? 10.260  0.146   -15.659 1.00 34.52 ? 61  CYS A CA  1 
ATOM   474  C  C   . CYS A 1 61  ? 11.326  0.860   -14.842 1.00 33.80 ? 61  CYS A C   1 
ATOM   475  O  O   . CYS A 1 61  ? 12.136  0.229   -14.163 1.00 35.09 ? 61  CYS A O   1 
ATOM   476  C  CB  . CYS A 1 61  ? 9.187   -0.393  -14.710 1.00 32.38 ? 61  CYS A CB  1 
ATOM   477  S  SG  . CYS A 1 61  ? 7.730   -1.038  -15.584 1.00 30.21 ? 61  CYS A SG  1 
ATOM   478  N  N   . LYS A 1 62  ? 11.309  2.184   -14.913 1.00 32.57 ? 62  LYS A N   1 
ATOM   479  C  CA  . LYS A 1 62  ? 12.247  3.011   -14.170 1.00 32.73 ? 62  LYS A CA  1 
ATOM   480  C  C   . LYS A 1 62  ? 11.412  4.021   -13.394 1.00 31.81 ? 62  LYS A C   1 
ATOM   481  O  O   . LYS A 1 62  ? 10.540  4.672   -13.963 1.00 31.88 ? 62  LYS A O   1 
ATOM   482  C  CB  . LYS A 1 62  ? 13.196  3.741   -15.126 1.00 35.21 ? 62  LYS A CB  1 
ATOM   483  C  CG  . LYS A 1 62  ? 13.982  2.823   -16.051 1.00 39.81 ? 62  LYS A CG  1 
ATOM   484  C  CD  . LYS A 1 62  ? 14.815  1.818   -15.268 1.00 42.20 ? 62  LYS A CD  1 
ATOM   485  C  CE  . LYS A 1 62  ? 15.542  0.857   -16.199 1.00 45.15 ? 62  LYS A CE  1 
ATOM   486  N  NZ  . LYS A 1 62  ? 16.315  -0.176  -15.450 1.00 46.70 ? 62  LYS A NZ  1 
ATOM   487  N  N   . PHE A 1 63  ? 11.656  4.135   -12.094 1.00 29.57 ? 63  PHE A N   1 
ATOM   488  C  CA  . PHE A 1 63  ? 10.901  5.080   -11.278 1.00 28.59 ? 63  PHE A CA  1 
ATOM   489  C  C   . PHE A 1 63  ? 11.789  6.195   -10.750 1.00 28.44 ? 63  PHE A C   1 
ATOM   490  O  O   . PHE A 1 63  ? 12.974  5.983   -10.497 1.00 28.05 ? 63  PHE A O   1 
ATOM   491  C  CB  . PHE A 1 63  ? 10.236  4.358   -10.104 1.00 26.62 ? 63  PHE A CB  1 
ATOM   492  C  CG  . PHE A 1 63  ? 9.321   3.246   -10.519 1.00 26.10 ? 63  PHE A CG  1 
ATOM   493  C  CD1 . PHE A 1 63  ? 9.766   1.928   -10.527 1.00 25.81 ? 63  PHE A CD1 1 
ATOM   494  C  CD2 . PHE A 1 63  ? 8.016   3.518   -10.922 1.00 26.55 ? 63  PHE A CD2 1 
ATOM   495  C  CE1 . PHE A 1 63  ? 8.924   0.892   -10.930 1.00 25.21 ? 63  PHE A CE1 1 
ATOM   496  C  CE2 . PHE A 1 63  ? 7.164   2.490   -11.328 1.00 26.57 ? 63  PHE A CE2 1 
ATOM   497  C  CZ  . PHE A 1 63  ? 7.619   1.174   -11.331 1.00 26.07 ? 63  PHE A CZ  1 
ATOM   498  N  N   . LEU A 1 64  ? 11.215  7.384   -10.589 1.00 29.29 ? 64  LEU A N   1 
ATOM   499  C  CA  . LEU A 1 64  ? 11.972  8.520   -10.075 1.00 30.07 ? 64  LEU A CA  1 
ATOM   500  C  C   . LEU A 1 64  ? 12.617  8.072   -8.766  1.00 30.59 ? 64  LEU A C   1 
ATOM   501  O  O   . LEU A 1 64  ? 11.946  7.504   -7.900  1.00 29.80 ? 64  LEU A O   1 
ATOM   502  C  CB  . LEU A 1 64  ? 11.045  9.715   -9.838  1.00 30.49 ? 64  LEU A CB  1 
ATOM   503  C  CG  . LEU A 1 64  ? 11.708  11.043  -9.463  1.00 31.60 ? 64  LEU A CG  1 
ATOM   504  C  CD1 . LEU A 1 64  ? 12.632  11.489  -10.591 1.00 31.52 ? 64  LEU A CD1 1 
ATOM   505  C  CD2 . LEU A 1 64  ? 10.639  12.100  -9.203  1.00 29.31 ? 64  LEU A CD2 1 
ATOM   506  N  N   . VAL A 1 65  ? 13.921  8.320   -8.639  1.00 31.10 ? 65  VAL A N   1 
ATOM   507  C  CA  . VAL A 1 65  ? 14.707  7.927   -7.468  1.00 31.40 ? 65  VAL A CA  1 
ATOM   508  C  C   . VAL A 1 65  ? 14.405  6.494   -7.036  1.00 30.74 ? 65  VAL A C   1 
ATOM   509  O  O   . VAL A 1 65  ? 14.408  6.173   -5.846  1.00 30.55 ? 65  VAL A O   1 
ATOM   510  C  CB  . VAL A 1 65  ? 14.500  8.893   -6.263  1.00 32.57 ? 65  VAL A CB  1 
ATOM   511  C  CG1 . VAL A 1 65  ? 14.949  10.294  -6.647  1.00 34.34 ? 65  VAL A CG1 1 
ATOM   512  C  CG2 . VAL A 1 65  ? 13.052  8.901   -5.812  1.00 33.53 ? 65  VAL A CG2 1 
ATOM   513  N  N   . ASP A 1 66  ? 14.157  5.642   -8.029  1.00 30.43 ? 66  ASP A N   1 
ATOM   514  C  CA  . ASP A 1 66  ? 13.854  4.229   -7.817  1.00 30.06 ? 66  ASP A CA  1 
ATOM   515  C  C   . ASP A 1 66  ? 12.783  3.997   -6.760  1.00 27.47 ? 66  ASP A C   1 
ATOM   516  O  O   . ASP A 1 66  ? 12.806  2.989   -6.052  1.00 27.56 ? 66  ASP A O   1 
ATOM   517  C  CB  . ASP A 1 66  ? 15.124  3.462   -7.435  1.00 33.49 ? 66  ASP A CB  1 
ATOM   518  C  CG  . ASP A 1 66  ? 16.154  3.451   -8.549  1.00 37.63 ? 66  ASP A CG  1 
ATOM   519  O  OD1 . ASP A 1 66  ? 15.813  3.031   -9.676  1.00 39.24 ? 66  ASP A OD1 1 
ATOM   520  O  OD2 . ASP A 1 66  ? 17.308  3.861   -8.296  1.00 40.50 ? 66  ASP A OD2 1 
ATOM   521  N  N   . ASN A 1 67  ? 11.840  4.927   -6.668  1.00 24.89 ? 67  ASN A N   1 
ATOM   522  C  CA  . ASN A 1 67  ? 10.762  4.829   -5.698  1.00 23.51 ? 67  ASN A CA  1 
ATOM   523  C  C   . ASN A 1 67  ? 9.397   4.777   -6.390  1.00 22.74 ? 67  ASN A C   1 
ATOM   524  O  O   . ASN A 1 67  ? 8.907   5.789   -6.887  1.00 22.03 ? 67  ASN A O   1 
ATOM   525  C  CB  . ASN A 1 67  ? 10.829  6.021   -4.741  1.00 22.03 ? 67  ASN A CB  1 
ATOM   526  C  CG  . ASN A 1 67  ? 9.720   6.006   -3.715  1.00 23.71 ? 67  ASN A CG  1 
ATOM   527  O  OD1 . ASN A 1 67  ? 9.085   4.975   -3.489  1.00 21.84 ? 67  ASN A OD1 1 
ATOM   528  N  ND2 . ASN A 1 67  ? 9.487   7.148   -3.075  1.00 23.04 ? 67  ASN A ND2 1 
ATOM   529  N  N   . PRO A 1 68  ? 8.766   3.589   -6.430  1.00 21.52 ? 68  PRO A N   1 
ATOM   530  C  CA  . PRO A 1 68  ? 7.456   3.432   -7.073  1.00 21.19 ? 68  PRO A CA  1 
ATOM   531  C  C   . PRO A 1 68  ? 6.369   4.341   -6.506  1.00 20.30 ? 68  PRO A C   1 
ATOM   532  O  O   . PRO A 1 68  ? 5.357   4.594   -7.163  1.00 19.41 ? 68  PRO A O   1 
ATOM   533  C  CB  . PRO A 1 68  ? 7.139   1.955   -6.853  1.00 21.68 ? 68  PRO A CB  1 
ATOM   534  C  CG  . PRO A 1 68  ? 8.492   1.321   -6.849  1.00 23.04 ? 68  PRO A CG  1 
ATOM   535  C  CD  . PRO A 1 68  ? 9.288   2.284   -5.992  1.00 21.55 ? 68  PRO A CD  1 
ATOM   536  N  N   . TYR A 1 69  ? 6.574   4.820   -5.282  1.00 18.46 ? 69  TYR A N   1 
ATOM   537  C  CA  . TYR A 1 69  ? 5.606   5.702   -4.639  1.00 19.16 ? 69  TYR A CA  1 
ATOM   538  C  C   . TYR A 1 69  ? 5.476   7.049   -5.341  1.00 19.36 ? 69  TYR A C   1 
ATOM   539  O  O   . TYR A 1 69  ? 4.521   7.788   -5.105  1.00 17.83 ? 69  TYR A O   1 
ATOM   540  C  CB  . TYR A 1 69  ? 5.979   5.914   -3.170  1.00 19.31 ? 69  TYR A CB  1 
ATOM   541  C  CG  . TYR A 1 69  ? 5.468   4.826   -2.255  1.00 19.97 ? 69  TYR A CG  1 
ATOM   542  C  CD1 . TYR A 1 69  ? 4.096   4.610   -2.101  1.00 20.99 ? 69  TYR A CD1 1 
ATOM   543  C  CD2 . TYR A 1 69  ? 6.347   4.015   -1.540  1.00 21.91 ? 69  TYR A CD2 1 
ATOM   544  C  CE1 . TYR A 1 69  ? 3.613   3.613   -1.254  1.00 21.25 ? 69  TYR A CE1 1 
ATOM   545  C  CE2 . TYR A 1 69  ? 5.875   3.013   -0.690  1.00 21.82 ? 69  TYR A CE2 1 
ATOM   546  C  CZ  . TYR A 1 69  ? 4.509   2.821   -0.553  1.00 21.96 ? 69  TYR A CZ  1 
ATOM   547  O  OH  . TYR A 1 69  ? 4.038   1.838   0.286   1.00 23.23 ? 69  TYR A OH  1 
ATOM   548  N  N   . THR A 1 70  ? 6.435   7.367   -6.205  1.00 19.49 ? 70  THR A N   1 
ATOM   549  C  CA  . THR A 1 70  ? 6.405   8.627   -6.944  1.00 19.32 ? 70  THR A CA  1 
ATOM   550  C  C   . THR A 1 70  ? 5.614   8.487   -8.239  1.00 19.02 ? 70  THR A C   1 
ATOM   551  O  O   . THR A 1 70  ? 5.276   9.487   -8.876  1.00 19.08 ? 70  THR A O   1 
ATOM   552  C  CB  . THR A 1 70  ? 7.817   9.090   -7.348  1.00 19.60 ? 70  THR A CB  1 
ATOM   553  O  OG1 . THR A 1 70  ? 8.385   8.134   -8.258  1.00 18.24 ? 70  THR A OG1 1 
ATOM   554  C  CG2 . THR A 1 70  ? 8.709   9.233   -6.124  1.00 18.84 ? 70  THR A CG2 1 
ATOM   555  N  N   . GLU A 1 71  ? 5.328   7.247   -8.627  1.00 19.20 ? 71  GLU A N   1 
ATOM   556  C  CA  . GLU A 1 71  ? 4.621   6.976   -9.877  1.00 19.61 ? 71  GLU A CA  1 
ATOM   557  C  C   . GLU A 1 71  ? 3.120   7.214   -9.834  1.00 18.79 ? 71  GLU A C   1 
ATOM   558  O  O   . GLU A 1 71  ? 2.370   6.422   -9.261  1.00 18.22 ? 71  GLU A O   1 
ATOM   559  C  CB  . GLU A 1 71  ? 4.894   5.539   -10.326 1.00 20.58 ? 71  GLU A CB  1 
ATOM   560  C  CG  . GLU A 1 71  ? 4.238   5.149   -11.645 1.00 20.55 ? 71  GLU A CG  1 
ATOM   561  C  CD  . GLU A 1 71  ? 4.804   5.907   -12.833 1.00 24.20 ? 71  GLU A CD  1 
ATOM   562  O  OE1 . GLU A 1 71  ? 4.411   7.072   -13.060 1.00 23.74 ? 71  GLU A OE1 1 
ATOM   563  O  OE2 . GLU A 1 71  ? 5.653   5.329   -13.543 1.00 27.67 ? 71  GLU A OE2 1 
ATOM   564  N  N   . SER A 1 72  ? 2.687   8.304   -10.460 1.00 17.54 ? 72  SER A N   1 
ATOM   565  C  CA  . SER A 1 72  ? 1.272   8.646   -10.511 1.00 18.55 ? 72  SER A CA  1 
ATOM   566  C  C   . SER A 1 72  ? 0.593   7.885   -11.637 1.00 18.90 ? 72  SER A C   1 
ATOM   567  O  O   . SER A 1 72  ? 1.151   7.719   -12.725 1.00 18.86 ? 72  SER A O   1 
ATOM   568  C  CB  . SER A 1 72  ? 1.083   10.148  -10.740 1.00 19.65 ? 72  SER A CB  1 
ATOM   569  O  OG  . SER A 1 72  ? 1.696   10.900  -9.710  1.00 17.05 ? 72  SER A OG  1 
ATOM   570  N  N   . TYR A 1 73  ? -0.625  7.436   -11.364 1.00 19.12 ? 73  TYR A N   1 
ATOM   571  C  CA  . TYR A 1 73  ? -1.416  6.697   -12.331 1.00 19.10 ? 73  TYR A CA  1 
ATOM   572  C  C   . TYR A 1 73  ? -2.823  7.280   -12.329 1.00 19.56 ? 73  TYR A C   1 
ATOM   573  O  O   . TYR A 1 73  ? -3.070  8.329   -11.731 1.00 19.01 ? 73  TYR A O   1 
ATOM   574  C  CB  . TYR A 1 73  ? -1.453  5.212   -11.935 1.00 19.95 ? 73  TYR A CB  1 
ATOM   575  C  CG  . TYR A 1 73  ? -1.773  4.977   -10.473 1.00 19.96 ? 73  TYR A CG  1 
ATOM   576  C  CD1 . TYR A 1 73  ? -3.015  5.334   -9.943  1.00 20.51 ? 73  TYR A CD1 1 
ATOM   577  C  CD2 . TYR A 1 73  ? -0.826  4.426   -9.610  1.00 20.90 ? 73  TYR A CD2 1 
ATOM   578  C  CE1 . TYR A 1 73  ? -3.303  5.150   -8.591  1.00 19.56 ? 73  TYR A CE1 1 
ATOM   579  C  CE2 . TYR A 1 73  ? -1.104  4.239   -8.255  1.00 19.45 ? 73  TYR A CE2 1 
ATOM   580  C  CZ  . TYR A 1 73  ? -2.345  4.604   -7.753  1.00 19.87 ? 73  TYR A CZ  1 
ATOM   581  O  OH  . TYR A 1 73  ? -2.627  4.431   -6.416  1.00 19.35 ? 73  TYR A OH  1 
ATOM   582  N  N   A SER A 1 74  ? -3.742  6.603   -13.008 0.50 18.81 ? 74  SER A N   1 
ATOM   583  N  N   B SER A 1 74  ? -3.741  6.602   -13.006 0.50 19.19 ? 74  SER A N   1 
ATOM   584  C  CA  A SER A 1 74  ? -5.125  7.049   -13.055 0.50 18.99 ? 74  SER A CA  1 
ATOM   585  C  CA  B SER A 1 74  ? -5.123  7.049   -13.057 0.50 19.70 ? 74  SER A CA  1 
ATOM   586  C  C   A SER A 1 74  ? -6.010  5.941   -12.505 0.50 19.70 ? 74  SER A C   1 
ATOM   587  C  C   B SER A 1 74  ? -6.007  5.941   -12.503 0.50 20.15 ? 74  SER A C   1 
ATOM   588  O  O   A SER A 1 74  ? -5.859  4.774   -12.870 0.50 19.29 ? 74  SER A O   1 
ATOM   589  O  O   B SER A 1 74  ? -5.852  4.773   -12.863 0.50 19.82 ? 74  SER A O   1 
ATOM   590  C  CB  A SER A 1 74  ? -5.533  7.388   -14.489 0.50 18.21 ? 74  SER A CB  1 
ATOM   591  C  CB  B SER A 1 74  ? -5.529  7.374   -14.496 0.50 19.51 ? 74  SER A CB  1 
ATOM   592  O  OG  A SER A 1 74  ? -4.826  8.521   -14.959 0.50 18.14 ? 74  SER A OG  1 
ATOM   593  O  OG  B SER A 1 74  ? -6.841  7.903   -14.542 0.50 21.28 ? 74  SER A OG  1 
ATOM   594  N  N   . TYR A 1 75  ? -6.925  6.314   -11.619 1.00 20.18 ? 75  TYR A N   1 
ATOM   595  C  CA  . TYR A 1 75  ? -7.836  5.358   -11.005 1.00 21.65 ? 75  TYR A CA  1 
ATOM   596  C  C   . TYR A 1 75  ? -9.113  6.105   -10.640 1.00 22.76 ? 75  TYR A C   1 
ATOM   597  O  O   . TYR A 1 75  ? -9.124  7.334   -10.575 1.00 21.91 ? 75  TYR A O   1 
ATOM   598  C  CB  . TYR A 1 75  ? -7.212  4.789   -9.727  1.00 22.82 ? 75  TYR A CB  1 
ATOM   599  C  CG  . TYR A 1 75  ? -7.283  5.772   -8.584  1.00 25.70 ? 75  TYR A CG  1 
ATOM   600  C  CD1 . TYR A 1 75  ? -8.257  5.651   -7.593  1.00 27.27 ? 75  TYR A CD1 1 
ATOM   601  C  CD2 . TYR A 1 75  ? -6.458  6.896   -8.565  1.00 28.20 ? 75  TYR A CD2 1 
ATOM   602  C  CE1 . TYR A 1 75  ? -8.414  6.636   -6.617  1.00 29.75 ? 75  TYR A CE1 1 
ATOM   603  C  CE2 . TYR A 1 75  ? -6.607  7.880   -7.603  1.00 30.54 ? 75  TYR A CE2 1 
ATOM   604  C  CZ  . TYR A 1 75  ? -7.587  7.747   -6.637  1.00 31.53 ? 75  TYR A CZ  1 
ATOM   605  O  OH  . TYR A 1 75  ? -7.762  8.760   -5.727  1.00 35.53 ? 75  TYR A OH  1 
ATOM   606  N  N   . SER A 1 76  ? -10.184 5.365   -10.392 1.00 23.87 ? 76  SER A N   1 
ATOM   607  C  CA  . SER A 1 76  ? -11.444 5.982   -10.004 1.00 25.85 ? 76  SER A CA  1 
ATOM   608  C  C   . SER A 1 76  ? -12.084 5.188   -8.870  1.00 26.25 ? 76  SER A C   1 
ATOM   609  O  O   . SER A 1 76  ? -11.853 3.986   -8.729  1.00 25.54 ? 76  SER A O   1 
ATOM   610  C  CB  . SER A 1 76  ? -12.399 6.060   -11.203 1.00 26.09 ? 76  SER A CB  1 
ATOM   611  O  OG  . SER A 1 76  ? -12.583 4.789   -11.799 1.00 28.97 ? 76  SER A OG  1 
ATOM   612  N  N   . CYS A 1 77  ? -12.873 5.879   -8.054  1.00 27.25 ? 77  CYS A N   1 
ATOM   613  C  CA  . CYS A 1 77  ? -13.561 5.257   -6.933  1.00 28.38 ? 77  CYS A CA  1 
ATOM   614  C  C   . CYS A 1 77  ? -15.065 5.380   -7.135  1.00 29.49 ? 77  CYS A C   1 
ATOM   615  O  O   . CYS A 1 77  ? -15.560 6.440   -7.513  1.00 28.03 ? 77  CYS A O   1 
ATOM   616  C  CB  . CYS A 1 77  ? -13.167 5.939   -5.623  1.00 28.72 ? 77  CYS A CB  1 
ATOM   617  S  SG  . CYS A 1 77  ? -14.068 5.324   -4.163  1.00 31.93 ? 77  CYS A SG  1 
ATOM   618  N  N   . SER A 1 78  ? -15.782 4.291   -6.885  1.00 30.49 ? 78  SER A N   1 
ATOM   619  C  CA  . SER A 1 78  ? -17.231 4.279   -7.031  1.00 32.88 ? 78  SER A CA  1 
ATOM   620  C  C   . SER A 1 78  ? -17.839 3.282   -6.052  1.00 32.60 ? 78  SER A C   1 
ATOM   621  O  O   . SER A 1 78  ? -17.591 2.081   -6.147  1.00 32.98 ? 78  SER A O   1 
ATOM   622  C  CB  . SER A 1 78  ? -17.619 3.902   -8.462  1.00 33.22 ? 78  SER A CB  1 
ATOM   623  O  OG  . SER A 1 78  ? -19.027 3.868   -8.610  1.00 36.65 ? 78  SER A OG  1 
ATOM   624  N  N   . ASN A 1 79  ? -18.628 3.788   -5.109  1.00 33.88 ? 79  ASN A N   1 
ATOM   625  C  CA  . ASN A 1 79  ? -19.273 2.939   -4.109  1.00 35.11 ? 79  ASN A CA  1 
ATOM   626  C  C   . ASN A 1 79  ? -18.259 2.007   -3.445  1.00 34.60 ? 79  ASN A C   1 
ATOM   627  O  O   . ASN A 1 79  ? -18.476 0.800   -3.362  1.00 34.51 ? 79  ASN A O   1 
ATOM   628  C  CB  . ASN A 1 79  ? -20.382 2.109   -4.760  1.00 37.93 ? 79  ASN A CB  1 
ATOM   629  C  CG  . ASN A 1 79  ? -21.407 2.965   -5.479  1.00 40.44 ? 79  ASN A CG  1 
ATOM   630  O  OD1 . ASN A 1 79  ? -21.996 3.875   -4.894  1.00 42.30 ? 79  ASN A OD1 1 
ATOM   631  N  ND2 . ASN A 1 79  ? -21.628 2.674   -6.757  1.00 41.57 ? 79  ASN A ND2 1 
ATOM   632  N  N   . THR A 1 80  ? -17.157 2.590   -2.976  1.00 33.13 ? 80  THR A N   1 
ATOM   633  C  CA  . THR A 1 80  ? -16.067 1.870   -2.316  1.00 31.20 ? 80  THR A CA  1 
ATOM   634  C  C   . THR A 1 80  ? -15.304 0.906   -3.227  1.00 30.38 ? 80  THR A C   1 
ATOM   635  O  O   . THR A 1 80  ? -14.430 0.172   -2.762  1.00 30.05 ? 80  THR A O   1 
ATOM   636  C  CB  . THR A 1 80  ? -16.553 1.086   -1.064  1.00 31.18 ? 80  THR A CB  1 
ATOM   637  O  OG1 . THR A 1 80  ? -17.289 -0.074  -1.467  1.00 30.29 ? 80  THR A OG1 1 
ATOM   638  C  CG2 . THR A 1 80  ? -17.435 1.970   -0.191  1.00 31.36 ? 80  THR A CG2 1 
ATOM   639  N  N   . GLU A 1 81  ? -15.625 0.912   -4.519  1.00 29.27 ? 81  GLU A N   1 
ATOM   640  C  CA  . GLU A 1 81  ? -14.946 0.044   -5.482  1.00 28.95 ? 81  GLU A CA  1 
ATOM   641  C  C   . GLU A 1 81  ? -13.841 0.809   -6.208  1.00 26.82 ? 81  GLU A C   1 
ATOM   642  O  O   . GLU A 1 81  ? -14.058 1.920   -6.690  1.00 25.82 ? 81  GLU A O   1 
ATOM   643  C  CB  . GLU A 1 81  ? -15.940 -0.501  -6.510  1.00 32.46 ? 81  GLU A CB  1 
ATOM   644  C  CG  . GLU A 1 81  ? -17.068 -1.323  -5.910  1.00 39.80 ? 81  GLU A CG  1 
ATOM   645  C  CD  . GLU A 1 81  ? -18.038 -1.830  -6.962  1.00 44.33 ? 81  GLU A CD  1 
ATOM   646  O  OE1 . GLU A 1 81  ? -18.598 -0.997  -7.708  1.00 46.64 ? 81  GLU A OE1 1 
ATOM   647  O  OE2 . GLU A 1 81  ? -18.243 -3.062  -7.040  1.00 47.73 ? 81  GLU A OE2 1 
ATOM   648  N  N   . ILE A 1 82  ? -12.658 0.204   -6.287  1.00 24.61 ? 82  ILE A N   1 
ATOM   649  C  CA  . ILE A 1 82  ? -11.511 0.825   -6.946  1.00 23.44 ? 82  ILE A CA  1 
ATOM   650  C  C   . ILE A 1 82  ? -11.295 0.268   -8.354  1.00 23.22 ? 82  ILE A C   1 
ATOM   651  O  O   . ILE A 1 82  ? -11.361 -0.942  -8.570  1.00 22.54 ? 82  ILE A O   1 
ATOM   652  C  CB  . ILE A 1 82  ? -10.218 0.593   -6.127  1.00 22.90 ? 82  ILE A CB  1 
ATOM   653  C  CG1 . ILE A 1 82  ? -10.393 1.138   -4.708  1.00 21.30 ? 82  ILE A CG1 1 
ATOM   654  C  CG2 . ILE A 1 82  ? -9.039  1.270   -6.812  1.00 22.57 ? 82  ILE A CG2 1 
ATOM   655  C  CD1 . ILE A 1 82  ? -9.315  0.681   -3.746  1.00 21.22 ? 82  ILE A CD1 1 
ATOM   656  N  N   . THR A 1 83  ? -11.034 1.159   -9.307  1.00 23.72 ? 83  THR A N   1 
ATOM   657  C  CA  . THR A 1 83  ? -10.791 0.765   -10.691 1.00 23.92 ? 83  THR A CA  1 
ATOM   658  C  C   . THR A 1 83  ? -9.537  1.444   -11.240 1.00 24.43 ? 83  THR A C   1 
ATOM   659  O  O   . THR A 1 83  ? -9.406  2.669   -11.162 1.00 24.77 ? 83  THR A O   1 
ATOM   660  C  CB  . THR A 1 83  ? -11.974 1.147   -11.609 1.00 23.77 ? 83  THR A CB  1 
ATOM   661  O  OG1 . THR A 1 83  ? -13.164 0.487   -11.163 1.00 24.64 ? 83  THR A OG1 1 
ATOM   662  C  CG2 . THR A 1 83  ? -11.683 0.743   -13.046 1.00 26.13 ? 83  THR A CG2 1 
ATOM   663  N  N   . CYS A 1 84  ? -8.614  0.646   -11.772 1.00 23.41 ? 84  CYS A N   1 
ATOM   664  C  CA  . CYS A 1 84  ? -7.389  1.177   -12.361 1.00 23.28 ? 84  CYS A CA  1 
ATOM   665  C  C   . CYS A 1 84  ? -7.675  1.414   -13.836 1.00 23.04 ? 84  CYS A C   1 
ATOM   666  O  O   . CYS A 1 84  ? -8.158  0.521   -14.529 1.00 23.74 ? 84  CYS A O   1 
ATOM   667  C  CB  . CYS A 1 84  ? -6.221  0.192   -12.196 1.00 22.93 ? 84  CYS A CB  1 
ATOM   668  S  SG  . CYS A 1 84  ? -5.581  0.140   -10.488 1.00 25.42 ? 84  CYS A SG  1 
ATOM   669  N  N   . ASN A 1 85  ? -7.384  2.623   -14.306 1.00 22.09 ? 85  ASN A N   1 
ATOM   670  C  CA  . ASN A 1 85  ? -7.636  2.984   -15.696 1.00 21.11 ? 85  ASN A CA  1 
ATOM   671  C  C   . ASN A 1 85  ? -6.816  2.130   -16.662 1.00 20.94 ? 85  ASN A C   1 
ATOM   672  O  O   . ASN A 1 85  ? -5.611  1.961   -16.485 1.00 20.47 ? 85  ASN A O   1 
ATOM   673  C  CB  . ASN A 1 85  ? -7.317  4.464   -15.909 1.00 20.79 ? 85  ASN A CB  1 
ATOM   674  C  CG  . ASN A 1 85  ? -7.960  5.025   -17.159 1.00 21.31 ? 85  ASN A CG  1 
ATOM   675  O  OD1 . ASN A 1 85  ? -7.757  4.518   -18.257 1.00 22.14 ? 85  ASN A OD1 1 
ATOM   676  N  ND2 . ASN A 1 85  ? -8.744  6.078   -16.994 1.00 24.23 ? 85  ASN A ND2 1 
ATOM   677  N  N   . SER A 1 86  ? -7.474  1.596   -17.687 1.00 21.49 ? 86  SER A N   1 
ATOM   678  C  CA  . SER A 1 86  ? -6.794  0.760   -18.668 1.00 21.06 ? 86  SER A CA  1 
ATOM   679  C  C   . SER A 1 86  ? -5.721  1.523   -19.432 1.00 20.71 ? 86  SER A C   1 
ATOM   680  O  O   . SER A 1 86  ? -4.804  0.918   -19.989 1.00 19.84 ? 86  SER A O   1 
ATOM   681  C  CB  . SER A 1 86  ? -7.798  0.176   -19.669 1.00 21.48 ? 86  SER A CB  1 
ATOM   682  O  OG  . SER A 1 86  ? -8.457  1.200   -20.394 1.00 20.81 ? 86  SER A OG  1 
ATOM   683  N  N   . LYS A 1 87  ? -5.824  2.850   -19.454 1.00 19.00 ? 87  LYS A N   1 
ATOM   684  C  CA  . LYS A 1 87  ? -4.852  3.648   -20.184 1.00 19.33 ? 87  LYS A CA  1 
ATOM   685  C  C   . LYS A 1 87  ? -3.576  3.997   -19.424 1.00 19.81 ? 87  LYS A C   1 
ATOM   686  O  O   . LYS A 1 87  ? -2.735  4.744   -19.930 1.00 18.83 ? 87  LYS A O   1 
ATOM   687  C  CB  . LYS A 1 87  ? -5.528  4.904   -20.751 1.00 19.48 ? 87  LYS A CB  1 
ATOM   688  C  CG  . LYS A 1 87  ? -6.617  4.545   -21.772 1.00 17.27 ? 87  LYS A CG  1 
ATOM   689  C  CD  . LYS A 1 87  ? -7.190  5.754   -22.482 1.00 18.35 ? 87  LYS A CD  1 
ATOM   690  C  CE  . LYS A 1 87  ? -8.264  5.341   -23.483 1.00 19.25 ? 87  LYS A CE  1 
ATOM   691  N  NZ  . LYS A 1 87  ? -7.747  4.383   -24.513 1.00 20.40 ? 87  LYS A NZ  1 
ATOM   692  N  N   . ASN A 1 88  ? -3.433  3.470   -18.208 1.00 19.70 ? 88  ASN A N   1 
ATOM   693  C  CA  . ASN A 1 88  ? -2.198  3.680   -17.451 1.00 20.17 ? 88  ASN A CA  1 
ATOM   694  C  C   . ASN A 1 88  ? -1.172  2.901   -18.263 1.00 19.75 ? 88  ASN A C   1 
ATOM   695  O  O   . ASN A 1 88  ? -1.532  1.919   -18.918 1.00 19.16 ? 88  ASN A O   1 
ATOM   696  C  CB  . ASN A 1 88  ? -2.263  3.039   -16.057 1.00 20.18 ? 88  ASN A CB  1 
ATOM   697  C  CG  . ASN A 1 88  ? -3.133  3.807   -15.090 1.00 20.65 ? 88  ASN A CG  1 
ATOM   698  O  OD1 . ASN A 1 88  ? -3.235  5.031   -15.163 1.00 21.67 ? 88  ASN A OD1 1 
ATOM   699  N  ND2 . ASN A 1 88  ? -3.745  3.090   -14.152 1.00 21.83 ? 88  ASN A ND2 1 
ATOM   700  N  N   . ASN A 1 89  ? 0.091   3.310   -18.248 1.00 18.80 ? 89  ASN A N   1 
ATOM   701  C  CA  . ASN A 1 89  ? 1.070   2.539   -18.997 1.00 19.11 ? 89  ASN A CA  1 
ATOM   702  C  C   . ASN A 1 89  ? 1.400   1.299   -18.165 1.00 19.30 ? 89  ASN A C   1 
ATOM   703  O  O   . ASN A 1 89  ? 1.019   1.217   -16.998 1.00 18.15 ? 89  ASN A O   1 
ATOM   704  C  CB  . ASN A 1 89  ? 2.327   3.368   -19.331 1.00 18.32 ? 89  ASN A CB  1 
ATOM   705  C  CG  . ASN A 1 89  ? 3.153   3.737   -18.114 1.00 18.74 ? 89  ASN A CG  1 
ATOM   706  O  OD1 . ASN A 1 89  ? 3.501   2.885   -17.298 1.00 19.05 ? 89  ASN A OD1 1 
ATOM   707  N  ND2 . ASN A 1 89  ? 3.502   5.016   -18.009 1.00 18.19 ? 89  ASN A ND2 1 
ATOM   708  N  N   . ALA A 1 90  ? 2.076   0.330   -18.774 1.00 19.04 ? 90  ALA A N   1 
ATOM   709  C  CA  . ALA A 1 90  ? 2.413   -0.924  -18.103 1.00 19.99 ? 90  ALA A CA  1 
ATOM   710  C  C   . ALA A 1 90  ? 2.997   -0.782  -16.695 1.00 20.14 ? 90  ALA A C   1 
ATOM   711  O  O   . ALA A 1 90  ? 2.611   -1.514  -15.782 1.00 19.94 ? 90  ALA A O   1 
ATOM   712  C  CB  . ALA A 1 90  ? 3.365   -1.740  -18.983 1.00 19.79 ? 90  ALA A CB  1 
ATOM   713  N  N   . CYS A 1 91  ? 3.925   0.150   -16.511 1.00 21.60 ? 91  CYS A N   1 
ATOM   714  C  CA  . CYS A 1 91  ? 4.533   0.337   -15.200 1.00 21.14 ? 91  CYS A CA  1 
ATOM   715  C  C   . CYS A 1 91  ? 3.540   0.928   -14.208 1.00 20.36 ? 91  CYS A C   1 
ATOM   716  O  O   . CYS A 1 91  ? 3.447   0.477   -13.065 1.00 19.44 ? 91  CYS A O   1 
ATOM   717  C  CB  . CYS A 1 91  ? 5.764   1.238   -15.312 1.00 23.68 ? 91  CYS A CB  1 
ATOM   718  S  SG  . CYS A 1 91  ? 6.974   0.603   -16.510 1.00 27.70 ? 91  CYS A SG  1 
ATOM   719  N  N   . GLU A 1 92  ? 2.796   1.932   -14.655 1.00 19.19 ? 92  GLU A N   1 
ATOM   720  C  CA  . GLU A 1 92  ? 1.803   2.584   -13.811 1.00 18.86 ? 92  GLU A CA  1 
ATOM   721  C  C   . GLU A 1 92  ? 0.697   1.605   -13.440 1.00 19.49 ? 92  GLU A C   1 
ATOM   722  O  O   . GLU A 1 92  ? 0.179   1.634   -12.323 1.00 18.44 ? 92  GLU A O   1 
ATOM   723  C  CB  . GLU A 1 92  ? 1.201   3.786   -14.542 1.00 17.69 ? 92  GLU A CB  1 
ATOM   724  C  CG  . GLU A 1 92  ? 2.234   4.832   -14.943 1.00 18.17 ? 92  GLU A CG  1 
ATOM   725  C  CD  . GLU A 1 92  ? 1.647   5.928   -15.807 1.00 20.58 ? 92  GLU A CD  1 
ATOM   726  O  OE1 . GLU A 1 92  ? 0.760   5.621   -16.637 1.00 19.56 ? 92  GLU A OE1 1 
ATOM   727  O  OE2 . GLU A 1 92  ? 2.081   7.093   -15.669 1.00 21.01 ? 92  GLU A OE2 1 
ATOM   728  N  N   . ALA A 1 93  ? 0.346   0.736   -14.384 1.00 19.11 ? 93  ALA A N   1 
ATOM   729  C  CA  . ALA A 1 93  ? -0.703  -0.254  -14.162 1.00 20.00 ? 93  ALA A CA  1 
ATOM   730  C  C   . ALA A 1 93  ? -0.302  -1.235  -13.070 1.00 19.89 ? 93  ALA A C   1 
ATOM   731  O  O   . ALA A 1 93  ? -1.124  -1.628  -12.240 1.00 18.33 ? 93  ALA A O   1 
ATOM   732  C  CB  . ALA A 1 93  ? -0.998  -1.001  -15.456 1.00 19.60 ? 93  ALA A CB  1 
ATOM   733  N  N   . PHE A 1 94  ? 0.964   -1.635  -13.075 1.00 19.30 ? 94  PHE A N   1 
ATOM   734  C  CA  . PHE A 1 94  ? 1.451   -2.573  -12.074 1.00 20.29 ? 94  PHE A CA  1 
ATOM   735  C  C   . PHE A 1 94  ? 1.326   -1.942  -10.691 1.00 19.99 ? 94  PHE A C   1 
ATOM   736  O  O   . PHE A 1 94  ? 0.840   -2.569  -9.749  1.00 18.91 ? 94  PHE A O   1 
ATOM   737  C  CB  . PHE A 1 94  ? 2.913   -2.929  -12.348 1.00 23.00 ? 94  PHE A CB  1 
ATOM   738  C  CG  . PHE A 1 94  ? 3.361   -4.190  -11.669 1.00 27.83 ? 94  PHE A CG  1 
ATOM   739  C  CD1 . PHE A 1 94  ? 3.197   -5.426  -12.291 1.00 29.77 ? 94  PHE A CD1 1 
ATOM   740  C  CD2 . PHE A 1 94  ? 3.927   -4.148  -10.395 1.00 28.89 ? 94  PHE A CD2 1 
ATOM   741  C  CE1 . PHE A 1 94  ? 3.595   -6.606  -11.651 1.00 30.33 ? 94  PHE A CE1 1 
ATOM   742  C  CE2 . PHE A 1 94  ? 4.326   -5.319  -9.744  1.00 28.07 ? 94  PHE A CE2 1 
ATOM   743  C  CZ  . PHE A 1 94  ? 4.160   -6.549  -10.375 1.00 30.48 ? 94  PHE A CZ  1 
ATOM   744  N  N   . ILE A 1 95  ? 1.764   -0.691  -10.581 1.00 17.81 ? 95  ILE A N   1 
ATOM   745  C  CA  . ILE A 1 95  ? 1.705   0.030   -9.318  1.00 18.85 ? 95  ILE A CA  1 
ATOM   746  C  C   . ILE A 1 95  ? 0.259   0.245   -8.875  1.00 18.16 ? 95  ILE A C   1 
ATOM   747  O  O   . ILE A 1 95  ? -0.076  0.032   -7.711  1.00 17.64 ? 95  ILE A O   1 
ATOM   748  C  CB  . ILE A 1 95  ? 2.422   1.392   -9.427  1.00 17.69 ? 95  ILE A CB  1 
ATOM   749  C  CG1 . ILE A 1 95  ? 3.894   1.171   -9.795  1.00 19.21 ? 95  ILE A CG1 1 
ATOM   750  C  CG2 . ILE A 1 95  ? 2.324   2.150   -8.105  1.00 18.00 ? 95  ILE A CG2 1 
ATOM   751  C  CD1 . ILE A 1 95  ? 4.627   0.208   -8.858  1.00 20.18 ? 95  ILE A CD1 1 
ATOM   752  N  N   . CYS A 1 96  ? -0.596  0.660   -9.807  1.00 18.23 ? 96  CYS A N   1 
ATOM   753  C  CA  . CYS A 1 96  ? -2.002  0.886   -9.488  1.00 18.96 ? 96  CYS A CA  1 
ATOM   754  C  C   . CYS A 1 96  ? -2.631  -0.381  -8.908  1.00 19.40 ? 96  CYS A C   1 
ATOM   755  O  O   . CYS A 1 96  ? -3.344  -0.330  -7.904  1.00 17.73 ? 96  CYS A O   1 
ATOM   756  C  CB  . CYS A 1 96  ? -2.782  1.318   -10.740 1.00 20.46 ? 96  CYS A CB  1 
ATOM   757  S  SG  . CYS A 1 96  ? -4.483  1.849   -10.355 1.00 21.18 ? 96  CYS A SG  1 
ATOM   758  N  N   . ASN A 1 97  ? -2.363  -1.520  -9.539  1.00 19.57 ? 97  ASN A N   1 
ATOM   759  C  CA  . ASN A 1 97  ? -2.915  -2.780  -9.066  1.00 20.89 ? 97  ASN A CA  1 
ATOM   760  C  C   . ASN A 1 97  ? -2.320  -3.211  -7.729  1.00 19.74 ? 97  ASN A C   1 
ATOM   761  O  O   . ASN A 1 97  ? -3.001  -3.851  -6.930  1.00 20.79 ? 97  ASN A O   1 
ATOM   762  C  CB  . ASN A 1 97  ? -2.744  -3.870  -10.128 1.00 22.12 ? 97  ASN A CB  1 
ATOM   763  C  CG  . ASN A 1 97  ? -3.745  -3.728  -11.260 1.00 25.20 ? 97  ASN A CG  1 
ATOM   764  O  OD1 . ASN A 1 97  ? -3.372  -3.556  -12.423 1.00 28.66 ? 97  ASN A OD1 1 
ATOM   765  N  ND2 . ASN A 1 97  ? -5.030  -3.788  -10.920 1.00 24.09 ? 97  ASN A ND2 1 
ATOM   766  N  N   . CYS A 1 98  ? -1.059  -2.864  -7.479  1.00 18.93 ? 98  CYS A N   1 
ATOM   767  C  CA  . CYS A 1 98  ? -0.440  -3.187  -6.192  1.00 18.88 ? 98  CYS A CA  1 
ATOM   768  C  C   . CYS A 1 98  ? -1.212  -2.419  -5.119  1.00 18.32 ? 98  CYS A C   1 
ATOM   769  O  O   . CYS A 1 98  ? -1.598  -2.973  -4.083  1.00 17.36 ? 98  CYS A O   1 
ATOM   770  C  CB  . CYS A 1 98  ? 1.021   -2.723  -6.133  1.00 19.74 ? 98  CYS A CB  1 
ATOM   771  S  SG  . CYS A 1 98  ? 2.256   -3.660  -7.083  1.00 21.12 ? 98  CYS A SG  1 
ATOM   772  N  N   . ASP A 1 99  ? -1.417  -1.128  -5.373  1.00 18.03 ? 99  ASP A N   1 
ATOM   773  C  CA  . ASP A 1 99  ? -2.133  -0.256  -4.443  1.00 16.77 ? 99  ASP A CA  1 
ATOM   774  C  C   . ASP A 1 99  ? -3.579  -0.711  -4.246  1.00 16.93 ? 99  ASP A C   1 
ATOM   775  O  O   . ASP A 1 99  ? -4.078  -0.744  -3.119  1.00 16.44 ? 99  ASP A O   1 
ATOM   776  C  CB  . ASP A 1 99  ? -2.140  1.191   -4.956  1.00 16.99 ? 99  ASP A CB  1 
ATOM   777  C  CG  . ASP A 1 99  ? -0.782  1.873   -4.839  1.00 19.26 ? 99  ASP A CG  1 
ATOM   778  O  OD1 . ASP A 1 99  ? -0.706  3.079   -5.163  1.00 17.11 ? 99  ASP A OD1 1 
ATOM   779  O  OD2 . ASP A 1 99  ? 0.205   1.220   -4.428  1.00 18.46 ? 99  ASP A OD2 1 
ATOM   780  N  N   A ARG A 1 100 ? -4.240  -1.053  -5.347  0.50 17.93 ? 100 ARG A N   1 
ATOM   781  N  N   B ARG A 1 100 ? -4.246  -1.050  -5.345  0.50 18.05 ? 100 ARG A N   1 
ATOM   782  C  CA  A ARG A 1 100 ? -5.630  -1.500  -5.313  0.50 19.18 ? 100 ARG A CA  1 
ATOM   783  C  CA  B ARG A 1 100 ? -5.635  -1.494  -5.283  0.50 19.40 ? 100 ARG A CA  1 
ATOM   784  C  C   A ARG A 1 100 ? -5.790  -2.761  -4.472  0.50 19.68 ? 100 ARG A C   1 
ATOM   785  C  C   B ARG A 1 100 ? -5.778  -2.758  -4.447  0.50 19.83 ? 100 ARG A C   1 
ATOM   786  O  O   A ARG A 1 100 ? -6.650  -2.825  -3.591  0.50 18.74 ? 100 ARG A O   1 
ATOM   787  O  O   B ARG A 1 100 ? -6.619  -2.825  -3.548  0.50 18.88 ? 100 ARG A O   1 
ATOM   788  C  CB  A ARG A 1 100 ? -6.129  -1.767  -6.736  0.50 19.61 ? 100 ARG A CB  1 
ATOM   789  C  CB  B ARG A 1 100 ? -6.182  -1.751  -6.690  0.50 20.09 ? 100 ARG A CB  1 
ATOM   790  C  CG  A ARG A 1 100 ? -7.588  -2.206  -6.831  0.50 20.54 ? 100 ARG A CG  1 
ATOM   791  C  CG  B ARG A 1 100 ? -7.604  -2.300  -6.697  0.50 21.30 ? 100 ARG A CG  1 
ATOM   792  C  CD  A ARG A 1 100 ? -7.987  -2.415  -8.285  0.50 21.42 ? 100 ARG A CD  1 
ATOM   793  C  CD  B ARG A 1 100 ? -8.193  -2.351  -8.098  0.50 22.53 ? 100 ARG A CD  1 
ATOM   794  N  NE  A ARG A 1 100 ? -7.193  -3.472  -8.910  0.50 22.42 ? 100 ARG A NE  1 
ATOM   795  N  NE  B ARG A 1 100 ? -9.574  -2.825  -8.073  0.50 23.94 ? 100 ARG A NE  1 
ATOM   796  C  CZ  A ARG A 1 100 ? -7.380  -4.770  -8.701  0.50 22.73 ? 100 ARG A CZ  1 
ATOM   797  C  CZ  B ARG A 1 100 ? -9.934  -4.086  -7.855  0.50 24.73 ? 100 ARG A CZ  1 
ATOM   798  N  NH1 A ARG A 1 100 ? -6.604  -5.657  -9.307  0.50 24.01 ? 100 ARG A NH1 1 
ATOM   799  N  NH1 B ARG A 1 100 ? -11.218 -4.416  -7.841  0.50 24.34 ? 100 ARG A NH1 1 
ATOM   800  N  NH2 A ARG A 1 100 ? -8.353  -5.186  -7.901  0.50 23.48 ? 100 ARG A NH2 1 
ATOM   801  N  NH2 B ARG A 1 100 ? -9.011  -5.021  -7.670  0.50 25.05 ? 100 ARG A NH2 1 
ATOM   802  N  N   . ASN A 1 101 ? -4.964  -3.764  -4.749  1.00 19.90 ? 101 ASN A N   1 
ATOM   803  C  CA  . ASN A 1 101 ? -5.018  -5.019  -4.010  1.00 20.57 ? 101 ASN A CA  1 
ATOM   804  C  C   . ASN A 1 101 ? -4.725  -4.806  -2.531  1.00 20.93 ? 101 ASN A C   1 
ATOM   805  O  O   . ASN A 1 101 ? -5.353  -5.423  -1.671  1.00 20.54 ? 101 ASN A O   1 
ATOM   806  C  CB  . ASN A 1 101 ? -4.029  -6.036  -4.590  1.00 20.87 ? 101 ASN A CB  1 
ATOM   807  C  CG  . ASN A 1 101 ? -4.584  -6.765  -5.799  1.00 24.30 ? 101 ASN A CG  1 
ATOM   808  O  OD1 . ASN A 1 101 ? -4.416  -6.332  -6.937  1.00 26.43 ? 101 ASN A OD1 1 
ATOM   809  N  ND2 . ASN A 1 101 ? -5.265  -7.880  -5.551  1.00 27.05 ? 101 ASN A ND2 1 
ATOM   810  N  N   . ALA A 1 102 ? -3.774  -3.927  -2.228  1.00 20.37 ? 102 ALA A N   1 
ATOM   811  C  CA  . ALA A 1 102 ? -3.436  -3.662  -0.834  1.00 20.16 ? 102 ALA A CA  1 
ATOM   812  C  C   . ALA A 1 102 ? -4.606  -2.999  -0.113  1.00 20.39 ? 102 ALA A C   1 
ATOM   813  O  O   . ALA A 1 102 ? -4.940  -3.365  1.017   1.00 18.46 ? 102 ALA A O   1 
ATOM   814  C  CB  . ALA A 1 102 ? -2.194  -2.782  -0.749  1.00 20.32 ? 102 ALA A CB  1 
ATOM   815  N  N   . ALA A 1 103 ? -5.232  -2.025  -0.769  1.00 20.82 ? 103 ALA A N   1 
ATOM   816  C  CA  . ALA A 1 103 ? -6.368  -1.318  -0.180  1.00 20.79 ? 103 ALA A CA  1 
ATOM   817  C  C   . ALA A 1 103 ? -7.489  -2.303  0.146   1.00 21.52 ? 103 ALA A C   1 
ATOM   818  O  O   . ALA A 1 103 ? -8.083  -2.247  1.226   1.00 20.30 ? 103 ALA A O   1 
ATOM   819  C  CB  . ALA A 1 103 ? -6.873  -0.236  -1.138  1.00 21.48 ? 103 ALA A CB  1 
ATOM   820  N  N   . ILE A 1 104 ? -7.773  -3.208  -0.783  1.00 21.16 ? 104 ILE A N   1 
ATOM   821  C  CA  . ILE A 1 104 ? -8.816  -4.210  -0.563  1.00 22.54 ? 104 ILE A CA  1 
ATOM   822  C  C   . ILE A 1 104 ? -8.401  -5.118  0.597   1.00 23.00 ? 104 ILE A C   1 
ATOM   823  O  O   . ILE A 1 104 ? -9.202  -5.416  1.486   1.00 23.15 ? 104 ILE A O   1 
ATOM   824  C  CB  . ILE A 1 104 ? -9.047  -5.056  -1.838  1.00 22.97 ? 104 ILE A CB  1 
ATOM   825  C  CG1 . ILE A 1 104 ? -9.621  -4.168  -2.944  1.00 22.88 ? 104 ILE A CG1 1 
ATOM   826  C  CG2 . ILE A 1 104 ? -9.993  -6.221  -1.541  1.00 21.81 ? 104 ILE A CG2 1 
ATOM   827  C  CD1 . ILE A 1 104 ? -9.768  -4.863  -4.278  1.00 23.90 ? 104 ILE A CD1 1 
ATOM   828  N  N   . CYS A 1 105 ? -7.140  -5.539  0.586   1.00 22.73 ? 105 CYS A N   1 
ATOM   829  C  CA  . CYS A 1 105 ? -6.589  -6.393  1.638   1.00 22.59 ? 105 CYS A CA  1 
ATOM   830  C  C   . CYS A 1 105 ? -6.794  -5.715  2.996   1.00 23.04 ? 105 CYS A C   1 
ATOM   831  O  O   . CYS A 1 105 ? -7.241  -6.347  3.961   1.00 21.79 ? 105 CYS A O   1 
ATOM   832  C  CB  . CYS A 1 105 ? -5.094  -6.616  1.381   1.00 23.02 ? 105 CYS A CB  1 
ATOM   833  S  SG  . CYS A 1 105 ? -4.239  -7.899  2.367   1.00 22.75 ? 105 CYS A SG  1 
ATOM   834  N  N   . PHE A 1 106 ? -6.469  -4.426  3.067   1.00 22.49 ? 106 PHE A N   1 
ATOM   835  C  CA  . PHE A 1 106 ? -6.627  -3.668  4.306   1.00 23.26 ? 106 PHE A CA  1 
ATOM   836  C  C   . PHE A 1 106 ? -8.079  -3.671  4.788   1.00 24.70 ? 106 PHE A C   1 
ATOM   837  O  O   . PHE A 1 106 ? -8.353  -3.882  5.969   1.00 25.25 ? 106 PHE A O   1 
ATOM   838  C  CB  . PHE A 1 106 ? -6.217  -2.199  4.126   1.00 21.89 ? 106 PHE A CB  1 
ATOM   839  C  CG  . PHE A 1 106 ? -4.756  -1.978  3.815   1.00 20.99 ? 106 PHE A CG  1 
ATOM   840  C  CD1 . PHE A 1 106 ? -3.782  -2.899  4.190   1.00 21.24 ? 106 PHE A CD1 1 
ATOM   841  C  CD2 . PHE A 1 106 ? -4.355  -0.799  3.187   1.00 21.10 ? 106 PHE A CD2 1 
ATOM   842  C  CE1 . PHE A 1 106 ? -2.427  -2.647  3.945   1.00 20.71 ? 106 PHE A CE1 1 
ATOM   843  C  CE2 . PHE A 1 106 ? -3.005  -0.536  2.937   1.00 20.92 ? 106 PHE A CE2 1 
ATOM   844  C  CZ  . PHE A 1 106 ? -2.040  -1.462  3.317   1.00 20.94 ? 106 PHE A CZ  1 
ATOM   845  N  N   . SER A 1 107 ? -9.004  -3.422  3.864   1.00 24.74 ? 107 SER A N   1 
ATOM   846  C  CA  . SER A 1 107 ? -10.428 -3.349  4.193   1.00 25.89 ? 107 SER A CA  1 
ATOM   847  C  C   . SER A 1 107 ? -11.020 -4.618  4.793   1.00 27.49 ? 107 SER A C   1 
ATOM   848  O  O   . SER A 1 107 ? -12.079 -4.570  5.421   1.00 29.01 ? 107 SER A O   1 
ATOM   849  C  CB  . SER A 1 107 ? -11.239 -2.956  2.952   1.00 25.85 ? 107 SER A CB  1 
ATOM   850  O  OG  . SER A 1 107 ? -11.294 -4.019  2.013   1.00 24.99 ? 107 SER A OG  1 
ATOM   851  N  N   . LYS A 1 108 ? -10.341 -5.746  4.610   1.00 28.21 ? 108 LYS A N   1 
ATOM   852  C  CA  . LYS A 1 108 ? -10.832 -7.024  5.123   1.00 30.15 ? 108 LYS A CA  1 
ATOM   853  C  C   . LYS A 1 108 ? -10.086 -7.534  6.350   1.00 30.06 ? 108 LYS A C   1 
ATOM   854  O  O   . LYS A 1 108 ? -10.582 -8.403  7.066   1.00 30.17 ? 108 LYS A O   1 
ATOM   855  C  CB  . LYS A 1 108 ? -10.757 -8.081  4.020   1.00 32.25 ? 108 LYS A CB  1 
ATOM   856  C  CG  . LYS A 1 108 ? -11.674 -7.813  2.840   1.00 36.17 ? 108 LYS A CG  1 
ATOM   857  C  CD  . LYS A 1 108 ? -11.016 -8.220  1.526   1.00 40.34 ? 108 LYS A CD  1 
ATOM   858  C  CE  . LYS A 1 108 ? -10.534 -9.665  1.548   1.00 42.76 ? 108 LYS A CE  1 
ATOM   859  N  NZ  . LYS A 1 108 ? -9.782  -10.008 0.308   1.00 43.92 ? 108 LYS A NZ  1 
ATOM   860  N  N   . ALA A 1 109 ? -8.896  -6.996  6.595   1.00 29.28 ? 109 ALA A N   1 
ATOM   861  C  CA  . ALA A 1 109 ? -8.089  -7.424  7.730   1.00 29.09 ? 109 ALA A CA  1 
ATOM   862  C  C   . ALA A 1 109 ? -8.464  -6.710  9.024   1.00 29.37 ? 109 ALA A C   1 
ATOM   863  O  O   . ALA A 1 109 ? -8.851  -5.542  9.014   1.00 29.55 ? 109 ALA A O   1 
ATOM   864  C  CB  . ALA A 1 109 ? -6.608  -7.204  7.427   1.00 28.54 ? 109 ALA A CB  1 
ATOM   865  N  N   . PRO A 1 110 ? -8.363  -7.416  10.160  1.00 30.00 ? 110 PRO A N   1 
ATOM   866  C  CA  . PRO A 1 110 ? -8.689  -6.839  11.466  1.00 31.09 ? 110 PRO A CA  1 
ATOM   867  C  C   . PRO A 1 110 ? -7.602  -5.859  11.899  1.00 31.84 ? 110 PRO A C   1 
ATOM   868  O  O   . PRO A 1 110 ? -6.414  -6.122  11.712  1.00 32.71 ? 110 PRO A O   1 
ATOM   869  C  CB  . PRO A 1 110 ? -8.733  -8.058  12.388  1.00 31.76 ? 110 PRO A CB  1 
ATOM   870  C  CG  . PRO A 1 110 ? -9.001  -9.209  11.455  1.00 32.44 ? 110 PRO A CG  1 
ATOM   871  C  CD  . PRO A 1 110 ? -8.140  -8.866  10.277  1.00 30.83 ? 110 PRO A CD  1 
ATOM   872  N  N   . TYR A 1 111 ? -8.003  -4.733  12.474  1.00 32.33 ? 111 TYR A N   1 
ATOM   873  C  CA  . TYR A 1 111 ? -7.035  -3.753  12.944  1.00 32.56 ? 111 TYR A CA  1 
ATOM   874  C  C   . TYR A 1 111 ? -6.765  -3.986  14.426  1.00 33.07 ? 111 TYR A C   1 
ATOM   875  O  O   . TYR A 1 111 ? -7.675  -3.902  15.251  1.00 33.87 ? 111 TYR A O   1 
ATOM   876  C  CB  . TYR A 1 111 ? -7.555  -2.331  12.719  1.00 32.34 ? 111 TYR A CB  1 
ATOM   877  C  CG  . TYR A 1 111 ? -6.751  -1.273  13.436  1.00 33.16 ? 111 TYR A CG  1 
ATOM   878  C  CD1 . TYR A 1 111 ? -7.122  -0.832  14.706  1.00 33.19 ? 111 TYR A CD1 1 
ATOM   879  C  CD2 . TYR A 1 111 ? -5.604  -0.729  12.857  1.00 33.43 ? 111 TYR A CD2 1 
ATOM   880  C  CE1 . TYR A 1 111 ? -6.375  0.127   15.382  1.00 32.95 ? 111 TYR A CE1 1 
ATOM   881  C  CE2 . TYR A 1 111 ? -4.847  0.230   13.526  1.00 33.21 ? 111 TYR A CE2 1 
ATOM   882  C  CZ  . TYR A 1 111 ? -5.239  0.653   14.788  1.00 33.24 ? 111 TYR A CZ  1 
ATOM   883  O  OH  . TYR A 1 111 ? -4.495  1.599   15.456  1.00 32.51 ? 111 TYR A OH  1 
ATOM   884  N  N   . ASN A 1 112 ? -5.514  -4.288  14.755  1.00 32.69 ? 112 ASN A N   1 
ATOM   885  C  CA  . ASN A 1 112 ? -5.120  -4.539  16.138  1.00 32.81 ? 112 ASN A CA  1 
ATOM   886  C  C   . ASN A 1 112 ? -4.311  -3.366  16.682  1.00 32.23 ? 112 ASN A C   1 
ATOM   887  O  O   . ASN A 1 112 ? -3.134  -3.206  16.360  1.00 31.09 ? 112 ASN A O   1 
ATOM   888  C  CB  . ASN A 1 112 ? -4.301  -5.830  16.220  1.00 34.70 ? 112 ASN A CB  1 
ATOM   889  C  CG  . ASN A 1 112 ? -5.061  -7.035  15.691  1.00 36.71 ? 112 ASN A CG  1 
ATOM   890  O  OD1 . ASN A 1 112 ? -6.156  -7.347  16.162  1.00 37.63 ? 112 ASN A OD1 1 
ATOM   891  N  ND2 . ASN A 1 112 ? -4.482  -7.719  14.707  1.00 36.85 ? 112 ASN A ND2 1 
ATOM   892  N  N   . LYS A 1 113 ? -4.954  -2.554  17.515  1.00 31.73 ? 113 LYS A N   1 
ATOM   893  C  CA  . LYS A 1 113 ? -4.323  -1.376  18.098  1.00 32.00 ? 113 LYS A CA  1 
ATOM   894  C  C   . LYS A 1 113 ? -2.986  -1.637  18.784  1.00 31.34 ? 113 LYS A C   1 
ATOM   895  O  O   . LYS A 1 113 ? -2.133  -0.753  18.833  1.00 30.17 ? 113 LYS A O   1 
ATOM   896  C  CB  . LYS A 1 113 ? -5.276  -0.704  19.092  1.00 34.34 ? 113 LYS A CB  1 
ATOM   897  C  CG  . LYS A 1 113 ? -5.667  -1.576  20.273  1.00 37.30 ? 113 LYS A CG  1 
ATOM   898  C  CD  . LYS A 1 113 ? -6.543  -0.807  21.252  1.00 40.57 ? 113 LYS A CD  1 
ATOM   899  C  CE  . LYS A 1 113 ? -6.910  -1.661  22.457  1.00 42.60 ? 113 LYS A CE  1 
ATOM   900  N  NZ  . LYS A 1 113 ? -7.718  -0.891  23.447  1.00 44.68 ? 113 LYS A NZ  1 
ATOM   901  N  N   . GLU A 1 114 ? -2.799  -2.842  19.311  1.00 31.92 ? 114 GLU A N   1 
ATOM   902  C  CA  . GLU A 1 114 ? -1.553  -3.174  19.995  1.00 32.35 ? 114 GLU A CA  1 
ATOM   903  C  C   . GLU A 1 114 ? -0.371  -3.172  19.030  1.00 30.65 ? 114 GLU A C   1 
ATOM   904  O  O   . GLU A 1 114 ? 0.781   -3.057  19.451  1.00 30.48 ? 114 GLU A O   1 
ATOM   905  C  CB  . GLU A 1 114 ? -1.652  -4.548  20.665  1.00 35.32 ? 114 GLU A CB  1 
ATOM   906  C  CG  . GLU A 1 114 ? -3.071  -5.027  20.909  1.00 40.28 ? 114 GLU A CG  1 
ATOM   907  C  CD  . GLU A 1 114 ? -3.717  -5.570  19.651  1.00 42.43 ? 114 GLU A CD  1 
ATOM   908  O  OE1 . GLU A 1 114 ? -3.290  -6.644  19.175  1.00 45.63 ? 114 GLU A OE1 1 
ATOM   909  O  OE2 . GLU A 1 114 ? -4.648  -4.920  19.131  1.00 42.90 ? 114 GLU A OE2 1 
ATOM   910  N  N   . HIS A 1 115 ? -0.656  -3.293  17.737  1.00 29.25 ? 115 HIS A N   1 
ATOM   911  C  CA  . HIS A 1 115 ? 0.401   -3.318  16.733  1.00 27.60 ? 115 HIS A CA  1 
ATOM   912  C  C   . HIS A 1 115 ? 0.708   -1.953  16.131  1.00 27.88 ? 115 HIS A C   1 
ATOM   913  O  O   . HIS A 1 115 ? 1.587   -1.830  15.280  1.00 26.37 ? 115 HIS A O   1 
ATOM   914  C  CB  . HIS A 1 115 ? 0.051   -4.306  15.618  1.00 26.24 ? 115 HIS A CB  1 
ATOM   915  C  CG  . HIS A 1 115 ? -0.015  -5.729  16.076  1.00 25.81 ? 115 HIS A CG  1 
ATOM   916  N  ND1 . HIS A 1 115 ? 0.835   -6.242  17.032  1.00 27.46 ? 115 HIS A ND1 1 
ATOM   917  C  CD2 . HIS A 1 115 ? -0.808  -6.757  15.688  1.00 24.68 ? 115 HIS A CD2 1 
ATOM   918  C  CE1 . HIS A 1 115 ? 0.568   -7.523  17.215  1.00 25.38 ? 115 HIS A CE1 1 
ATOM   919  N  NE2 . HIS A 1 115 ? -0.425  -7.859  16.411  1.00 27.84 ? 115 HIS A NE2 1 
ATOM   920  N  N   . LYS A 1 116 ? -0.017  -0.927  16.563  1.00 27.71 ? 116 LYS A N   1 
ATOM   921  C  CA  . LYS A 1 116 ? 0.230   0.417   16.057  1.00 28.66 ? 116 LYS A CA  1 
ATOM   922  C  C   . LYS A 1 116 ? 1.533   0.915   16.675  1.00 27.81 ? 116 LYS A C   1 
ATOM   923  O  O   . LYS A 1 116 ? 1.728   0.814   17.887  1.00 28.66 ? 116 LYS A O   1 
ATOM   924  C  CB  . LYS A 1 116 ? -0.922  1.351   16.434  1.00 29.92 ? 116 LYS A CB  1 
ATOM   925  C  CG  . LYS A 1 116 ? -0.776  2.760   15.882  1.00 33.45 ? 116 LYS A CG  1 
ATOM   926  C  CD  . LYS A 1 116 ? -1.997  3.618   16.194  1.00 36.25 ? 116 LYS A CD  1 
ATOM   927  C  CE  . LYS A 1 116 ? -2.181  3.793   17.689  1.00 38.40 ? 116 LYS A CE  1 
ATOM   928  N  NZ  . LYS A 1 116 ? -0.977  4.418   18.311  1.00 42.23 ? 116 LYS A NZ  1 
ATOM   929  N  N   . ASN A 1 117 ? 2.423   1.447   15.843  1.00 27.78 ? 117 ASN A N   1 
ATOM   930  C  CA  . ASN A 1 117 ? 3.716   1.947   16.307  1.00 28.11 ? 117 ASN A CA  1 
ATOM   931  C  C   . ASN A 1 117 ? 4.453   0.906   17.150  1.00 28.69 ? 117 ASN A C   1 
ATOM   932  O  O   . ASN A 1 117 ? 4.951   1.193   18.241  1.00 27.51 ? 117 ASN A O   1 
ATOM   933  C  CB  . ASN A 1 117 ? 3.532   3.243   17.103  1.00 30.11 ? 117 ASN A CB  1 
ATOM   934  C  CG  . ASN A 1 117 ? 3.043   4.386   16.236  1.00 31.45 ? 117 ASN A CG  1 
ATOM   935  O  OD1 . ASN A 1 117 ? 3.588   4.641   15.161  1.00 31.69 ? 117 ASN A OD1 1 
ATOM   936  N  ND2 . ASN A 1 117 ? 2.014   5.086   16.701  1.00 32.10 ? 117 ASN A ND2 1 
ATOM   937  N  N   . LEU A 1 118 ? 4.526   -0.306  16.613  1.00 27.43 ? 118 LEU A N   1 
ATOM   938  C  CA  . LEU A 1 118 ? 5.177   -1.434  17.268  1.00 28.04 ? 118 LEU A CA  1 
ATOM   939  C  C   . LEU A 1 118 ? 6.665   -1.204  17.555  1.00 28.29 ? 118 LEU A C   1 
ATOM   940  O  O   . LEU A 1 118 ? 7.338   -0.439  16.861  1.00 27.28 ? 118 LEU A O   1 
ATOM   941  C  CB  . LEU A 1 118 ? 5.019   -2.672  16.380  1.00 27.25 ? 118 LEU A CB  1 
ATOM   942  C  CG  . LEU A 1 118 ? 5.383   -4.050  16.927  1.00 27.73 ? 118 LEU A CG  1 
ATOM   943  C  CD1 . LEU A 1 118 ? 4.408   -4.440  18.027  1.00 29.24 ? 118 LEU A CD1 1 
ATOM   944  C  CD2 . LEU A 1 118 ? 5.330   -5.065  15.800  1.00 28.13 ? 118 LEU A CD2 1 
ATOM   945  N  N   . ASP A 1 119 ? 7.169   -1.870  18.592  1.00 28.54 ? 119 ASP A N   1 
ATOM   946  C  CA  . ASP A 1 119 ? 8.583   -1.785  18.951  1.00 30.05 ? 119 ASP A CA  1 
ATOM   947  C  C   . ASP A 1 119 ? 9.281   -2.762  18.004  1.00 29.25 ? 119 ASP A C   1 
ATOM   948  O  O   . ASP A 1 119 ? 9.591   -3.893  18.377  1.00 29.20 ? 119 ASP A O   1 
ATOM   949  C  CB  . ASP A 1 119 ? 8.793   -2.231  20.401  1.00 30.89 ? 119 ASP A CB  1 
ATOM   950  C  CG  . ASP A 1 119 ? 10.240  -2.103  20.850  1.00 32.65 ? 119 ASP A CG  1 
ATOM   951  O  OD1 . ASP A 1 119 ? 11.132  -1.992  19.983  1.00 32.89 ? 119 ASP A OD1 1 
ATOM   952  O  OD2 . ASP A 1 119 ? 10.486  -2.129  22.073  1.00 34.28 ? 119 ASP A OD2 1 
ATOM   953  N  N   . THR A 1 120 ? 9.515   -2.315  16.775  1.00 30.02 ? 120 THR A N   1 
ATOM   954  C  CA  . THR A 1 120 ? 10.132  -3.143  15.743  1.00 29.94 ? 120 THR A CA  1 
ATOM   955  C  C   . THR A 1 120 ? 11.505  -3.730  16.061  1.00 30.70 ? 120 THR A C   1 
ATOM   956  O  O   . THR A 1 120 ? 11.812  -4.844  15.637  1.00 29.53 ? 120 THR A O   1 
ATOM   957  C  CB  . THR A 1 120 ? 10.227  -2.371  14.416  1.00 29.67 ? 120 THR A CB  1 
ATOM   958  O  OG1 . THR A 1 120 ? 10.961  -1.158  14.620  1.00 31.31 ? 120 THR A OG1 1 
ATOM   959  C  CG2 . THR A 1 120 ? 8.832   -2.034  13.900  1.00 28.86 ? 120 THR A CG2 1 
ATOM   960  N  N   . LYS A 1 121 ? 12.334  -2.994  16.794  1.00 30.93 ? 121 LYS A N   1 
ATOM   961  C  CA  . LYS A 1 121 ? 13.661  -3.495  17.126  1.00 32.49 ? 121 LYS A CA  1 
ATOM   962  C  C   . LYS A 1 121 ? 13.576  -4.744  17.992  1.00 32.15 ? 121 LYS A C   1 
ATOM   963  O  O   . LYS A 1 121 ? 14.515  -5.536  18.054  1.00 32.88 ? 121 LYS A O   1 
ATOM   964  C  CB  . LYS A 1 121 ? 14.476  -2.418  17.851  1.00 35.14 ? 121 LYS A CB  1 
ATOM   965  C  CG  . LYS A 1 121 ? 14.817  -1.212  16.983  1.00 39.19 ? 121 LYS A CG  1 
ATOM   966  C  CD  . LYS A 1 121 ? 15.704  -0.218  17.724  1.00 42.80 ? 121 LYS A CD  1 
ATOM   967  C  CE  . LYS A 1 121 ? 16.026  0.989   16.848  1.00 45.63 ? 121 LYS A CE  1 
ATOM   968  N  NZ  . LYS A 1 121 ? 16.858  2.005   17.560  1.00 47.31 ? 121 LYS A NZ  1 
ATOM   969  N  N   . LYS A 1 122 ? 12.434  -4.923  18.644  1.00 31.38 ? 122 LYS A N   1 
ATOM   970  C  CA  . LYS A 1 122 ? 12.221  -6.059  19.525  1.00 31.61 ? 122 LYS A CA  1 
ATOM   971  C  C   . LYS A 1 122 ? 11.342  -7.169  18.944  1.00 31.05 ? 122 LYS A C   1 
ATOM   972  O  O   . LYS A 1 122 ? 11.636  -8.352  19.127  1.00 30.12 ? 122 LYS A O   1 
ATOM   973  C  CB  . LYS A 1 122 ? 11.614  -5.559  20.840  1.00 34.26 ? 122 LYS A CB  1 
ATOM   974  C  CG  . LYS A 1 122 ? 11.343  -6.630  21.880  1.00 37.42 ? 122 LYS A CG  1 
ATOM   975  C  CD  . LYS A 1 122 ? 10.851  -5.999  23.178  1.00 40.32 ? 122 LYS A CD  1 
ATOM   976  C  CE  . LYS A 1 122 ? 10.585  -7.047  24.246  1.00 43.15 ? 122 LYS A CE  1 
ATOM   977  N  NZ  . LYS A 1 122 ? 10.136  -6.421  25.525  1.00 46.18 ? 122 LYS A NZ  1 
ATOM   978  N  N   . TYR A 1 123 ? 10.281  -6.795  18.231  1.00 29.31 ? 123 TYR A N   1 
ATOM   979  C  CA  . TYR A 1 123 ? 9.344   -7.775  17.682  1.00 27.89 ? 123 TYR A CA  1 
ATOM   980  C  C   . TYR A 1 123 ? 9.379   -8.033  16.179  1.00 27.03 ? 123 TYR A C   1 
ATOM   981  O  O   . TYR A 1 123 ? 8.584   -8.826  15.667  1.00 25.79 ? 123 TYR A O   1 
ATOM   982  C  CB  . TYR A 1 123 ? 7.923   -7.378  18.078  1.00 30.36 ? 123 TYR A CB  1 
ATOM   983  C  CG  . TYR A 1 123 ? 7.751   -7.193  19.567  1.00 33.09 ? 123 TYR A CG  1 
ATOM   984  C  CD1 . TYR A 1 123 ? 7.959   -8.255  20.449  1.00 34.92 ? 123 TYR A CD1 1 
ATOM   985  C  CD2 . TYR A 1 123 ? 7.401   -5.953  20.099  1.00 33.68 ? 123 TYR A CD2 1 
ATOM   986  C  CE1 . TYR A 1 123 ? 7.823   -8.086  21.824  1.00 37.09 ? 123 TYR A CE1 1 
ATOM   987  C  CE2 . TYR A 1 123 ? 7.264   -5.773  21.474  1.00 36.40 ? 123 TYR A CE2 1 
ATOM   988  C  CZ  . TYR A 1 123 ? 7.478   -6.844  22.329  1.00 37.36 ? 123 TYR A CZ  1 
ATOM   989  O  OH  . TYR A 1 123 ? 7.354   -6.674  23.687  1.00 40.58 ? 123 TYR A OH  1 
ATOM   990  N  N   . CYS A 1 124 ? 10.294  -7.385  15.467  1.00 25.46 ? 124 CYS A N   1 
ATOM   991  C  CA  . CYS A 1 124 ? 10.371  -7.575  14.023  1.00 24.83 ? 124 CYS A CA  1 
ATOM   992  C  C   . CYS A 1 124 ? 11.679  -8.194  13.552  1.00 25.15 ? 124 CYS A C   1 
ATOM   993  O  O   . CYS A 1 124 ? 11.843  -9.413  13.762  1.00 25.57 ? 124 CYS A O   1 
ATOM   994  C  CB  . CYS A 1 124 ? 10.140  -6.238  13.324  1.00 22.83 ? 124 CYS A CB  1 
ATOM   995  S  SG  . CYS A 1 124 ? 8.493   -5.551  13.677  1.00 20.37 ? 124 CYS A SG  1 
HETATM 996  CA CA  . CA  B 2 .   ? 2.916   8.539   -14.078 0.50 4.74  ? 231 CA  A CA  1 
HETATM 997  C  C1  . CHD C 3 .   ? 0.377   4.213   3.889   1.00 24.61 ? 237 CHD A C1  1 
HETATM 998  C  C2  . CHD C 3 .   ? -0.035  5.745   4.146   1.00 26.32 ? 237 CHD A C2  1 
HETATM 999  C  C3  . CHD C 3 .   ? 1.016   6.436   5.076   1.00 26.88 ? 237 CHD A C3  1 
HETATM 1000 O  O3  . CHD C 3 .   ? 0.612   7.821   5.307   1.00 31.38 ? 237 CHD A O3  1 
HETATM 1001 C  C4  . CHD C 3 .   ? 1.142   5.710   6.467   1.00 25.05 ? 237 CHD A C4  1 
HETATM 1002 C  C5  . CHD C 3 .   ? 1.577   4.181   6.276   1.00 23.53 ? 237 CHD A C5  1 
HETATM 1003 C  C6  . CHD C 3 .   ? 1.708   3.367   7.665   1.00 21.93 ? 237 CHD A C6  1 
HETATM 1004 C  C7  . CHD C 3 .   ? 0.331   3.156   8.411   1.00 20.92 ? 237 CHD A C7  1 
HETATM 1005 O  O7  . CHD C 3 .   ? -0.302  4.387   8.933   1.00 22.27 ? 237 CHD A O7  1 
HETATM 1006 C  C8  . CHD C 3 .   ? -0.737  2.386   7.469   1.00 20.71 ? 237 CHD A C8  1 
HETATM 1007 C  C9  . CHD C 3 .   ? -0.946  3.230   6.061   1.00 21.01 ? 237 CHD A C9  1 
HETATM 1008 C  C10 . CHD C 3 .   ? 0.518   3.389   5.269   1.00 22.79 ? 237 CHD A C10 1 
HETATM 1009 C  C11 . CHD C 3 .   ? -2.077  2.413   5.130   1.00 21.37 ? 237 CHD A C11 1 
HETATM 1010 C  C12 . CHD C 3 .   ? -3.391  2.362   6.018   1.00 21.60 ? 237 CHD A C12 1 
HETATM 1011 O  O12 . CHD C 3 .   ? -3.838  3.737   6.313   1.00 21.00 ? 237 CHD A O12 1 
HETATM 1012 C  C13 . CHD C 3 .   ? -3.222  1.436   7.423   1.00 21.99 ? 237 CHD A C13 1 
HETATM 1013 C  C14 . CHD C 3 .   ? -2.167  2.204   8.278   1.00 21.39 ? 237 CHD A C14 1 
HETATM 1014 C  C15 . CHD C 3 .   ? -2.081  1.347   9.619   1.00 22.36 ? 237 CHD A C15 1 
HETATM 1015 C  C16 . CHD C 3 .   ? -3.590  0.765   9.716   1.00 22.94 ? 237 CHD A C16 1 
HETATM 1016 C  C17 . CHD C 3 .   ? -4.402  1.375   8.408   1.00 23.61 ? 237 CHD A C17 1 
HETATM 1017 C  C18 . CHD C 3 .   ? -2.732  -0.076  6.830   1.00 20.11 ? 237 CHD A C18 1 
HETATM 1018 C  C19 . CHD C 3 .   ? 1.200   2.024   4.734   1.00 23.62 ? 237 CHD A C19 1 
HETATM 1019 C  C20 . CHD C 3 .   ? -5.716  0.522   7.864   1.00 26.11 ? 237 CHD A C20 1 
HETATM 1020 C  C21 . CHD C 3 .   ? -6.461  0.861   6.534   1.00 26.00 ? 237 CHD A C21 1 
HETATM 1021 C  C22 . CHD C 3 .   ? -6.868  0.507   8.984   1.00 29.87 ? 237 CHD A C22 1 
HETATM 1022 C  C23 . CHD C 3 .   ? -7.624  1.770   9.618   1.00 36.84 ? 237 CHD A C23 1 
HETATM 1023 O  O25 . CHD C 3 .   ? -8.960  2.761   11.289  1.00 43.69 ? 237 CHD A O25 1 
HETATM 1024 C  C24 . CHD C 3 .   ? -8.660  1.611   10.640  1.00 38.40 ? 237 CHD A C24 1 
HETATM 1025 O  O26 . CHD C 3 .   ? -9.236  0.522   10.916  1.00 40.08 ? 237 CHD A O26 1 
HETATM 1026 O  O   . HOH D 4 .   ? 1.504   4.545   -5.445  1.00 17.11 ? 238 HOH A O   1 
HETATM 1027 O  O   . HOH D 4 .   ? 2.428   10.849  -3.616  1.00 17.09 ? 239 HOH A O   1 
HETATM 1028 O  O   . HOH D 4 .   ? 2.631   13.151  -2.216  1.00 24.05 ? 240 HOH A O   1 
HETATM 1029 O  O   . HOH D 4 .   ? -0.133  12.769  -9.043  1.00 19.45 ? 241 HOH A O   1 
HETATM 1030 O  O   . HOH D 4 .   ? -5.677  10.950  -9.079  1.00 29.38 ? 242 HOH A O   1 
HETATM 1031 O  O   . HOH D 4 .   ? -6.653  9.355   -11.157 1.00 22.11 ? 243 HOH A O   1 
HETATM 1032 O  O   . HOH D 4 .   ? -9.451  6.806   -14.000 1.00 25.02 ? 244 HOH A O   1 
HETATM 1033 O  O   . HOH D 4 .   ? -10.347 4.417   -13.659 1.00 28.41 ? 245 HOH A O   1 
HETATM 1034 O  O   . HOH D 4 .   ? -4.695  10.723  -12.450 0.50 18.12 ? 246 HOH A O   1 
HETATM 1035 O  O   . HOH D 4 .   ? -12.666 8.579   -8.169  1.00 33.22 ? 247 HOH A O   1 
HETATM 1036 O  O   . HOH D 4 .   ? -10.738 9.390   -5.898  1.00 46.33 ? 248 HOH A O   1 
HETATM 1037 O  O   . HOH D 4 .   ? -3.128  13.883  -0.131  1.00 24.08 ? 249 HOH A O   1 
HETATM 1038 O  O   . HOH D 4 .   ? -4.795  11.446  -0.693  1.00 25.22 ? 250 HOH A O   1 
HETATM 1039 O  O   . HOH D 4 .   ? 1.642   9.440   3.707   1.00 30.08 ? 251 HOH A O   1 
HETATM 1040 O  O   . HOH D 4 .   ? -5.983  7.182   3.530   1.00 22.07 ? 252 HOH A O   1 
HETATM 1041 O  O   . HOH D 4 .   ? -5.222  9.806   4.165   1.00 26.20 ? 253 HOH A O   1 
HETATM 1042 O  O   . HOH D 4 .   ? -3.510  12.596  6.407   1.00 27.78 ? 254 HOH A O   1 
HETATM 1043 O  O   . HOH D 4 .   ? -3.752  5.994   4.588   1.00 19.84 ? 255 HOH A O   1 
HETATM 1044 O  O   . HOH D 4 .   ? -2.689  5.587   7.976   1.00 21.72 ? 256 HOH A O   1 
HETATM 1045 O  O   . HOH D 4 .   ? -6.272  4.810   7.671   1.00 23.84 ? 257 HOH A O   1 
HETATM 1046 O  O   . HOH D 4 .   ? -7.411  4.801   10.313  1.00 30.62 ? 258 HOH A O   1 
HETATM 1047 O  O   . HOH D 4 .   ? -6.989  11.755  4.942   1.00 34.18 ? 259 HOH A O   1 
HETATM 1048 O  O   . HOH D 4 .   ? -5.237  14.337  2.595   1.00 33.29 ? 260 HOH A O   1 
HETATM 1049 O  O   . HOH D 4 .   ? 3.774   0.282   3.908   1.00 23.93 ? 261 HOH A O   1 
HETATM 1050 O  O   . HOH D 4 .   ? 4.960   -1.898  2.635   1.00 20.62 ? 262 HOH A O   1 
HETATM 1051 O  O   . HOH D 4 .   ? 5.086   -0.640  0.184   1.00 21.77 ? 263 HOH A O   1 
HETATM 1052 O  O   . HOH D 4 .   ? 4.446   2.904   2.882   1.00 29.01 ? 264 HOH A O   1 
HETATM 1053 O  O   . HOH D 4 .   ? 11.474  -1.383  9.122   1.00 30.75 ? 265 HOH A O   1 
HETATM 1054 O  O   . HOH D 4 .   ? 4.683   -0.281  13.825  1.00 19.27 ? 266 HOH A O   1 
HETATM 1055 O  O   . HOH D 4 .   ? 7.092   1.310   14.838  1.00 32.71 ? 267 HOH A O   1 
HETATM 1056 O  O   . HOH D 4 .   ? 10.329  -3.374  10.763  1.00 24.46 ? 268 HOH A O   1 
HETATM 1057 O  O   . HOH D 4 .   ? 7.620   -0.575  -0.743  1.00 28.23 ? 269 HOH A O   1 
HETATM 1058 O  O   . HOH D 4 .   ? 9.047   -7.393  1.500   1.00 23.56 ? 270 HOH A O   1 
HETATM 1059 O  O   . HOH D 4 .   ? 11.124  -4.632  3.101   1.00 24.35 ? 271 HOH A O   1 
HETATM 1060 O  O   . HOH D 4 .   ? 1.629   -1.117  2.228   1.00 33.11 ? 272 HOH A O   1 
HETATM 1061 O  O   . HOH D 4 .   ? -5.701  7.472   7.234   1.00 22.75 ? 273 HOH A O   1 
HETATM 1062 O  O   . HOH D 4 .   ? -8.156  11.309  12.394  1.00 32.49 ? 274 HOH A O   1 
HETATM 1063 O  O   . HOH D 4 .   ? -2.137  9.754   15.189  1.00 40.06 ? 275 HOH A O   1 
HETATM 1064 O  O   . HOH D 4 .   ? 3.389   10.500  8.283   1.00 21.58 ? 276 HOH A O   1 
HETATM 1065 O  O   . HOH D 4 .   ? 6.058   9.221   8.419   1.00 27.40 ? 277 HOH A O   1 
HETATM 1066 O  O   . HOH D 4 .   ? 7.091   1.317   3.425   1.00 30.79 ? 278 HOH A O   1 
HETATM 1067 O  O   . HOH D 4 .   ? 9.812   -11.285 12.973  1.00 23.58 ? 279 HOH A O   1 
HETATM 1068 O  O   . HOH D 4 .   ? -1.131  -0.781  -19.201 1.00 19.91 ? 280 HOH A O   1 
HETATM 1069 O  O   . HOH D 4 .   ? 7.221   -10.508 13.922  1.00 18.48 ? 281 HOH A O   1 
HETATM 1070 O  O   . HOH D 4 .   ? 5.074   -12.143 14.555  1.00 31.95 ? 282 HOH A O   1 
HETATM 1071 O  O   . HOH D 4 .   ? 11.388  -13.744 10.531  1.00 20.00 ? 283 HOH A O   1 
HETATM 1072 O  O   . HOH D 4 .   ? -4.673  -8.025  11.109  1.00 26.01 ? 284 HOH A O   1 
HETATM 1073 O  O   . HOH D 4 .   ? -5.150  -10.753 11.841  1.00 30.75 ? 285 HOH A O   1 
HETATM 1074 O  O   . HOH D 4 .   ? 0.500   -5.369  -9.683  1.00 21.60 ? 286 HOH A O   1 
HETATM 1075 O  O   . HOH D 4 .   ? -0.651  -6.222  -11.981 1.00 23.44 ? 287 HOH A O   1 
HETATM 1076 O  O   . HOH D 4 .   ? -0.736  -4.452  -14.161 1.00 24.97 ? 288 HOH A O   1 
HETATM 1077 O  O   . HOH D 4 .   ? 1.305   -3.963  -15.965 1.00 25.55 ? 289 HOH A O   1 
HETATM 1078 O  O   . HOH D 4 .   ? -0.974  -3.215  -18.156 1.00 34.26 ? 290 HOH A O   1 
HETATM 1079 O  O   . HOH D 4 .   ? -3.754  -1.289  -18.558 1.00 33.58 ? 291 HOH A O   1 
HETATM 1080 O  O   . HOH D 4 .   ? -8.474  1.777   -23.089 1.00 25.42 ? 292 HOH A O   1 
HETATM 1081 O  O   . HOH D 4 .   ? -10.874 3.133   -21.823 1.00 36.65 ? 293 HOH A O   1 
HETATM 1082 O  O   . HOH D 4 .   ? -10.393 1.832   -17.662 1.00 24.06 ? 294 HOH A O   1 
HETATM 1083 O  O   . HOH D 4 .   ? -12.130 5.080   -23.322 1.00 35.24 ? 295 HOH A O   1 
HETATM 1084 O  O   . HOH D 4 .   ? -9.782  4.982   -20.049 1.00 34.22 ? 296 HOH A O   1 
HETATM 1085 O  O   . HOH D 4 .   ? -10.598 7.237   -21.822 1.00 27.99 ? 297 HOH A O   1 
HETATM 1086 O  O   . HOH D 4 .   ? -11.563 3.417   -16.034 1.00 37.66 ? 298 HOH A O   1 
HETATM 1087 O  O   . HOH D 4 .   ? -12.397 5.361   -17.808 1.00 44.23 ? 299 HOH A O   1 
HETATM 1088 O  O   . HOH D 4 .   ? -4.241  0.240   -14.787 1.00 18.76 ? 300 HOH A O   1 
HETATM 1089 O  O   . HOH D 4 .   ? -4.768  -2.461  -14.813 1.00 31.44 ? 301 HOH A O   1 
HETATM 1090 O  O   . HOH D 4 .   ? -9.082  -2.148  -11.673 1.00 30.95 ? 302 HOH A O   1 
HETATM 1091 O  O   . HOH D 4 .   ? -9.587  -1.984  -15.022 1.00 51.97 ? 303 HOH A O   1 
HETATM 1092 O  O   . HOH D 4 .   ? -12.305 -2.291  -5.051  1.00 30.51 ? 304 HOH A O   1 
HETATM 1093 O  O   . HOH D 4 .   ? 8.345   7.241   -10.928 1.00 26.50 ? 305 HOH A O   1 
HETATM 1094 O  O   . HOH D 4 .   ? 13.190  2.186   -10.607 1.00 33.16 ? 306 HOH A O   1 
HETATM 1095 O  O   . HOH D 4 .   ? 6.806   8.917   -13.277 1.00 24.10 ? 307 HOH A O   1 
HETATM 1096 O  O   . HOH D 4 .   ? -8.082  -3.091  8.577   1.00 30.65 ? 308 HOH A O   1 
HETATM 1097 O  O   . HOH D 4 .   ? -11.677 2.951   10.628  1.00 46.71 ? 309 HOH A O   1 
HETATM 1098 O  O   . HOH D 4 .   ? -13.568 1.508   9.372   1.00 43.83 ? 310 HOH A O   1 
HETATM 1099 O  O   . HOH D 4 .   ? -14.896 -0.544  4.587   1.00 39.94 ? 311 HOH A O   1 
HETATM 1100 O  O   . HOH D 4 .   ? -15.069 2.336   6.672   1.00 34.19 ? 312 HOH A O   1 
HETATM 1101 O  O   . HOH D 4 .   ? 1.475   4.953   19.553  1.00 39.28 ? 313 HOH A O   1 
HETATM 1102 O  O   . HOH D 4 .   ? -5.663  2.949   17.511  1.00 45.66 ? 314 HOH A O   1 
HETATM 1103 O  O   . HOH D 4 .   ? -11.188 8.341   -2.207  1.00 44.61 ? 315 HOH A O   1 
HETATM 1104 O  O   . HOH D 4 .   ? -14.397 7.564   0.577   1.00 47.17 ? 316 HOH A O   1 
HETATM 1105 O  O   . HOH D 4 .   ? -15.875 5.296   -0.407  1.00 40.91 ? 317 HOH A O   1 
HETATM 1106 O  O   . HOH D 4 .   ? -18.419 5.205   0.601   1.00 41.50 ? 318 HOH A O   1 
HETATM 1107 O  O   . HOH D 4 .   ? -14.640 1.799   -9.489  1.00 29.66 ? 319 HOH A O   1 
HETATM 1108 O  O   . HOH D 4 .   ? -16.946 0.504   -9.729  1.00 37.97 ? 320 HOH A O   1 
HETATM 1109 O  O   . HOH D 4 .   ? -12.314 -1.488  -2.591  1.00 34.56 ? 321 HOH A O   1 
HETATM 1110 O  O   . HOH D 4 .   ? -12.720 -3.261  -0.381  1.00 30.28 ? 322 HOH A O   1 
HETATM 1111 O  O   . HOH D 4 .   ? -13.869 -5.218  -1.933  1.00 45.74 ? 323 HOH A O   1 
HETATM 1112 O  O   . HOH D 4 .   ? -14.226 -4.434  -4.950  1.00 51.23 ? 324 HOH A O   1 
HETATM 1113 O  O   . HOH D 4 .   ? -11.200 -3.757  -10.965 1.00 45.83 ? 325 HOH A O   1 
HETATM 1114 O  O   . HOH D 4 .   ? -14.636 -1.775  1.099   1.00 37.13 ? 326 HOH A O   1 
HETATM 1115 O  O   . HOH D 4 .   ? -16.808 7.895   -4.603  1.00 53.20 ? 327 HOH A O   1 
HETATM 1116 O  O   . HOH D 4 .   ? -9.590  9.658   -9.004  1.00 48.42 ? 328 HOH A O   1 
HETATM 1117 O  O   . HOH D 4 .   ? -12.512 -1.933  6.467   1.00 41.12 ? 329 HOH A O   1 
HETATM 1118 O  O   . HOH D 4 .   ? -10.110 -1.592  9.484   1.00 44.81 ? 330 HOH A O   1 
HETATM 1119 O  O   . HOH D 4 .   ? -11.587 -4.831  9.103   1.00 48.49 ? 331 HOH A O   1 
HETATM 1120 O  O   . HOH D 4 .   ? -11.953 -7.345  10.047  1.00 49.61 ? 332 HOH A O   1 
HETATM 1121 O  O   . HOH D 4 .   ? -10.754 -3.319  11.479  1.00 44.38 ? 333 HOH A O   1 
HETATM 1122 O  O   . HOH D 4 .   ? -9.869  -11.359 6.069   1.00 49.58 ? 334 HOH A O   1 
HETATM 1123 O  O   . HOH D 4 .   ? -10.269 -12.199 8.588   1.00 47.83 ? 335 HOH A O   1 
HETATM 1124 O  O   . HOH D 4 .   ? -12.368 -13.594 6.149   1.00 42.35 ? 336 HOH A O   1 
HETATM 1125 O  O   . HOH D 4 .   ? -8.207  -14.553 10.561  1.00 38.47 ? 337 HOH A O   1 
HETATM 1126 O  O   . HOH D 4 .   ? -6.783  -12.129 10.399  1.00 49.30 ? 338 HOH A O   1 
HETATM 1127 O  O   . HOH D 4 .   ? 8.709   0.932   1.345   1.00 36.42 ? 339 HOH A O   1 
HETATM 1128 O  O   . HOH D 4 .   ? 10.702  -1.316  1.712   1.00 41.02 ? 340 HOH A O   1 
HETATM 1129 O  O   . HOH D 4 .   ? 11.155  -1.867  -1.003  1.00 46.29 ? 341 HOH A O   1 
HETATM 1130 O  O   . HOH D 4 .   ? 9.299   0.277   -2.836  1.00 29.66 ? 342 HOH A O   1 
HETATM 1131 O  O   . HOH D 4 .   ? 10.044  2.724   -2.381  1.00 29.40 ? 343 HOH A O   1 
HETATM 1132 O  O   . HOH D 4 .   ? 13.182  -4.667  -6.271  1.00 49.08 ? 344 HOH A O   1 
HETATM 1133 O  O   . HOH D 4 .   ? 15.572  8.776   -10.804 1.00 43.70 ? 345 HOH A O   1 
HETATM 1134 O  O   . HOH D 4 .   ? 2.249   -10.219 17.966  1.00 45.65 ? 346 HOH A O   1 
HETATM 1135 O  O   . HOH D 4 .   ? 2.615   -11.869 15.709  1.00 31.99 ? 347 HOH A O   1 
HETATM 1136 O  O   . HOH D 4 .   ? -1.947  1.579   20.452  1.00 48.86 ? 348 HOH A O   1 
HETATM 1137 O  O   . HOH D 4 .   ? 0.711   1.900   20.153  1.00 53.54 ? 349 HOH A O   1 
HETATM 1138 O  O   . HOH D 4 .   ? -4.283  3.341   19.949  1.00 49.70 ? 350 HOH A O   1 
HETATM 1139 O  O   . HOH D 4 .   ? 5.296   -2.302  20.901  1.00 36.32 ? 351 HOH A O   1 
HETATM 1140 O  O   . HOH D 4 .   ? 8.555   -2.483  23.839  1.00 43.80 ? 352 HOH A O   1 
HETATM 1141 O  O   . HOH D 4 .   ? 11.836  -0.218  18.137  1.00 42.72 ? 353 HOH A O   1 
HETATM 1142 O  O   . HOH D 4 .   ? 16.769  -5.117  16.612  1.00 49.81 ? 354 HOH A O   1 
HETATM 1143 O  O   . HOH D 4 .   ? 14.312  -5.024  13.926  1.00 45.21 ? 355 HOH A O   1 
HETATM 1144 O  O   . HOH D 4 .   ? 15.673  -7.054  19.815  1.00 36.92 ? 356 HOH A O   1 
HETATM 1145 O  O   . HOH D 4 .   ? 4.245   -11.576 -0.610  1.00 31.91 ? 357 HOH A O   1 
HETATM 1146 O  O   . HOH D 4 .   ? 6.021   -11.199 -4.890  1.00 29.82 ? 358 HOH A O   1 
HETATM 1147 O  O   . HOH D 4 .   ? 3.176   -9.089  -3.989  1.00 34.83 ? 359 HOH A O   1 
HETATM 1148 O  O   . HOH D 4 .   ? 3.616   -11.171 2.101   1.00 36.97 ? 360 HOH A O   1 
HETATM 1149 O  O   . HOH D 4 .   ? -5.785  17.100  3.240   1.00 39.73 ? 361 HOH A O   1 
HETATM 1150 O  O   . HOH D 4 .   ? -4.323  11.662  2.149   1.00 29.16 ? 362 HOH A O   1 
HETATM 1151 O  O   . HOH D 4 .   ? 3.741   -8.793  -6.964  1.00 41.87 ? 363 HOH A O   1 
HETATM 1152 O  O   . HOH D 4 .   ? 2.099   -7.803  -8.915  1.00 45.79 ? 364 HOH A O   1 
HETATM 1153 O  O   . HOH D 4 .   ? 1.613   -9.881  -10.833 1.00 52.17 ? 365 HOH A O   1 
HETATM 1154 O  O   . HOH D 4 .   ? 0.469   -8.551  -12.883 1.00 41.13 ? 366 HOH A O   1 
HETATM 1155 O  O   . HOH D 4 .   ? -5.040  -8.165  -9.216  1.00 43.49 ? 367 HOH A O   1 
HETATM 1156 O  O   . HOH D 4 .   ? -7.160  -3.804  -12.567 1.00 46.69 ? 368 HOH A O   1 
HETATM 1157 O  O   . HOH D 4 .   ? -13.340 -2.398  -10.725 1.00 40.64 ? 369 HOH A O   1 
HETATM 1158 O  O   . HOH D 4 .   ? -7.283  -9.104  4.109   1.00 30.61 ? 370 HOH A O   1 
HETATM 1159 O  O   . HOH D 4 .   ? 14.182  -3.202  12.169  1.00 45.62 ? 371 HOH A O   1 
HETATM 1160 O  O   . HOH D 4 .   ? -3.166  -4.381  -15.771 1.00 42.79 ? 372 HOH A O   1 
HETATM 1161 O  O   . HOH D 4 .   ? -7.181  -2.430  -15.961 1.00 47.15 ? 373 HOH A O   1 
HETATM 1162 O  O   . HOH D 4 .   ? 6.169   -8.755  -12.417 1.00 46.83 ? 374 HOH A O   1 
HETATM 1163 O  O   . HOH D 4 .   ? 9.198   -8.513  -11.559 1.00 41.58 ? 375 HOH A O   1 
HETATM 1164 O  O   . HOH D 4 .   ? 11.802  -10.133 -13.281 1.00 46.93 ? 376 HOH A O   1 
HETATM 1165 O  O   . HOH D 4 .   ? 15.640  -2.111  0.023   1.00 50.56 ? 377 HOH A O   1 
HETATM 1166 O  O   . HOH D 4 .   ? 13.528  -0.135  -11.918 1.00 48.17 ? 378 HOH A O   1 
HETATM 1167 O  O   . HOH D 4 .   ? 14.032  -9.539  20.040  1.00 43.62 ? 379 HOH A O   1 
HETATM 1168 O  O   . HOH D 4 .   ? 3.437   -5.039  21.595  1.00 54.23 ? 380 HOH A O   1 
HETATM 1169 O  O   . HOH D 4 .   ? 15.312  -5.124  22.188  1.00 46.03 ? 381 HOH A O   1 
HETATM 1170 O  O   . HOH D 4 .   ? 10.006  3.879   -17.496 1.00 48.77 ? 382 HOH A O   1 
HETATM 1171 O  O   . HOH D 4 .   ? 7.813   3.875   -14.572 1.00 36.99 ? 383 HOH A O   1 
HETATM 1172 O  O   . HOH D 4 .   ? -14.944 4.045   -10.842 1.00 37.69 ? 384 HOH A O   1 
HETATM 1173 O  O   . HOH D 4 .   ? -3.330  -7.008  -11.743 1.00 42.04 ? 385 HOH A O   1 
HETATM 1174 O  O   . HOH D 4 .   ? -2.072  -10.204 -13.059 1.00 49.91 ? 386 HOH A O   1 
HETATM 1175 O  O   . HOH D 4 .   ? -10.894 -0.274  12.994  1.00 49.02 ? 387 HOH A O   1 
HETATM 1176 O  O   . HOH D 4 .   ? -12.270 2.559   13.132  1.00 54.25 ? 388 HOH A O   1 
HETATM 1177 O  O   . HOH D 4 .   ? -7.135  -6.086  19.054  1.00 50.63 ? 389 HOH A O   1 
HETATM 1178 O  O   . HOH D 4 .   ? -7.922  -3.006  17.878  1.00 41.46 ? 390 HOH A O   1 
HETATM 1179 O  O   . HOH D 4 .   ? 3.978   9.287   14.889  1.00 41.17 ? 391 HOH A O   1 
HETATM 1180 O  O   . HOH D 4 .   ? 13.307  -1.473  13.793  1.00 47.16 ? 392 HOH A O   1 
HETATM 1181 O  O   . HOH D 4 .   ? 12.457  1.035   10.729  1.00 46.83 ? 393 HOH A O   1 
HETATM 1182 O  O   . HOH D 4 .   ? 14.148  -3.246  4.663   1.00 43.96 ? 394 HOH A O   1 
HETATM 1183 O  O   . HOH D 4 .   ? -19.234 6.492   -5.284  1.00 43.10 ? 395 HOH A O   1 
HETATM 1184 O  O   . HOH D 4 .   ? -14.113 2.651   -15.214 1.00 46.68 ? 396 HOH A O   1 
HETATM 1185 O  O   . HOH D 4 .   ? -7.791  11.077  -7.465  1.00 38.65 ? 397 HOH A O   1 
HETATM 1186 O  O   . HOH D 4 .   ? -17.122 5.216   -2.762  1.00 42.87 ? 398 HOH A O   1 
HETATM 1187 O  O   . HOH D 4 .   ? -16.304 7.526   -10.263 1.00 51.74 ? 399 HOH A O   1 
HETATM 1188 O  O   . HOH D 4 .   ? -9.205  2.967   14.268  1.00 47.61 ? 400 HOH A O   1 
HETATM 1189 O  O   . HOH D 4 .   ? 5.124   -10.137 -9.916  1.00 48.80 ? 401 HOH A O   1 
HETATM 1190 O  O   . HOH D 4 .   ? 12.767  -7.803  -16.479 1.00 49.58 ? 402 HOH A O   1 
HETATM 1191 O  O   . HOH D 4 .   ? 3.598   -5.691  -15.590 1.00 46.65 ? 403 HOH A O   1 
HETATM 1192 O  O   . HOH D 4 .   ? -9.842  -8.948  -4.441  1.00 39.98 ? 404 HOH A O   1 
HETATM 1193 O  O   . HOH D 4 .   ? -9.529  -7.946  -7.648  1.00 48.13 ? 405 HOH A O   1 
HETATM 1194 O  O   . HOH D 4 .   ? 5.224   7.981   10.591  1.00 41.25 ? 406 HOH A O   1 
HETATM 1195 O  O   . HOH D 4 .   ? 0.101   -14.161 12.508  1.00 47.73 ? 407 HOH A O   1 
HETATM 1196 O  O   . HOH D 4 .   ? -2.141  -10.972 16.081  1.00 47.76 ? 408 HOH A O   1 
HETATM 1197 O  O   . HOH D 4 .   ? 2.598   -1.222  19.673  1.00 40.92 ? 409 HOH A O   1 
HETATM 1198 O  O   . HOH D 4 .   ? 7.268   -2.341  4.124   1.00 26.58 ? 410 HOH A O   1 
HETATM 1199 O  O   . HOH D 4 .   ? 15.654  -4.619  2.786   1.00 43.62 ? 411 HOH A O   1 
HETATM 1200 O  O   . HOH D 4 .   ? -5.067  -13.760 9.077   1.00 45.62 ? 412 HOH A O   1 
HETATM 1201 O  O   . HOH D 4 .   ? -13.294 -9.075  6.836   1.00 42.67 ? 413 HOH A O   1 
HETATM 1202 O  O   . HOH D 4 .   ? 14.075  -5.868  -4.150  1.00 48.13 ? 414 HOH A O   1 
HETATM 1203 O  O   . HOH D 4 .   ? 14.720  -2.576  -13.825 1.00 47.15 ? 415 HOH A O   1 
HETATM 1204 O  O   . HOH D 4 .   ? -8.388  9.788   -13.626 1.00 50.39 ? 416 HOH A O   1 
HETATM 1205 O  O   . HOH D 4 .   ? -11.846 1.438   -20.015 1.00 49.98 ? 417 HOH A O   1 
HETATM 1206 O  O   . HOH D 4 .   ? -10.082 -6.297  -11.349 1.00 48.42 ? 418 HOH A O   1 
HETATM 1207 O  O   . HOH D 4 .   ? 15.755  4.936   -12.171 1.00 50.57 ? 419 HOH A O   1 
HETATM 1208 O  O   . HOH D 4 .   ? -6.853  12.488  -2.074  1.00 47.83 ? 420 HOH A O   1 
HETATM 1209 O  O   . HOH D 4 .   ? -6.420  15.014  -2.388  1.00 50.36 ? 421 HOH A O   1 
HETATM 1210 O  O   . HOH D 4 .   ? 2.711   -13.891 10.723  1.00 32.12 ? 422 HOH A O   1 
HETATM 1211 O  O   . HOH D 4 .   ? 0.502   -15.372 7.934   1.00 45.06 ? 423 HOH A O   1 
HETATM 1212 O  O   . HOH D 4 .   ? -6.643  -8.099  -2.966  1.00 37.58 ? 424 HOH A O   1 
HETATM 1213 O  O   . HOH D 4 .   ? -11.059 10.573  12.276  1.00 49.89 ? 425 HOH A O   1 
HETATM 1214 O  O   . HOH D 4 .   ? 9.731   3.126   0.197   1.00 45.44 ? 426 HOH A O   1 
HETATM 1215 O  O   . HOH D 4 .   ? 10.364  6.405   -15.673 0.50 24.90 ? 427 HOH A O   1 
HETATM 1216 O  O   . HOH D 4 .   ? 3.547   6.635   8.916   1.00 47.76 ? 428 HOH A O   1 
HETATM 1217 O  O   . HOH D 4 .   ? 6.882   6.345   10.293  1.00 54.80 ? 429 HOH A O   1 
HETATM 1218 O  O   . HOH D 4 .   ? -11.298 7.739   -17.928 1.00 41.97 ? 430 HOH A O   1 
# 
